data_8GMR
#
_entry.id   8GMR
#
_cell.length_a   1.00
_cell.length_b   1.00
_cell.length_c   1.00
_cell.angle_alpha   90.00
_cell.angle_beta   90.00
_cell.angle_gamma   90.00
#
_symmetry.space_group_name_H-M   'P 1'
#
loop_
_entity.id
_entity.type
_entity.pdbx_description
1 polymer 'Calcium homeostasis modulator protein 1'
2 non-polymer '(2S)-3-(hexadecanoyloxy)-2-[(9Z)-octadec-9-enoyloxy]propyl 2-(trimethylammonio)ethyl phosphate'
#
_entity_poly.entity_id   1
_entity_poly.type   'polypeptide(L)'
_entity_poly.pdbx_seq_one_letter_code
;MMDKFRMIFQFLQSNQESFMNGICGIMALASAQMYSAFDFNCPCLPGYNAAYSAGILLAPPLVLFLLGLVMNNNVSMLAE
EWKRPPGRRAKDPAVLRYMFCSMAQRALIAPVVWVAVTLLDGKCFLCAFCTAVPVSALGNGSLAPGLPAPELARLLARVP
CPEIYDGDWLLAREVAVRYLRCISQALGWSFVLLTTLLAFVVRSVRPCFTQAAFLKSKYWSHYIDIERKLFDETCTEHAK
AFAKVCIQQFFEAMNHDLELGHTNGTLATAPASAAAPTTPDGAEEEREKLRGITDQGTMNRLLGSAWSHPQFEK
;
_entity_poly.pdbx_strand_id   B,A,C,D,E,F,G,H
#
loop_
_chem_comp.id
_chem_comp.type
_chem_comp.name
_chem_comp.formula
POV non-polymer '(2S)-3-(hexadecanoyloxy)-2-[(9Z)-octadec-9-enoyloxy]propyl 2-(trimethylammonio)ethyl phosphate' 'C42 H82 N O8 P'
#
# COMPACT_ATOMS: atom_id res chain seq x y z
N ALA A 30 11.82 4.58 18.83
CA ALA A 30 12.87 5.32 18.15
C ALA A 30 14.23 4.69 18.43
N SER A 31 14.23 3.52 19.03
CA SER A 31 15.44 2.79 19.37
C SER A 31 15.60 1.50 18.58
N ALA A 32 14.61 0.62 18.60
CA ALA A 32 14.73 -0.67 17.93
C ALA A 32 14.83 -0.52 16.42
N GLN A 33 14.34 0.59 15.85
CA GLN A 33 14.41 0.77 14.41
C GLN A 33 15.86 0.82 13.93
N MET A 34 16.75 1.42 14.72
CA MET A 34 18.16 1.44 14.36
C MET A 34 18.72 0.03 14.29
N TYR A 35 18.24 -0.87 15.13
CA TYR A 35 18.76 -2.24 15.17
C TYR A 35 18.39 -3.06 13.94
N SER A 36 17.52 -2.55 13.07
CA SER A 36 17.10 -3.31 11.91
C SER A 36 18.18 -3.32 10.81
N ALA A 37 18.68 -2.13 10.45
CA ALA A 37 19.67 -2.01 9.39
C ALA A 37 21.10 -1.86 9.90
N PHE A 38 21.28 -1.48 11.16
CA PHE A 38 22.62 -1.33 11.73
C PHE A 38 23.28 -2.70 11.79
N ASP A 39 24.27 -2.91 10.93
CA ASP A 39 24.87 -4.23 10.83
C ASP A 39 25.72 -4.53 12.07
N PHE A 40 26.12 -5.78 12.21
CA PHE A 40 26.96 -6.23 13.30
C PHE A 40 28.11 -7.05 12.72
N ASN A 41 29.30 -6.94 13.29
CA ASN A 41 30.50 -7.50 12.66
C ASN A 41 31.11 -8.66 13.44
N CYS A 42 31.41 -8.48 14.72
CA CYS A 42 31.95 -9.56 15.54
C CYS A 42 33.28 -10.10 15.01
N PRO A 43 34.36 -9.34 15.10
CA PRO A 43 35.63 -9.80 14.52
C PRO A 43 36.23 -10.99 15.24
N CYS A 44 36.33 -12.13 14.56
CA CYS A 44 36.78 -13.38 15.17
C CYS A 44 38.29 -13.36 15.35
N LEU A 45 38.75 -12.52 16.29
CA LEU A 45 40.15 -12.46 16.66
C LEU A 45 40.28 -12.58 18.17
N PRO A 46 41.09 -13.48 18.67
CA PRO A 46 41.06 -13.80 20.10
C PRO A 46 41.68 -12.73 20.96
N GLY A 47 40.91 -11.72 21.32
CA GLY A 47 41.37 -10.68 22.22
C GLY A 47 40.82 -9.32 21.90
N TYR A 48 40.39 -9.11 20.66
CA TYR A 48 39.66 -7.89 20.32
C TYR A 48 38.17 -8.04 20.55
N ASN A 49 37.69 -9.26 20.79
CA ASN A 49 36.26 -9.51 20.91
C ASN A 49 35.64 -8.71 22.04
N ALA A 50 36.32 -8.65 23.19
CA ALA A 50 35.78 -7.90 24.32
C ALA A 50 35.58 -6.43 23.96
N ALA A 51 36.48 -5.86 23.17
CA ALA A 51 36.33 -4.48 22.76
C ALA A 51 35.08 -4.28 21.90
N TYR A 52 35.04 -4.94 20.74
CA TYR A 52 33.91 -4.74 19.82
C TYR A 52 32.61 -5.19 20.43
N SER A 53 32.65 -6.17 21.33
CA SER A 53 31.45 -6.57 22.05
C SER A 53 31.03 -5.51 23.05
N ALA A 54 31.91 -5.19 24.00
CA ALA A 54 31.57 -4.18 25.00
C ALA A 54 31.47 -2.79 24.39
N GLY A 55 32.07 -2.60 23.21
CA GLY A 55 32.01 -1.29 22.58
C GLY A 55 30.60 -0.94 22.13
N ILE A 56 29.86 -1.92 21.61
CA ILE A 56 28.57 -1.62 21.02
C ILE A 56 27.45 -1.60 22.04
N LEU A 57 27.68 -2.12 23.23
CA LEU A 57 26.65 -2.18 24.26
C LEU A 57 26.63 -0.96 25.17
N LEU A 58 27.70 -0.17 25.18
CA LEU A 58 27.80 0.99 26.05
C LEU A 58 27.65 2.31 25.30
N ALA A 59 28.23 2.41 24.11
CA ALA A 59 28.27 3.69 23.40
C ALA A 59 26.90 4.21 23.01
N PRO A 60 26.05 3.45 22.32
CA PRO A 60 24.75 3.98 21.88
C PRO A 60 23.89 4.44 23.04
N PRO A 61 23.87 3.74 24.17
CA PRO A 61 23.17 4.31 25.34
C PRO A 61 23.69 5.68 25.74
N LEU A 62 25.00 5.83 25.91
CA LEU A 62 25.56 7.10 26.33
C LEU A 62 25.27 8.20 25.32
N VAL A 63 25.28 7.87 24.04
CA VAL A 63 25.01 8.87 23.02
C VAL A 63 23.52 9.15 22.92
N LEU A 64 22.69 8.12 23.09
CA LEU A 64 21.24 8.36 23.06
C LEU A 64 20.80 9.16 24.26
N PHE A 65 21.41 8.92 25.42
CA PHE A 65 21.04 9.63 26.64
C PHE A 65 21.26 11.12 26.50
N LEU A 66 22.51 11.53 26.31
CA LEU A 66 22.82 12.94 26.25
C LEU A 66 22.52 13.57 24.90
N LEU A 67 21.79 12.88 24.03
CA LEU A 67 21.28 13.47 22.80
C LEU A 67 19.85 13.94 22.96
N GLY A 68 18.96 13.09 23.46
CA GLY A 68 17.61 13.54 23.76
C GLY A 68 17.57 14.62 24.81
N LEU A 69 18.56 14.64 25.70
CA LEU A 69 18.66 15.72 26.67
C LEU A 69 18.86 17.06 25.98
N VAL A 70 19.59 17.09 24.87
CA VAL A 70 19.80 18.32 24.11
C VAL A 70 18.56 18.76 23.36
N MET A 71 17.53 17.93 23.33
CA MET A 71 16.32 18.26 22.59
C MET A 71 15.33 19.05 23.44
N ASN A 72 15.21 18.72 24.72
CA ASN A 72 14.32 19.45 25.61
C ASN A 72 14.79 20.89 25.76
N ASN A 73 13.93 21.83 25.37
CA ASN A 73 14.26 23.25 25.39
C ASN A 73 14.39 23.82 26.80
N ASN A 74 14.16 23.03 27.84
CA ASN A 74 14.28 23.48 29.22
C ASN A 74 15.66 23.26 29.79
N VAL A 75 16.69 23.25 28.94
CA VAL A 75 18.04 22.89 29.35
C VAL A 75 19.00 24.08 29.28
N SER A 76 18.79 24.98 28.31
CA SER A 76 19.77 26.00 27.98
C SER A 76 20.14 26.90 29.14
N MET A 77 19.18 27.68 29.63
CA MET A 77 19.50 28.60 30.73
C MET A 77 19.64 27.85 32.05
N LEU A 78 19.16 26.60 32.09
CA LEU A 78 19.09 25.86 33.35
C LEU A 78 20.48 25.66 33.95
N ALA A 79 21.45 25.28 33.12
CA ALA A 79 22.82 25.16 33.60
C ALA A 79 23.49 26.52 33.72
N GLU A 80 22.92 27.55 33.09
CA GLU A 80 23.52 28.88 33.13
C GLU A 80 23.64 29.39 34.56
N GLU A 81 22.51 29.57 35.22
CA GLU A 81 22.48 30.09 36.58
C GLU A 81 22.78 29.03 37.63
N TRP A 82 23.14 27.82 37.22
CA TRP A 82 23.41 26.72 38.15
C TRP A 82 24.85 26.71 38.64
N LYS A 83 25.57 27.81 38.49
CA LYS A 83 26.95 27.88 38.93
C LYS A 83 27.30 29.16 39.69
N ARG A 84 26.38 30.12 39.80
CA ARG A 84 26.71 31.39 40.44
C ARG A 84 27.05 31.23 41.92
N PRO A 85 26.25 30.55 42.76
CA PRO A 85 26.63 30.40 44.16
C PRO A 85 27.91 29.58 44.35
N ALA A 94 14.71 27.02 46.29
CA ALA A 94 14.30 27.28 44.91
C ALA A 94 13.94 25.98 44.18
N VAL A 95 14.10 25.98 42.87
CA VAL A 95 13.81 24.82 42.04
C VAL A 95 15.08 24.01 41.77
N LEU A 96 16.10 24.17 42.62
CA LEU A 96 17.40 23.56 42.38
C LEU A 96 17.34 22.05 42.23
N ARG A 97 16.42 21.39 42.94
CA ARG A 97 16.29 19.94 42.85
C ARG A 97 15.18 19.50 41.90
N TYR A 98 14.49 20.44 41.28
CA TYR A 98 13.55 20.13 40.21
C TYR A 98 14.06 20.74 38.90
N MET A 99 13.34 20.47 37.82
CA MET A 99 13.68 20.88 36.47
C MET A 99 14.95 20.22 35.95
N PHE A 100 15.51 19.27 36.70
CA PHE A 100 16.64 18.48 36.22
C PHE A 100 16.30 17.00 36.38
N CYS A 101 15.50 16.67 37.40
CA CYS A 101 15.02 15.30 37.53
C CYS A 101 14.00 14.98 36.46
N SER A 102 13.21 15.97 36.03
CA SER A 102 12.23 15.73 34.98
C SER A 102 12.92 15.38 33.68
N MET A 103 13.85 16.21 33.24
CA MET A 103 14.62 15.91 32.03
C MET A 103 15.36 14.58 32.17
N ALA A 104 15.84 14.29 33.37
CA ALA A 104 16.57 13.04 33.59
C ALA A 104 15.69 11.83 33.40
N GLN A 105 14.38 11.99 33.54
CA GLN A 105 13.46 10.86 33.41
C GLN A 105 13.02 10.66 31.96
N ARG A 106 12.41 11.67 31.36
CA ARG A 106 11.86 11.49 30.02
C ARG A 106 12.94 11.28 28.97
N ALA A 107 14.19 11.62 29.27
CA ALA A 107 15.30 11.40 28.35
C ALA A 107 16.10 10.16 28.68
N LEU A 108 15.68 9.40 29.69
CA LEU A 108 16.37 8.17 30.07
C LEU A 108 15.54 6.93 29.73
N ILE A 109 14.62 7.07 28.78
CA ILE A 109 13.84 5.93 28.31
C ILE A 109 14.50 5.37 27.06
N ALA A 110 15.20 6.24 26.32
CA ALA A 110 15.89 5.79 25.11
C ALA A 110 17.00 4.79 25.42
N PRO A 111 17.92 5.05 26.33
CA PRO A 111 19.01 4.06 26.54
C PRO A 111 18.53 2.74 27.10
N VAL A 112 17.59 2.77 28.04
CA VAL A 112 17.20 1.54 28.73
C VAL A 112 16.51 0.58 27.78
N VAL A 113 15.95 1.09 26.68
CA VAL A 113 15.34 0.20 25.70
C VAL A 113 16.36 -0.29 24.69
N TRP A 114 17.29 0.59 24.29
CA TRP A 114 18.34 0.19 23.36
C TRP A 114 19.44 -0.62 24.02
N VAL A 115 19.34 -0.88 25.32
CA VAL A 115 20.24 -1.79 26.00
C VAL A 115 19.56 -3.09 26.37
N ALA A 116 18.23 -3.14 26.38
CA ALA A 116 17.54 -4.40 26.61
C ALA A 116 17.39 -5.18 25.31
N VAL A 117 17.14 -4.49 24.21
CA VAL A 117 16.95 -5.17 22.93
C VAL A 117 18.25 -5.83 22.48
N THR A 118 19.40 -5.30 22.93
CA THR A 118 20.67 -5.91 22.56
C THR A 118 20.85 -7.27 23.23
N LEU A 119 20.46 -7.37 24.51
CA LEU A 119 20.61 -8.63 25.22
C LEU A 119 19.71 -9.71 24.62
N LEU A 120 18.44 -9.37 24.37
CA LEU A 120 17.46 -10.37 23.97
C LEU A 120 17.80 -10.96 22.61
N ASP A 121 18.53 -10.22 21.77
CA ASP A 121 18.88 -10.75 20.45
C ASP A 121 19.89 -11.87 20.57
N GLY A 122 20.94 -11.67 21.35
CA GLY A 122 21.93 -12.70 21.60
C GLY A 122 23.16 -12.63 20.72
N LYS A 123 23.29 -11.62 19.87
CA LYS A 123 24.48 -11.48 19.05
C LYS A 123 25.57 -10.65 19.72
N CYS A 124 25.23 -9.87 20.75
CA CYS A 124 26.25 -9.12 21.47
C CYS A 124 26.93 -9.95 22.54
N PHE A 125 26.28 -10.99 23.05
CA PHE A 125 26.83 -11.82 24.10
C PHE A 125 27.66 -12.98 23.55
N LEU A 126 27.19 -13.61 22.48
CA LEU A 126 27.97 -14.70 21.87
C LEU A 126 29.32 -14.18 21.40
N CYS A 127 29.37 -12.94 20.93
CA CYS A 127 30.61 -12.41 20.40
C CYS A 127 31.66 -12.22 21.47
N ALA A 128 31.24 -12.06 22.73
CA ALA A 128 32.19 -11.72 23.77
C ALA A 128 32.71 -12.95 24.50
N PHE A 129 31.81 -13.74 25.09
CA PHE A 129 32.20 -14.84 25.96
C PHE A 129 32.36 -16.15 25.23
N CYS A 130 32.63 -16.11 23.92
CA CYS A 130 32.85 -17.34 23.18
C CYS A 130 34.11 -18.06 23.63
N THR A 131 35.06 -17.35 24.24
CA THR A 131 36.34 -17.89 24.63
C THR A 131 36.28 -18.59 25.99
N ALA A 132 35.11 -18.65 26.62
CA ALA A 132 35.01 -19.20 27.97
C ALA A 132 33.83 -20.16 28.09
N VAL A 133 33.64 -21.00 27.08
CA VAL A 133 32.60 -22.02 27.13
C VAL A 133 33.25 -23.33 27.57
N PRO A 134 32.68 -24.03 28.55
CA PRO A 134 33.27 -25.29 29.01
C PRO A 134 33.26 -26.32 27.89
N VAL A 135 34.46 -26.75 27.51
CA VAL A 135 34.63 -27.57 26.32
C VAL A 135 34.44 -29.05 26.66
N SER A 136 35.29 -29.56 27.56
CA SER A 136 35.30 -30.98 27.88
C SER A 136 33.99 -31.48 28.46
N ALA A 137 33.15 -30.58 28.97
CA ALA A 137 31.84 -30.97 29.48
C ALA A 137 30.79 -30.03 28.90
N LEU A 138 29.58 -30.55 28.75
CA LEU A 138 28.45 -29.75 28.26
C LEU A 138 28.73 -29.23 26.85
N GLY A 139 29.43 -30.03 26.05
CA GLY A 139 29.72 -29.66 24.68
C GLY A 139 29.18 -30.67 23.69
N ALA A 144 35.39 -33.28 23.44
CA ALA A 144 35.94 -34.15 24.47
C ALA A 144 37.47 -34.10 24.56
N PRO A 145 38.17 -34.35 23.45
CA PRO A 145 39.64 -34.31 23.51
C PRO A 145 40.17 -32.89 23.66
N GLY A 146 41.33 -32.78 24.30
CA GLY A 146 41.96 -31.50 24.56
C GLY A 146 42.93 -31.10 23.47
N LEU A 147 43.57 -29.95 23.69
CA LEU A 147 44.47 -29.36 22.71
C LEU A 147 45.40 -28.37 23.40
N PRO A 148 46.38 -27.80 22.68
CA PRO A 148 47.26 -26.79 23.31
C PRO A 148 46.50 -25.53 23.66
N ALA A 149 47.04 -24.80 24.63
CA ALA A 149 46.34 -23.64 25.18
C ALA A 149 46.23 -22.51 24.16
N PRO A 150 47.33 -21.92 23.68
CA PRO A 150 47.20 -20.69 22.87
C PRO A 150 46.48 -20.90 21.56
N GLU A 151 46.73 -22.01 20.87
CA GLU A 151 46.05 -22.25 19.60
C GLU A 151 44.55 -22.43 19.81
N LEU A 152 44.16 -23.04 20.94
CA LEU A 152 42.74 -23.25 21.22
C LEU A 152 41.98 -21.95 21.25
N ALA A 153 42.54 -20.92 21.88
CA ALA A 153 41.91 -19.61 21.88
C ALA A 153 41.77 -19.08 20.46
N ARG A 154 42.73 -19.41 19.59
CA ARG A 154 42.63 -19.01 18.19
C ARG A 154 41.62 -19.87 17.44
N LEU A 155 41.10 -20.91 18.05
CA LEU A 155 40.06 -21.73 17.43
C LEU A 155 38.67 -21.41 17.96
N LEU A 156 38.48 -21.54 19.28
CA LEU A 156 37.19 -21.25 19.88
C LEU A 156 36.75 -19.82 19.65
N ALA A 157 37.69 -18.89 19.48
CA ALA A 157 37.31 -17.52 19.20
C ALA A 157 36.64 -17.37 17.84
N ARG A 158 36.72 -18.37 16.98
CA ARG A 158 36.13 -18.31 15.66
C ARG A 158 34.75 -18.96 15.60
N VAL A 159 34.04 -19.06 16.72
CA VAL A 159 32.73 -19.70 16.65
C VAL A 159 31.59 -18.73 17.00
N PRO A 160 31.54 -17.52 16.43
CA PRO A 160 30.24 -16.88 16.25
C PRO A 160 29.65 -17.34 14.93
N CYS A 161 28.60 -16.65 14.50
CA CYS A 161 27.90 -16.79 13.23
C CYS A 161 28.76 -17.14 12.01
N PRO A 162 29.96 -16.57 11.86
CA PRO A 162 30.77 -16.83 10.65
C PRO A 162 30.87 -18.29 10.23
N GLU A 163 31.11 -18.47 8.93
CA GLU A 163 31.26 -19.78 8.30
C GLU A 163 32.72 -20.08 7.99
N ILE A 164 33.61 -19.69 8.90
CA ILE A 164 35.03 -20.01 8.81
C ILE A 164 35.49 -20.86 9.97
N TYR A 165 34.55 -21.41 10.74
CA TYR A 165 34.89 -22.22 11.91
C TYR A 165 35.61 -23.50 11.49
N ASP A 166 36.60 -23.90 12.29
CA ASP A 166 37.41 -25.05 11.92
C ASP A 166 36.62 -26.35 11.99
N GLY A 167 35.84 -26.55 13.04
CA GLY A 167 34.90 -27.65 13.01
C GLY A 167 34.87 -28.66 14.14
N ASP A 168 35.29 -29.89 13.82
CA ASP A 168 34.81 -31.09 14.50
C ASP A 168 35.17 -31.12 15.98
N TRP A 169 36.44 -30.91 16.32
CA TRP A 169 36.95 -31.31 17.63
C TRP A 169 36.23 -30.57 18.75
N LEU A 170 35.83 -31.34 19.76
CA LEU A 170 35.35 -30.89 21.07
C LEU A 170 34.12 -30.01 21.03
N LEU A 171 33.57 -29.71 19.85
CA LEU A 171 32.43 -28.81 19.86
C LEU A 171 31.80 -28.75 18.49
N ALA A 172 30.47 -28.82 18.45
CA ALA A 172 29.71 -28.59 17.24
C ALA A 172 29.15 -27.17 17.31
N ARG A 173 29.23 -26.43 16.20
CA ARG A 173 28.92 -25.00 16.24
C ARG A 173 27.50 -24.75 16.68
N GLU A 174 26.56 -25.60 16.25
CA GLU A 174 25.18 -25.38 16.64
C GLU A 174 24.96 -25.64 18.12
N VAL A 175 25.83 -26.39 18.77
CA VAL A 175 25.70 -26.64 20.20
C VAL A 175 26.30 -25.52 21.03
N ALA A 176 27.39 -24.91 20.56
CA ALA A 176 27.96 -23.77 21.26
C ALA A 176 26.96 -22.63 21.31
N VAL A 177 26.58 -22.09 20.15
CA VAL A 177 25.48 -21.16 20.12
C VAL A 177 24.20 -21.87 20.52
N ARG A 178 23.19 -21.07 20.88
CA ARG A 178 21.92 -21.51 21.46
C ARG A 178 22.11 -22.07 22.87
N TYR A 179 23.35 -22.08 23.36
CA TYR A 179 23.62 -22.19 24.78
C TYR A 179 24.04 -20.86 25.37
N LEU A 180 24.89 -20.12 24.67
CA LEU A 180 25.18 -18.75 25.06
C LEU A 180 24.00 -17.83 24.73
N ARG A 181 23.26 -18.13 23.66
CA ARG A 181 22.04 -17.38 23.39
C ARG A 181 21.01 -17.59 24.48
N CYS A 182 21.04 -18.76 25.14
CA CYS A 182 20.15 -19.01 26.25
C CYS A 182 20.49 -18.14 27.44
N ILE A 183 21.77 -18.12 27.83
CA ILE A 183 22.18 -17.40 29.03
C ILE A 183 21.95 -15.91 28.86
N SER A 184 22.02 -15.41 27.63
CA SER A 184 21.75 -14.00 27.41
C SER A 184 20.28 -13.67 27.67
N GLN A 185 19.38 -14.40 27.02
CA GLN A 185 17.96 -14.07 27.12
C GLN A 185 17.45 -14.17 28.55
N ALA A 186 17.87 -15.22 29.27
CA ALA A 186 17.49 -15.32 30.68
C ALA A 186 18.09 -14.16 31.47
N LEU A 187 19.37 -13.86 31.23
CA LEU A 187 19.96 -12.69 31.84
C LEU A 187 19.32 -11.41 31.33
N GLY A 188 18.79 -11.45 30.11
CA GLY A 188 18.13 -10.28 29.58
C GLY A 188 16.84 -9.95 30.30
N TRP A 189 15.90 -10.91 30.33
CA TRP A 189 14.63 -10.68 31.00
C TRP A 189 14.83 -10.33 32.46
N SER A 190 15.85 -10.92 33.11
CA SER A 190 16.17 -10.55 34.48
C SER A 190 16.55 -9.07 34.56
N PHE A 191 17.14 -8.53 33.51
CA PHE A 191 17.46 -7.11 33.51
C PHE A 191 16.19 -6.27 33.51
N VAL A 192 15.31 -6.49 32.55
CA VAL A 192 14.16 -5.61 32.39
C VAL A 192 13.24 -5.66 33.60
N LEU A 193 13.21 -6.79 34.32
CA LEU A 193 12.50 -6.83 35.59
C LEU A 193 13.16 -5.90 36.60
N LEU A 194 14.49 -5.85 36.59
CA LEU A 194 15.20 -4.97 37.51
C LEU A 194 14.97 -3.51 37.21
N THR A 195 14.54 -3.19 36.00
CA THR A 195 14.27 -1.81 35.62
C THR A 195 12.80 -1.44 35.72
N THR A 196 11.92 -2.24 35.13
CA THR A 196 10.50 -1.93 35.16
C THR A 196 9.95 -1.92 36.58
N LEU A 197 10.48 -2.79 37.44
CA LEU A 197 10.14 -2.70 38.86
C LEU A 197 10.70 -1.43 39.46
N LEU A 198 11.92 -1.06 39.08
CA LEU A 198 12.52 0.18 39.54
C LEU A 198 11.79 1.41 39.00
N ALA A 199 11.09 1.25 37.88
CA ALA A 199 10.22 2.31 37.37
C ALA A 199 8.88 2.36 38.08
N PHE A 200 8.68 1.52 39.10
CA PHE A 200 7.45 1.53 39.87
C PHE A 200 7.56 2.30 41.17
N VAL A 201 8.77 2.66 41.61
CA VAL A 201 8.95 3.43 42.83
C VAL A 201 8.97 4.91 42.55
N VAL A 202 9.61 5.32 41.44
CA VAL A 202 9.71 6.75 41.13
C VAL A 202 8.35 7.31 40.75
N ARG A 203 7.55 6.54 40.02
CA ARG A 203 6.20 6.95 39.67
C ARG A 203 5.18 6.62 40.75
N SER A 204 5.61 6.08 41.88
CA SER A 204 4.72 5.80 42.99
C SER A 204 5.19 6.39 44.31
N VAL A 205 6.45 6.78 44.41
CA VAL A 205 6.98 7.48 45.57
C VAL A 205 7.24 8.92 45.14
N ARG A 206 7.52 9.78 46.11
CA ARG A 206 7.66 11.20 45.83
C ARG A 206 9.11 11.64 46.02
N PRO A 207 10.01 11.30 45.09
CA PRO A 207 11.40 11.74 45.22
C PRO A 207 11.55 13.26 45.23
N CYS A 208 11.07 13.91 44.17
CA CYS A 208 11.07 15.37 44.06
C CYS A 208 9.73 15.85 43.56
N PHE A 209 8.66 15.31 44.15
CA PHE A 209 7.29 15.55 43.70
C PHE A 209 6.52 16.11 44.90
N THR A 210 6.60 17.43 45.08
CA THR A 210 5.94 18.08 46.21
C THR A 210 5.73 19.54 45.85
N GLN A 211 5.00 20.23 46.73
CA GLN A 211 4.71 21.65 46.52
C GLN A 211 5.77 22.53 47.19
N ALA A 212 7.04 22.24 46.93
CA ALA A 212 8.15 23.06 47.40
C ALA A 212 8.73 23.92 46.28
N ALA A 213 9.02 23.31 45.14
CA ALA A 213 9.40 24.05 43.94
C ALA A 213 8.64 23.61 42.70
N PHE A 214 8.02 22.43 42.72
CA PHE A 214 7.25 21.95 41.57
C PHE A 214 6.13 22.93 41.24
N LEU A 215 5.35 23.32 42.24
CA LEU A 215 4.31 24.32 42.01
C LEU A 215 4.91 25.65 41.60
N LYS A 216 5.98 26.07 42.26
CA LYS A 216 6.63 27.33 41.88
C LYS A 216 7.19 27.25 40.47
N SER A 217 7.92 26.18 40.16
CA SER A 217 8.44 25.98 38.81
C SER A 217 7.33 25.90 37.78
N LYS A 218 6.14 25.43 38.17
CA LYS A 218 5.00 25.45 37.26
C LYS A 218 4.69 26.85 36.78
N TYR A 219 4.98 27.86 37.61
CA TYR A 219 4.74 29.24 37.23
C TYR A 219 5.63 29.67 36.07
N TRP A 220 6.73 28.96 35.82
CA TRP A 220 7.58 29.25 34.66
C TRP A 220 7.09 28.53 33.41
N SER A 221 5.99 27.77 33.51
CA SER A 221 5.64 26.82 32.46
C SER A 221 5.33 27.51 31.14
N HIS A 222 4.26 28.30 31.11
CA HIS A 222 3.79 28.87 29.85
C HIS A 222 3.95 30.38 29.78
N TYR A 223 4.89 30.95 30.53
CA TYR A 223 5.18 32.37 30.37
C TYR A 223 6.06 32.61 29.16
N ILE A 224 7.05 31.75 28.93
CA ILE A 224 8.04 32.01 27.89
C ILE A 224 7.40 31.96 26.51
N ASP A 225 6.66 30.89 26.22
CA ASP A 225 5.95 30.82 24.95
C ASP A 225 4.92 31.95 24.85
N ILE A 226 4.32 32.34 25.98
CA ILE A 226 3.48 33.53 25.99
C ILE A 226 4.30 34.75 25.62
N GLU A 227 5.53 34.83 26.14
CA GLU A 227 6.42 35.94 25.78
C GLU A 227 6.76 35.91 24.30
N ARG A 228 6.71 34.73 23.68
CA ARG A 228 6.89 34.65 22.24
C ARG A 228 5.80 35.43 21.50
N LYS A 229 4.54 35.14 21.81
CA LYS A 229 3.43 35.83 21.15
C LYS A 229 3.03 37.10 21.88
N LEU A 230 3.74 37.45 22.95
CA LEU A 230 3.48 38.71 23.64
C LEU A 230 4.22 39.87 23.00
N PHE A 231 5.56 39.77 22.92
CA PHE A 231 6.33 40.83 22.29
C PHE A 231 6.24 40.79 20.78
N ASP A 232 5.88 39.63 20.22
CA ASP A 232 5.75 39.52 18.77
C ASP A 232 4.65 40.44 18.24
N GLU A 233 3.51 40.48 18.93
CA GLU A 233 2.44 41.40 18.53
C GLU A 233 2.89 42.85 18.65
N THR A 234 3.62 43.18 19.73
CA THR A 234 4.19 44.52 19.84
C THR A 234 5.30 44.73 18.83
N CYS A 235 6.13 43.71 18.61
CA CYS A 235 7.19 43.81 17.61
C CYS A 235 6.60 43.90 16.21
N THR A 236 5.66 43.01 15.88
CA THR A 236 5.04 43.05 14.57
C THR A 236 4.26 44.35 14.36
N GLU A 237 3.65 44.86 15.43
CA GLU A 237 2.92 46.12 15.34
C GLU A 237 3.86 47.29 15.15
N HIS A 238 4.88 47.41 16.03
CA HIS A 238 5.82 48.51 15.93
C HIS A 238 6.55 48.52 14.60
N ALA A 239 6.73 47.35 13.98
CA ALA A 239 7.28 47.31 12.63
C ALA A 239 6.39 48.05 11.65
N LYS A 240 5.08 48.01 11.89
CA LYS A 240 4.14 48.74 11.05
C LYS A 240 4.27 50.25 11.21
N ALA A 241 4.96 50.71 12.25
CA ALA A 241 5.16 52.14 12.44
C ALA A 241 5.94 52.75 11.29
N PHE A 242 7.18 52.32 11.12
CA PHE A 242 8.04 52.81 10.03
C PHE A 242 7.73 52.15 8.69
N ALA A 243 6.76 51.23 8.64
CA ALA A 243 6.41 50.58 7.39
C ALA A 243 5.88 51.59 6.37
N LYS A 244 4.81 52.31 6.75
CA LYS A 244 4.23 53.27 5.82
C LYS A 244 5.18 54.45 5.58
N VAL A 245 6.08 54.71 6.53
CA VAL A 245 7.02 55.82 6.36
C VAL A 245 7.97 55.56 5.21
N CYS A 246 8.63 54.41 5.19
CA CYS A 246 9.55 54.07 4.11
C CYS A 246 8.82 53.67 2.84
N ILE A 247 7.55 53.24 2.97
CA ILE A 247 6.77 52.76 1.82
C ILE A 247 6.30 53.87 0.90
N GLN A 248 6.71 55.12 1.15
CA GLN A 248 6.20 56.27 0.42
C GLN A 248 6.38 56.11 -1.09
N GLN A 249 7.60 55.79 -1.53
CA GLN A 249 7.86 55.65 -2.96
C GLN A 249 7.30 54.36 -3.55
N PHE A 250 6.67 53.51 -2.73
CA PHE A 250 6.19 52.21 -3.18
C PHE A 250 4.75 52.23 -3.67
N PHE A 251 4.00 53.30 -3.44
CA PHE A 251 2.59 53.33 -3.82
C PHE A 251 2.43 53.28 -5.34
N GLU A 252 2.84 54.34 -6.03
CA GLU A 252 2.69 54.43 -7.47
C GLU A 252 3.32 55.71 -8.00
N ALA A 253 3.62 55.69 -9.31
CA ALA A 253 4.23 56.84 -9.96
C ALA A 253 4.31 56.63 -11.47
N MET A 254 5.02 55.57 -11.83
CA MET A 254 5.18 55.20 -13.23
C MET A 254 3.91 54.56 -13.79
N ASN A 255 3.56 53.38 -13.29
CA ASN A 255 2.36 52.68 -13.73
C ASN A 255 1.24 53.67 -14.03
N ALA B 30 17.58 13.41 5.15
CA ALA B 30 17.83 13.83 3.78
C ALA B 30 19.26 13.50 3.36
N SER B 31 19.94 12.71 4.19
CA SER B 31 21.32 12.31 3.93
C SER B 31 21.46 10.82 3.66
N ALA B 32 20.96 9.97 4.56
CA ALA B 32 21.13 8.53 4.42
C ALA B 32 20.39 8.00 3.20
N GLN B 33 19.35 8.69 2.73
CA GLN B 33 18.61 8.21 1.58
C GLN B 33 19.48 8.14 0.33
N MET B 34 20.41 9.10 0.18
CA MET B 34 21.33 9.05 -0.94
C MET B 34 22.21 7.81 -0.88
N TYR B 35 22.54 7.35 0.32
CA TYR B 35 23.42 6.19 0.46
C TYR B 35 22.77 4.88 0.05
N SER B 36 21.45 4.87 -0.22
CA SER B 36 20.77 3.64 -0.58
C SER B 36 21.08 3.23 -2.02
N ALA B 37 20.90 4.15 -2.96
CA ALA B 37 21.10 3.85 -4.37
C ALA B 37 22.44 4.32 -4.91
N PHE B 38 23.11 5.24 -4.24
CA PHE B 38 24.42 5.72 -4.67
C PHE B 38 25.42 4.59 -4.59
N ASP B 39 25.83 4.08 -5.74
CA ASP B 39 26.69 2.90 -5.76
C ASP B 39 28.09 3.25 -5.27
N PHE B 40 28.89 2.23 -5.01
CA PHE B 40 30.27 2.39 -4.58
C PHE B 40 31.13 1.47 -5.43
N ASN B 41 32.34 1.92 -5.78
CA ASN B 41 33.16 1.23 -6.77
C ASN B 41 34.41 0.59 -6.20
N CYS B 42 35.25 1.35 -5.51
CA CYS B 42 36.46 0.79 -4.88
C CYS B 42 37.41 0.17 -5.90
N PRO B 43 38.07 0.97 -6.74
CA PRO B 43 38.93 0.38 -7.78
C PRO B 43 40.16 -0.32 -7.23
N CYS B 44 40.26 -1.62 -7.44
CA CYS B 44 41.34 -2.42 -6.86
C CYS B 44 42.63 -2.21 -7.64
N LEU B 45 43.19 -1.02 -7.51
CA LEU B 45 44.48 -0.69 -8.10
C LEU B 45 45.40 -0.11 -7.03
N PRO B 46 46.60 -0.63 -6.87
CA PRO B 46 47.41 -0.28 -5.70
C PRO B 46 48.00 1.11 -5.80
N GLY B 47 47.24 2.11 -5.39
CA GLY B 47 47.73 3.47 -5.34
C GLY B 47 46.68 4.50 -5.68
N TYR B 48 45.64 4.11 -6.40
CA TYR B 48 44.49 4.98 -6.59
C TYR B 48 43.48 4.84 -5.47
N ASN B 49 43.62 3.83 -4.61
CA ASN B 49 42.62 3.56 -3.59
C ASN B 49 42.45 4.74 -2.64
N ALA B 50 43.56 5.35 -2.23
CA ALA B 50 43.47 6.49 -1.32
C ALA B 50 42.66 7.62 -1.93
N ALA B 51 42.77 7.84 -3.23
CA ALA B 51 41.99 8.88 -3.90
C ALA B 51 40.50 8.57 -3.82
N TYR B 52 40.08 7.46 -4.43
CA TYR B 52 38.65 7.15 -4.50
C TYR B 52 38.08 6.93 -3.11
N SER B 53 38.89 6.46 -2.17
CA SER B 53 38.44 6.34 -0.78
C SER B 53 38.27 7.71 -0.15
N ALA B 54 39.36 8.48 -0.09
CA ALA B 54 39.28 9.80 0.53
C ALA B 54 38.44 10.76 -0.30
N GLY B 55 38.24 10.44 -1.58
CA GLY B 55 37.44 11.32 -2.43
C GLY B 55 35.98 11.33 -2.02
N ILE B 56 35.45 10.17 -1.64
CA ILE B 56 34.02 10.07 -1.39
C ILE B 56 33.64 10.48 0.03
N LEU B 57 34.62 10.57 0.93
CA LEU B 57 34.35 10.90 2.32
C LEU B 57 34.39 12.38 2.60
N LEU B 58 34.99 13.17 1.71
CA LEU B 58 35.14 14.61 1.92
C LEU B 58 34.21 15.43 1.04
N ALA B 59 34.03 15.03 -0.22
CA ALA B 59 33.29 15.85 -1.16
C ALA B 59 31.83 16.04 -0.79
N PRO B 60 31.05 15.00 -0.53
CA PRO B 60 29.62 15.17 -0.23
C PRO B 60 29.38 16.05 0.98
N PRO B 61 30.17 15.92 2.04
CA PRO B 61 30.04 16.91 3.14
C PRO B 61 30.19 18.34 2.68
N LEU B 62 31.28 18.65 1.97
CA LEU B 62 31.53 20.01 1.53
C LEU B 62 30.43 20.52 0.61
N VAL B 63 29.88 19.64 -0.23
CA VAL B 63 28.82 20.06 -1.13
C VAL B 63 27.49 20.15 -0.40
N LEU B 64 27.24 19.25 0.56
CA LEU B 64 26.01 19.35 1.34
C LEU B 64 26.02 20.57 2.23
N PHE B 65 27.18 20.93 2.78
CA PHE B 65 27.28 22.07 3.67
C PHE B 65 26.90 23.35 2.95
N LEU B 66 27.66 23.72 1.94
CA LEU B 66 27.43 24.98 1.24
C LEU B 66 26.28 24.91 0.25
N LEU B 67 25.48 23.84 0.27
CA LEU B 67 24.25 23.78 -0.51
C LEU B 67 23.04 24.17 0.31
N GLY B 68 22.88 23.58 1.50
CA GLY B 68 21.81 24.01 2.39
C GLY B 68 21.96 25.44 2.82
N LEU B 69 23.20 25.93 2.87
CA LEU B 69 23.43 27.34 3.17
C LEU B 69 22.80 28.24 2.13
N VAL B 70 22.80 27.81 0.86
CA VAL B 70 22.18 28.59 -0.21
C VAL B 70 20.67 28.55 -0.15
N MET B 71 20.10 27.72 0.72
CA MET B 71 18.65 27.60 0.79
C MET B 71 18.04 28.60 1.77
N ASN B 72 18.72 28.88 2.88
CA ASN B 72 18.23 29.86 3.83
C ASN B 72 18.21 31.25 3.19
N ASN B 73 17.03 31.85 3.13
CA ASN B 73 16.84 33.15 2.50
C ASN B 73 17.48 34.30 3.26
N ASN B 74 18.08 34.04 4.42
CA ASN B 74 18.75 35.08 5.20
C ASN B 74 20.21 35.23 4.86
N VAL B 75 20.60 34.92 3.62
CA VAL B 75 22.00 34.88 3.22
C VAL B 75 22.32 35.97 2.21
N SER B 76 21.38 36.32 1.34
CA SER B 76 21.66 37.16 0.18
C SER B 76 22.25 38.51 0.52
N MET B 77 21.49 39.36 1.20
CA MET B 77 22.01 40.69 1.53
C MET B 77 23.04 40.63 2.64
N LEU B 78 23.10 39.50 3.35
CA LEU B 78 23.92 39.40 4.55
C LEU B 78 25.40 39.59 4.21
N ALA B 79 25.86 38.95 3.15
CA ALA B 79 27.23 39.16 2.71
C ALA B 79 27.38 40.47 1.95
N GLU B 80 26.27 41.06 1.51
CA GLU B 80 26.34 42.30 0.75
C GLU B 80 27.01 43.41 1.56
N GLU B 81 26.40 43.80 2.67
CA GLU B 81 26.90 44.87 3.51
C GLU B 81 28.03 44.42 4.44
N TRP B 82 28.49 43.17 4.32
CA TRP B 82 29.54 42.64 5.18
C TRP B 82 30.94 42.95 4.67
N LYS B 83 31.07 43.92 3.77
CA LYS B 83 32.38 44.28 3.24
C LYS B 83 32.62 45.78 3.17
N ARG B 84 31.65 46.62 3.50
CA ARG B 84 31.82 48.06 3.37
C ARG B 84 32.91 48.62 4.28
N PRO B 85 32.93 48.33 5.60
CA PRO B 85 34.00 48.85 6.45
C PRO B 85 35.37 48.30 6.06
N ALA B 94 26.72 45.93 16.28
CA ALA B 94 25.60 45.51 15.43
C ALA B 94 25.36 44.01 15.54
N VAL B 95 24.82 43.43 14.48
CA VAL B 95 24.53 42.00 14.42
C VAL B 95 25.67 41.24 13.72
N LEU B 96 26.86 41.84 13.67
CA LEU B 96 27.97 41.29 12.90
C LEU B 96 28.34 39.87 13.32
N ARG B 97 28.19 39.54 14.61
CA ARG B 97 28.51 38.21 15.07
C ARG B 97 27.28 37.30 15.19
N TYR B 98 26.10 37.80 14.85
CA TYR B 98 24.90 36.98 14.74
C TYR B 98 24.45 36.98 13.28
N MET B 99 23.40 36.20 13.01
CA MET B 99 22.84 35.98 11.68
C MET B 99 23.81 35.25 10.76
N PHE B 100 24.94 34.77 11.27
CA PHE B 100 25.84 33.93 10.50
C PHE B 100 26.15 32.67 11.29
N CYS B 101 26.14 32.78 12.61
CA CYS B 101 26.27 31.59 13.44
C CYS B 101 25.00 30.74 13.38
N SER B 102 23.84 31.37 13.23
CA SER B 102 22.60 30.62 13.14
C SER B 102 22.59 29.76 11.87
N MET B 103 22.84 30.39 10.72
CA MET B 103 22.92 29.62 9.47
C MET B 103 24.01 28.56 9.55
N ALA B 104 25.11 28.87 10.23
CA ALA B 104 26.20 27.91 10.35
C ALA B 104 25.79 26.68 11.14
N GLN B 105 24.77 26.80 11.97
CA GLN B 105 24.35 25.67 12.79
C GLN B 105 23.32 24.80 12.06
N ARG B 106 22.19 25.39 11.68
CA ARG B 106 21.12 24.59 11.09
C ARG B 106 21.51 24.00 9.74
N ALA B 107 22.55 24.53 9.09
CA ALA B 107 23.02 24.01 7.81
C ALA B 107 24.24 23.11 7.97
N LEU B 108 24.67 22.85 9.20
CA LEU B 108 25.82 21.98 9.46
C LEU B 108 25.38 20.67 10.11
N ILE B 109 24.12 20.29 9.93
CA ILE B 109 23.63 19.01 10.42
C ILE B 109 23.69 18.00 9.28
N ALA B 110 23.58 18.49 8.05
CA ALA B 110 23.65 17.59 6.89
C ALA B 110 25.01 16.92 6.76
N PRO B 111 26.13 17.63 6.80
CA PRO B 111 27.42 16.93 6.60
C PRO B 111 27.76 15.97 7.72
N VAL B 112 27.48 16.35 8.97
CA VAL B 112 27.94 15.54 10.10
C VAL B 112 27.21 14.20 10.13
N VAL B 113 26.04 14.12 9.51
CA VAL B 113 25.34 12.84 9.44
C VAL B 113 25.78 12.03 8.24
N TRP B 114 26.02 12.69 7.10
CA TRP B 114 26.50 12.00 5.92
C TRP B 114 27.99 11.65 6.00
N VAL B 115 28.65 12.00 7.09
CA VAL B 115 30.03 11.57 7.34
C VAL B 115 30.10 10.52 8.44
N ALA B 116 29.06 10.39 9.26
CA ALA B 116 29.04 9.31 10.24
C ALA B 116 28.51 8.03 9.64
N VAL B 117 27.51 8.13 8.76
CA VAL B 117 26.93 6.93 8.16
C VAL B 117 27.95 6.24 7.26
N THR B 118 28.91 7.00 6.72
CA THR B 118 29.93 6.38 5.88
C THR B 118 30.86 5.48 6.70
N LEU B 119 31.23 5.94 7.89
CA LEU B 119 32.13 5.15 8.73
C LEU B 119 31.46 3.85 9.18
N LEU B 120 30.21 3.95 9.66
CA LEU B 120 29.56 2.81 10.27
C LEU B 120 29.31 1.69 9.27
N ASP B 121 29.23 2.03 7.98
CA ASP B 121 29.00 1.00 6.98
C ASP B 121 30.22 0.12 6.81
N GLY B 122 31.40 0.73 6.68
CA GLY B 122 32.64 0.00 6.59
C GLY B 122 33.14 -0.24 5.18
N LYS B 123 32.48 0.28 4.16
CA LYS B 123 32.95 0.12 2.80
C LYS B 123 33.90 1.23 2.37
N CYS B 124 33.91 2.37 3.07
CA CYS B 124 34.84 3.43 2.74
C CYS B 124 36.20 3.23 3.37
N PHE B 125 36.28 2.48 4.47
CA PHE B 125 37.53 2.26 5.18
C PHE B 125 38.28 1.04 4.65
N LEU B 126 37.56 -0.04 4.34
CA LEU B 126 38.21 -1.23 3.78
C LEU B 126 38.88 -0.88 2.46
N CYS B 127 38.28 0.02 1.69
CA CYS B 127 38.81 0.34 0.38
C CYS B 127 40.14 1.07 0.47
N ALA B 128 40.40 1.74 1.59
CA ALA B 128 41.58 2.58 1.67
C ALA B 128 42.76 1.85 2.28
N PHE B 129 42.62 1.36 3.50
CA PHE B 129 43.73 0.79 4.26
C PHE B 129 43.90 -0.70 4.04
N CYS B 130 43.43 -1.22 2.91
CA CYS B 130 43.62 -2.64 2.65
C CYS B 130 45.09 -2.98 2.43
N THR B 131 45.92 -2.01 2.07
CA THR B 131 47.32 -2.22 1.76
C THR B 131 48.20 -2.23 3.01
N ALA B 132 47.62 -2.09 4.20
CA ALA B 132 48.40 -1.98 5.42
C ALA B 132 47.85 -2.87 6.52
N VAL B 133 47.44 -4.09 6.18
CA VAL B 133 46.97 -5.05 7.16
C VAL B 133 48.14 -5.96 7.52
N PRO B 134 48.42 -6.19 8.80
CA PRO B 134 49.53 -7.07 9.18
C PRO B 134 49.29 -8.48 8.70
N VAL B 135 50.18 -8.95 7.83
CA VAL B 135 49.98 -10.20 7.13
C VAL B 135 50.48 -11.38 7.95
N SER B 136 51.78 -11.37 8.26
CA SER B 136 52.41 -12.49 8.95
C SER B 136 51.83 -12.77 10.32
N ALA B 137 51.13 -11.80 10.92
CA ALA B 137 50.49 -12.01 12.20
C ALA B 137 49.05 -11.51 12.11
N LEU B 138 48.18 -12.13 12.91
CA LEU B 138 46.77 -11.72 12.97
C LEU B 138 46.10 -11.86 11.60
N GLY B 139 46.51 -12.89 10.85
CA GLY B 139 45.92 -13.15 9.56
C GLY B 139 45.30 -14.54 9.49
N ALA B 144 50.95 -16.52 6.38
CA ALA B 144 52.20 -16.80 7.10
C ALA B 144 53.44 -16.60 6.22
N PRO B 145 53.51 -17.27 5.06
CA PRO B 145 54.69 -17.10 4.20
C PRO B 145 54.73 -15.73 3.54
N GLY B 146 55.95 -15.26 3.27
CA GLY B 146 56.17 -13.97 2.68
C GLY B 146 56.24 -14.02 1.16
N LEU B 147 56.48 -12.86 0.56
CA LEU B 147 56.51 -12.70 -0.88
C LEU B 147 57.28 -11.45 -1.27
N PRO B 148 57.50 -11.19 -2.55
CA PRO B 148 58.19 -9.96 -2.94
C PRO B 148 57.37 -8.72 -2.64
N ALA B 149 58.06 -7.59 -2.49
CA ALA B 149 57.40 -6.38 -2.04
C ALA B 149 56.43 -5.82 -3.07
N PRO B 150 56.87 -5.44 -4.28
CA PRO B 150 55.95 -4.71 -5.18
C PRO B 150 54.76 -5.55 -5.64
N GLU B 151 54.97 -6.83 -5.94
CA GLU B 151 53.86 -7.66 -6.38
C GLU B 151 52.83 -7.84 -5.26
N LEU B 152 53.30 -7.90 -4.01
CA LEU B 152 52.39 -8.07 -2.88
C LEU B 152 51.37 -6.95 -2.82
N ALA B 153 51.81 -5.71 -3.02
CA ALA B 153 50.88 -4.59 -3.06
C ALA B 153 49.87 -4.76 -4.18
N ARG B 154 50.30 -5.38 -5.29
CA ARG B 154 49.36 -5.66 -6.38
C ARG B 154 48.45 -6.83 -6.05
N LEU B 155 48.69 -7.53 -4.94
CA LEU B 155 47.81 -8.61 -4.52
C LEU B 155 46.89 -8.18 -3.39
N LEU B 156 47.45 -7.72 -2.28
CA LEU B 156 46.64 -7.29 -1.15
C LEU B 156 45.70 -6.15 -1.51
N ALA B 157 46.07 -5.33 -2.50
CA ALA B 157 45.18 -4.27 -2.91
C ALA B 157 43.90 -4.79 -3.54
N ARG B 158 43.84 -6.06 -3.90
CA ARG B 158 42.67 -6.65 -4.53
C ARG B 158 41.76 -7.35 -3.53
N VAL B 159 41.80 -6.99 -2.25
CA VAL B 159 40.94 -7.68 -1.31
C VAL B 159 39.89 -6.75 -0.67
N PRO B 160 39.17 -5.92 -1.44
CA PRO B 160 37.84 -5.53 -1.00
C PRO B 160 36.84 -6.57 -1.46
N CYS B 161 35.56 -6.23 -1.35
CA CYS B 161 34.39 -6.98 -1.81
C CYS B 161 34.57 -7.77 -3.11
N PRO B 162 35.26 -7.26 -4.13
CA PRO B 162 35.36 -7.97 -5.43
C PRO B 162 35.70 -9.45 -5.33
N GLU B 163 35.28 -10.18 -6.35
CA GLU B 163 35.50 -11.62 -6.49
C GLU B 163 36.59 -11.91 -7.50
N ILE B 164 37.65 -11.10 -7.50
CA ILE B 164 38.83 -11.32 -8.32
C ILE B 164 40.07 -11.52 -7.48
N TYR B 165 39.90 -11.73 -6.18
CA TYR B 165 41.03 -11.90 -5.26
C TYR B 165 41.79 -13.18 -5.60
N ASP B 166 43.12 -13.10 -5.48
CA ASP B 166 43.96 -14.23 -5.87
C ASP B 166 43.78 -15.42 -4.94
N GLY B 167 43.77 -15.17 -3.63
CA GLY B 167 43.36 -16.24 -2.73
C GLY B 167 44.25 -16.64 -1.56
N ASP B 168 44.82 -17.84 -1.67
CA ASP B 168 45.17 -18.64 -0.49
C ASP B 168 46.23 -17.97 0.38
N TRP B 169 47.34 -17.55 -0.21
CA TRP B 169 48.56 -17.28 0.56
C TRP B 169 48.33 -16.17 1.59
N LEU B 170 48.77 -16.42 2.81
CA LEU B 170 48.92 -15.47 3.90
C LEU B 170 47.63 -14.79 4.34
N LEU B 171 46.50 -15.10 3.72
CA LEU B 171 45.31 -14.37 4.13
C LEU B 171 44.08 -14.98 3.49
N ALA B 172 43.03 -15.15 4.29
CA ALA B 172 41.72 -15.55 3.79
C ALA B 172 40.85 -14.30 3.73
N ARG B 173 40.11 -14.13 2.63
CA ARG B 173 39.43 -12.86 2.39
C ARG B 173 38.43 -12.54 3.49
N GLU B 174 37.75 -13.55 4.01
CA GLU B 174 36.78 -13.29 5.06
C GLU B 174 37.45 -12.87 6.36
N VAL B 175 38.72 -13.19 6.54
CA VAL B 175 39.43 -12.78 7.75
C VAL B 175 39.97 -11.36 7.64
N ALA B 176 40.40 -10.95 6.44
CA ALA B 176 40.84 -9.58 6.24
C ALA B 176 39.70 -8.61 6.52
N VAL B 177 38.64 -8.68 5.73
CA VAL B 177 37.44 -7.94 6.06
C VAL B 177 36.86 -8.49 7.37
N ARG B 178 35.98 -7.69 7.98
CA ARG B 178 35.42 -7.91 9.32
C ARG B 178 36.48 -7.77 10.40
N TYR B 179 37.71 -7.47 10.02
CA TYR B 179 38.70 -6.91 10.93
C TYR B 179 38.90 -5.43 10.68
N LEU B 180 38.98 -5.01 9.41
CA LEU B 180 38.96 -3.60 9.08
C LEU B 180 37.56 -3.02 9.26
N ARG B 181 36.52 -3.82 9.03
CA ARG B 181 35.17 -3.36 9.32
C ARG B 181 34.98 -3.13 10.81
N CYS B 182 35.72 -3.87 11.64
CA CYS B 182 35.67 -3.66 13.08
C CYS B 182 36.27 -2.32 13.46
N ILE B 183 37.47 -2.04 12.97
CA ILE B 183 38.19 -0.83 13.37
C ILE B 183 37.43 0.41 12.91
N SER B 184 36.68 0.30 11.80
CA SER B 184 35.90 1.44 11.35
C SER B 184 34.78 1.74 12.33
N GLN B 185 33.96 0.73 12.64
CA GLN B 185 32.77 0.96 13.46
C GLN B 185 33.13 1.48 14.84
N ALA B 186 34.18 0.91 15.45
CA ALA B 186 34.64 1.43 16.73
C ALA B 186 35.14 2.85 16.58
N LEU B 187 35.94 3.10 15.54
CA LEU B 187 36.34 4.47 15.26
C LEU B 187 35.15 5.33 14.87
N GLY B 188 34.12 4.70 14.30
CA GLY B 188 32.94 5.46 13.93
C GLY B 188 32.19 5.99 15.14
N TRP B 189 31.77 5.08 16.03
CA TRP B 189 31.03 5.49 17.22
C TRP B 189 31.83 6.48 18.06
N SER B 190 33.16 6.31 18.10
CA SER B 190 33.99 7.29 18.78
C SER B 190 33.86 8.67 18.14
N PHE B 191 33.60 8.71 16.84
CA PHE B 191 33.40 10.00 16.20
C PHE B 191 32.12 10.67 16.69
N VAL B 192 30.99 9.96 16.60
CA VAL B 192 29.71 10.59 16.89
C VAL B 192 29.63 11.03 18.35
N LEU B 193 30.35 10.35 19.25
CA LEU B 193 30.45 10.83 20.63
C LEU B 193 31.20 12.16 20.67
N LEU B 194 32.22 12.30 19.83
CA LEU B 194 32.98 13.54 19.80
C LEU B 194 32.16 14.69 19.25
N THR B 195 31.09 14.40 18.52
CA THR B 195 30.24 15.44 17.96
C THR B 195 29.01 15.71 18.82
N THR B 196 28.26 14.66 19.17
CA THR B 196 27.05 14.85 19.95
C THR B 196 27.34 15.46 21.32
N LEU B 197 28.49 15.12 21.91
CA LEU B 197 28.91 15.80 23.11
C LEU B 197 29.25 17.25 22.80
N LEU B 198 29.91 17.49 21.67
CA LEU B 198 30.22 18.85 21.25
C LEU B 198 28.96 19.64 20.91
N ALA B 199 27.88 18.95 20.57
CA ALA B 199 26.59 19.60 20.38
C ALA B 199 25.88 19.87 21.69
N PHE B 200 26.51 19.57 22.82
CA PHE B 200 25.93 19.82 24.13
C PHE B 200 26.44 21.11 24.77
N VAL B 201 27.50 21.71 24.23
CA VAL B 201 28.02 22.96 24.78
C VAL B 201 27.42 24.16 24.07
N VAL B 202 27.22 24.07 22.76
CA VAL B 202 26.67 25.20 22.01
C VAL B 202 25.22 25.43 22.38
N ARG B 203 24.46 24.36 22.58
CA ARG B 203 23.08 24.48 22.99
C ARG B 203 22.92 24.59 24.51
N SER B 204 24.03 24.66 25.25
CA SER B 204 23.98 24.84 26.68
C SER B 204 24.85 25.99 27.18
N VAL B 205 25.77 26.47 26.35
CA VAL B 205 26.55 27.65 26.67
C VAL B 205 26.07 28.76 25.74
N ARG B 206 26.51 29.98 26.00
CA ARG B 206 26.03 31.14 25.26
C ARG B 206 27.13 31.72 24.38
N PRO B 207 27.47 31.05 23.28
CA PRO B 207 28.50 31.61 22.38
C PRO B 207 28.13 32.97 21.82
N CYS B 208 27.00 33.05 21.12
CA CYS B 208 26.47 34.30 20.56
C CYS B 208 24.99 34.40 20.86
N PHE B 209 24.62 34.11 22.11
CA PHE B 209 23.23 34.02 22.54
C PHE B 209 23.05 35.01 23.69
N THR B 210 22.78 36.27 23.36
CA THR B 210 22.62 37.31 24.37
C THR B 210 21.80 38.43 23.78
N GLN B 211 21.44 39.39 24.63
CA GLN B 211 20.66 40.54 24.20
C GLN B 211 21.55 41.70 23.77
N ALA B 212 22.52 41.41 22.91
CA ALA B 212 23.37 42.43 22.31
C ALA B 212 22.98 42.74 20.88
N ALA B 213 22.82 41.71 20.06
CA ALA B 213 22.27 41.85 18.72
C ALA B 213 21.17 40.84 18.42
N PHE B 214 21.06 39.76 19.19
CA PHE B 214 20.02 38.76 18.95
C PHE B 214 18.64 39.40 19.08
N LEU B 215 18.40 40.13 20.16
CA LEU B 215 17.14 40.85 20.30
C LEU B 215 16.97 41.89 19.20
N LYS B 216 18.02 42.65 18.90
CA LYS B 216 17.94 43.64 17.84
C LYS B 216 17.68 42.98 16.49
N SER B 217 18.45 41.93 16.18
CA SER B 217 18.24 41.19 14.94
C SER B 217 16.84 40.57 14.87
N LYS B 218 16.26 40.25 16.03
CA LYS B 218 14.88 39.77 16.07
C LYS B 218 13.93 40.78 15.43
N TYR B 219 14.26 42.07 15.55
CA TYR B 219 13.43 43.12 14.97
C TYR B 219 13.40 43.04 13.45
N TRP B 220 14.37 42.38 12.83
CA TRP B 220 14.35 42.17 11.39
C TRP B 220 13.56 40.94 10.99
N SER B 221 12.99 40.23 11.97
CA SER B 221 12.47 38.88 11.73
C SER B 221 11.33 38.88 10.73
N HIS B 222 10.20 39.49 11.10
CA HIS B 222 8.99 39.39 10.28
C HIS B 222 8.60 40.72 9.64
N TYR B 223 9.55 41.64 9.45
CA TYR B 223 9.23 42.85 8.70
C TYR B 223 9.23 42.58 7.20
N ILE B 224 10.18 41.79 6.71
CA ILE B 224 10.35 41.62 5.27
C ILE B 224 9.15 40.92 4.67
N ASP B 225 8.76 39.77 5.25
CA ASP B 225 7.55 39.09 4.78
C ASP B 225 6.32 39.97 4.95
N ILE B 226 6.30 40.78 6.02
CA ILE B 226 5.26 41.79 6.16
C ILE B 226 5.32 42.77 5.00
N GLU B 227 6.54 43.17 4.61
CA GLU B 227 6.70 44.05 3.46
C GLU B 227 6.21 43.39 2.18
N ARG B 228 6.24 42.05 2.13
CA ARG B 228 5.67 41.35 1.00
C ARG B 228 4.18 41.63 0.87
N LYS B 229 3.42 41.42 1.94
CA LYS B 229 1.98 41.66 1.90
C LYS B 229 1.63 43.09 2.28
N LEU B 230 2.63 43.93 2.52
CA LEU B 230 2.37 45.34 2.79
C LEU B 230 2.25 46.14 1.49
N PHE B 231 3.30 46.12 0.67
CA PHE B 231 3.25 46.84 -0.60
C PHE B 231 2.41 46.11 -1.63
N ASP B 232 2.21 44.79 -1.45
CA ASP B 232 1.40 44.04 -2.39
C ASP B 232 -0.04 44.54 -2.41
N GLU B 233 -0.61 44.80 -1.24
CA GLU B 233 -1.96 45.37 -1.18
C GLU B 233 -2.00 46.74 -1.83
N THR B 234 -0.99 47.57 -1.58
CA THR B 234 -0.90 48.86 -2.27
C THR B 234 -0.62 48.67 -3.75
N CYS B 235 0.25 47.72 -4.08
CA CYS B 235 0.55 47.43 -5.49
C CYS B 235 -0.66 46.85 -6.19
N THR B 236 -1.29 45.84 -5.57
CA THR B 236 -2.48 45.24 -6.17
C THR B 236 -3.61 46.25 -6.26
N GLU B 237 -3.72 47.14 -5.28
CA GLU B 237 -4.76 48.17 -5.30
C GLU B 237 -4.48 49.20 -6.39
N HIS B 238 -3.27 49.76 -6.39
CA HIS B 238 -2.91 50.77 -7.39
C HIS B 238 -3.03 50.24 -8.81
N ALA B 239 -2.82 48.93 -9.00
CA ALA B 239 -3.07 48.32 -10.30
C ALA B 239 -4.52 48.48 -10.71
N LYS B 240 -5.43 48.45 -9.74
CA LYS B 240 -6.85 48.66 -10.02
C LYS B 240 -7.15 50.09 -10.46
N ALA B 241 -6.21 51.01 -10.26
CA ALA B 241 -6.43 52.39 -10.71
C ALA B 241 -6.59 52.47 -12.21
N PHE B 242 -5.55 52.09 -12.95
CA PHE B 242 -5.59 52.10 -14.41
C PHE B 242 -6.31 50.89 -14.99
N ALA B 243 -6.81 49.98 -14.15
CA ALA B 243 -7.51 48.82 -14.65
C ALA B 243 -8.79 49.23 -15.39
N LYS B 244 -9.68 49.95 -14.71
CA LYS B 244 -10.93 50.36 -15.34
C LYS B 244 -10.68 51.35 -16.46
N VAL B 245 -9.56 52.08 -16.40
CA VAL B 245 -9.26 53.07 -17.44
C VAL B 245 -9.02 52.38 -18.78
N CYS B 246 -8.13 51.40 -18.82
CA CYS B 246 -7.84 50.67 -20.05
C CYS B 246 -8.95 49.69 -20.41
N ILE B 247 -9.76 49.28 -19.42
CA ILE B 247 -10.80 48.28 -19.62
C ILE B 247 -12.01 48.81 -20.37
N GLN B 248 -11.96 50.07 -20.83
CA GLN B 248 -13.12 50.73 -21.43
C GLN B 248 -13.70 49.92 -22.59
N GLN B 249 -12.85 49.53 -23.54
CA GLN B 249 -13.34 48.78 -24.70
C GLN B 249 -13.66 47.32 -24.37
N PHE B 250 -13.47 46.89 -23.13
CA PHE B 250 -13.66 45.50 -22.75
C PHE B 250 -15.07 45.19 -22.24
N PHE B 251 -15.88 46.20 -21.97
CA PHE B 251 -17.21 45.94 -21.41
C PHE B 251 -18.10 45.20 -22.40
N GLU B 252 -18.47 45.87 -23.49
CA GLU B 252 -19.36 45.29 -24.48
C GLU B 252 -19.56 46.23 -25.67
N ALA B 253 -19.98 45.65 -26.78
CA ALA B 253 -20.20 46.43 -28.00
C ALA B 253 -20.85 45.57 -29.09
N MET B 254 -20.13 44.51 -29.44
CA MET B 254 -20.60 43.57 -30.44
C MET B 254 -21.69 42.65 -29.88
N ASN B 255 -21.32 41.80 -28.92
CA ASN B 255 -22.28 40.89 -28.30
C ASN B 255 -23.64 41.56 -28.15
N ALA C 30 12.26 15.52 -11.14
CA ALA C 30 11.61 15.31 -12.43
C ALA C 30 12.64 14.92 -13.49
N SER C 31 13.86 14.65 -13.06
CA SER C 31 14.95 14.27 -13.94
C SER C 31 15.41 12.83 -13.74
N ALA C 32 15.76 12.45 -12.51
CA ALA C 32 16.28 11.11 -12.27
C ALA C 32 15.24 10.03 -12.53
N GLN C 33 13.95 10.36 -12.47
CA GLN C 33 12.92 9.36 -12.71
C GLN C 33 13.00 8.81 -14.13
N MET C 34 13.35 9.66 -15.10
CA MET C 34 13.52 9.18 -16.46
C MET C 34 14.64 8.16 -16.55
N TYR C 35 15.67 8.32 -15.73
CA TYR C 35 16.82 7.41 -15.79
C TYR C 35 16.51 6.02 -15.27
N SER C 36 15.34 5.80 -14.68
CA SER C 36 15.01 4.49 -14.13
C SER C 36 14.64 3.49 -15.23
N ALA C 37 13.72 3.87 -16.12
CA ALA C 37 13.25 2.99 -17.17
C ALA C 37 13.89 3.26 -18.53
N PHE C 38 14.48 4.44 -18.72
CA PHE C 38 15.13 4.76 -19.99
C PHE C 38 16.33 3.86 -20.16
N ASP C 39 16.23 2.92 -21.10
CA ASP C 39 17.29 1.93 -21.25
C ASP C 39 18.54 2.56 -21.85
N PHE C 40 19.63 1.82 -21.82
CA PHE C 40 20.90 2.26 -22.38
C PHE C 40 21.45 1.12 -23.24
N ASN C 41 22.08 1.45 -24.36
CA ASN C 41 22.44 0.45 -25.36
C ASN C 41 23.94 0.22 -25.50
N CYS C 42 24.72 1.27 -25.74
CA CYS C 42 26.16 1.14 -25.84
C CYS C 42 26.61 0.20 -26.95
N PRO C 43 26.45 0.58 -28.21
CA PRO C 43 26.78 -0.34 -29.32
C PRO C 43 28.26 -0.63 -29.44
N CYS C 44 28.66 -1.87 -29.22
CA CYS C 44 30.08 -2.25 -29.19
C CYS C 44 30.63 -2.32 -30.61
N LEU C 45 30.76 -1.15 -31.24
CA LEU C 45 31.38 -1.04 -32.55
C LEU C 45 32.46 0.02 -32.51
N PRO C 46 33.66 -0.28 -32.95
CA PRO C 46 34.79 0.62 -32.70
C PRO C 46 34.76 1.86 -33.57
N GLY C 47 34.04 2.88 -33.13
CA GLY C 47 34.02 4.15 -33.83
C GLY C 47 32.68 4.84 -33.78
N TYR C 48 31.61 4.08 -33.55
CA TYR C 48 30.32 4.69 -33.27
C TYR C 48 30.13 5.00 -31.80
N ASN C 49 31.01 4.49 -30.94
CA ASN C 49 30.84 4.64 -29.49
C ASN C 49 30.81 6.11 -29.08
N ALA C 50 31.70 6.92 -29.65
CA ALA C 50 31.72 8.33 -29.30
C ALA C 50 30.40 9.01 -29.60
N ALA C 51 29.75 8.62 -30.70
CA ALA C 51 28.46 9.19 -31.04
C ALA C 51 27.40 8.84 -29.99
N TYR C 52 27.12 7.55 -29.83
CA TYR C 52 26.06 7.14 -28.91
C TYR C 52 26.38 7.53 -27.48
N SER C 53 27.67 7.59 -27.14
CA SER C 53 28.05 8.07 -25.81
C SER C 53 27.81 9.56 -25.69
N ALA C 54 28.45 10.36 -26.55
CA ALA C 54 28.27 11.81 -26.47
C ALA C 54 26.86 12.22 -26.87
N GLY C 55 26.15 11.35 -27.59
CA GLY C 55 24.81 11.70 -28.00
C GLY C 55 23.84 11.78 -26.82
N ILE C 56 24.00 10.88 -25.85
CA ILE C 56 23.02 10.81 -24.77
C ILE C 56 23.33 11.78 -23.64
N LEU C 57 24.53 12.32 -23.60
CA LEU C 57 24.92 13.22 -22.53
C LEU C 57 24.63 14.69 -22.83
N LEU C 58 24.39 15.03 -24.10
CA LEU C 58 24.15 16.41 -24.50
C LEU C 58 22.69 16.68 -24.84
N ALA C 59 22.03 15.75 -25.51
CA ALA C 59 20.68 16.00 -26.02
C ALA C 59 19.65 16.23 -24.92
N PRO C 60 19.50 15.35 -23.93
CA PRO C 60 18.46 15.54 -22.91
C PRO C 60 18.62 16.85 -22.15
N PRO C 61 19.83 17.28 -21.82
CA PRO C 61 19.97 18.64 -21.25
C PRO C 61 19.40 19.72 -22.15
N LEU C 62 19.79 19.75 -23.42
CA LEU C 62 19.33 20.79 -24.32
C LEU C 62 17.81 20.74 -24.49
N VAL C 63 17.24 19.55 -24.49
CA VAL C 63 15.79 19.44 -24.64
C VAL C 63 15.08 19.75 -23.33
N LEU C 64 15.67 19.37 -22.20
CA LEU C 64 15.06 19.71 -20.92
C LEU C 64 15.13 21.20 -20.66
N PHE C 65 16.22 21.85 -21.07
CA PHE C 65 16.39 23.28 -20.84
C PHE C 65 15.30 24.06 -21.55
N LEU C 66 15.26 23.99 -22.88
CA LEU C 66 14.30 24.78 -23.64
C LEU C 66 12.91 24.19 -23.66
N LEU C 67 12.63 23.19 -22.81
CA LEU C 67 11.28 22.70 -22.62
C LEU C 67 10.61 23.33 -21.41
N GLY C 68 11.28 23.32 -20.26
CA GLY C 68 10.75 24.03 -19.10
C GLY C 68 10.64 25.51 -19.33
N LEU C 69 11.49 26.06 -20.21
CA LEU C 69 11.37 27.46 -20.57
C LEU C 69 10.04 27.75 -21.24
N VAL C 70 9.52 26.80 -22.03
CA VAL C 70 8.23 26.96 -22.69
C VAL C 70 7.07 26.84 -21.71
N MET C 71 7.33 26.46 -20.48
CA MET C 71 6.27 26.28 -19.51
C MET C 71 5.95 27.57 -18.76
N ASN C 72 6.97 28.36 -18.43
CA ASN C 72 6.75 29.63 -17.77
C ASN C 72 5.97 30.58 -18.66
N ASN C 73 4.80 31.00 -18.18
CA ASN C 73 3.90 31.85 -18.94
C ASN C 73 4.42 33.27 -19.14
N ASN C 74 5.58 33.60 -18.58
CA ASN C 74 6.18 34.93 -18.74
C ASN C 74 7.11 35.02 -19.93
N VAL C 75 6.89 34.21 -20.96
CA VAL C 75 7.80 34.10 -22.09
C VAL C 75 7.19 34.64 -23.38
N SER C 76 5.88 34.49 -23.55
CA SER C 76 5.23 34.73 -24.83
C SER C 76 5.44 36.13 -25.38
N MET C 77 4.91 37.14 -24.68
CA MET C 77 5.05 38.50 -25.19
C MET C 77 6.47 39.02 -24.98
N LEU C 78 7.25 38.34 -24.12
CA LEU C 78 8.55 38.86 -23.72
C LEU C 78 9.49 38.98 -24.92
N ALA C 79 9.52 37.96 -25.77
CA ALA C 79 10.31 38.05 -26.99
C ALA C 79 9.62 38.89 -28.05
N GLU C 80 8.32 39.14 -27.89
CA GLU C 80 7.58 39.91 -28.89
C GLU C 80 8.16 41.30 -29.05
N GLU C 81 8.12 42.10 -27.99
CA GLU C 81 8.61 43.47 -28.02
C GLU C 81 10.12 43.56 -27.89
N TRP C 82 10.83 42.44 -27.86
CA TRP C 82 12.28 42.43 -27.69
C TRP C 82 13.03 42.58 -29.01
N LYS C 83 12.36 43.04 -30.06
CA LYS C 83 13.00 43.22 -31.35
C LYS C 83 12.68 44.54 -32.03
N ARG C 84 11.80 45.37 -31.46
CA ARG C 84 11.40 46.61 -32.13
C ARG C 84 12.56 47.59 -32.29
N PRO C 85 13.33 47.92 -31.25
CA PRO C 85 14.46 48.85 -31.44
C PRO C 85 15.54 48.29 -32.37
N ALA C 94 14.69 50.14 -18.94
CA ALA C 94 13.50 49.31 -18.75
C ALA C 94 13.85 48.00 -18.04
N VAL C 95 13.06 46.97 -18.30
CA VAL C 95 13.27 45.65 -17.71
C VAL C 95 14.06 44.75 -18.67
N LEU C 96 14.78 45.35 -19.62
CA LEU C 96 15.45 44.58 -20.67
C LEU C 96 16.42 43.54 -20.13
N ARG C 97 17.06 43.81 -19.00
CA ARG C 97 17.99 42.85 -18.42
C ARG C 97 17.38 42.02 -17.30
N TYR C 98 16.10 42.23 -17.01
CA TYR C 98 15.36 41.36 -16.11
C TYR C 98 14.25 40.65 -16.89
N MET C 99 13.53 39.77 -16.21
CA MET C 99 12.48 38.94 -16.77
C MET C 99 13.00 37.94 -17.79
N PHE C 100 14.32 37.83 -17.96
CA PHE C 100 14.90 36.80 -18.80
C PHE C 100 15.96 36.06 -17.99
N CYS C 101 16.61 36.75 -17.05
CA CYS C 101 17.51 36.07 -16.15
C CYS C 101 16.76 35.20 -15.16
N SER C 102 15.56 35.61 -14.77
CA SER C 102 14.77 34.80 -13.84
C SER C 102 14.38 33.47 -14.49
N MET C 103 13.79 33.52 -15.68
CA MET C 103 13.46 32.29 -16.40
C MET C 103 14.71 31.46 -16.65
N ALA C 104 15.83 32.12 -16.92
CA ALA C 104 17.07 31.40 -17.19
C ALA C 104 17.55 30.63 -15.98
N GLN C 105 17.14 31.03 -14.78
CA GLN C 105 17.59 30.37 -13.57
C GLN C 105 16.68 29.20 -13.21
N ARG C 106 15.39 29.46 -13.00
CA ARG C 106 14.50 28.41 -12.53
C ARG C 106 14.30 27.31 -13.56
N ALA C 107 14.62 27.56 -14.83
CA ALA C 107 14.51 26.56 -15.87
C ALA C 107 15.85 25.91 -16.21
N LEU C 108 16.91 26.27 -15.48
CA LEU C 108 18.23 25.69 -15.70
C LEU C 108 18.64 24.78 -14.55
N ILE C 109 17.67 24.28 -13.80
CA ILE C 109 17.95 23.32 -12.74
C ILE C 109 17.74 21.91 -13.28
N ALA C 110 16.86 21.79 -14.28
CA ALA C 110 16.61 20.48 -14.88
C ALA C 110 17.85 19.92 -15.58
N PRO C 111 18.53 20.65 -16.45
CA PRO C 111 19.67 20.03 -17.15
C PRO C 111 20.83 19.70 -16.23
N VAL C 112 21.13 20.58 -15.28
CA VAL C 112 22.33 20.39 -14.47
C VAL C 112 22.20 19.17 -13.57
N VAL C 113 20.98 18.73 -13.30
CA VAL C 113 20.81 17.51 -12.51
C VAL C 113 20.80 16.28 -13.40
N TRP C 114 20.20 16.38 -14.59
CA TRP C 114 20.20 15.27 -15.52
C TRP C 114 21.53 15.10 -16.24
N VAL C 115 22.50 15.95 -15.97
CA VAL C 115 23.86 15.77 -16.47
C VAL C 115 24.82 15.34 -15.38
N ALA C 116 24.46 15.51 -14.11
CA ALA C 116 25.30 15.00 -13.03
C ALA C 116 24.98 13.54 -12.74
N VAL C 117 23.71 13.17 -12.82
CA VAL C 117 23.33 11.79 -12.52
C VAL C 117 23.89 10.84 -13.57
N THR C 118 24.14 11.35 -14.79
CA THR C 118 24.72 10.49 -15.82
C THR C 118 26.16 10.13 -15.50
N LEU C 119 26.93 11.10 -15.00
CA LEU C 119 28.33 10.84 -14.68
C LEU C 119 28.44 9.84 -13.52
N LEU C 120 27.68 10.05 -12.45
CA LEU C 120 27.84 9.26 -11.25
C LEU C 120 27.49 7.80 -11.48
N ASP C 121 26.65 7.51 -12.48
CA ASP C 121 26.28 6.12 -12.73
C ASP C 121 27.45 5.35 -13.32
N GLY C 122 28.12 5.92 -14.31
CA GLY C 122 29.30 5.32 -14.90
C GLY C 122 29.05 4.51 -16.15
N LYS C 123 27.83 4.47 -16.66
CA LYS C 123 27.57 3.75 -17.90
C LYS C 123 27.73 4.62 -19.14
N CYS C 124 27.73 5.95 -18.99
CA CYS C 124 27.95 6.81 -20.13
C CYS C 124 29.43 7.01 -20.43
N PHE C 125 30.30 6.85 -19.43
CA PHE C 125 31.72 7.06 -19.61
C PHE C 125 32.44 5.79 -20.05
N LEU C 126 32.07 4.64 -19.49
CA LEU C 126 32.68 3.37 -19.93
C LEU C 126 32.42 3.14 -21.41
N CYS C 127 31.25 3.54 -21.89
CA CYS C 127 30.89 3.28 -23.28
C CYS C 127 31.76 4.07 -24.24
N ALA C 128 32.33 5.19 -23.80
CA ALA C 128 33.03 6.06 -24.71
C ALA C 128 34.52 5.77 -24.76
N PHE C 129 35.19 5.87 -23.61
CA PHE C 129 36.65 5.79 -23.55
C PHE C 129 37.16 4.38 -23.34
N CYS C 130 36.38 3.37 -23.71
CA CYS C 130 36.85 2.00 -23.57
C CYS C 130 38.01 1.70 -24.50
N THR C 131 38.18 2.47 -25.57
CA THR C 131 39.20 2.24 -26.58
C THR C 131 40.54 2.86 -26.19
N ALA C 132 40.64 3.48 -25.02
CA ALA C 132 41.86 4.18 -24.64
C ALA C 132 42.27 3.84 -23.21
N VAL C 133 42.16 2.57 -22.83
CA VAL C 133 42.61 2.13 -21.53
C VAL C 133 44.02 1.55 -21.68
N PRO C 134 44.97 1.95 -20.83
CA PRO C 134 46.34 1.42 -20.95
C PRO C 134 46.35 -0.07 -20.70
N VAL C 135 46.77 -0.81 -21.72
CA VAL C 135 46.65 -2.26 -21.71
C VAL C 135 47.86 -2.90 -21.03
N SER C 136 49.04 -2.66 -21.60
CA SER C 136 50.26 -3.30 -21.13
C SER C 136 50.60 -2.97 -19.68
N ALA C 137 50.04 -1.89 -19.13
CA ALA C 137 50.25 -1.55 -17.74
C ALA C 137 48.90 -1.25 -17.10
N LEU C 138 48.82 -1.51 -15.79
CA LEU C 138 47.60 -1.22 -15.03
C LEU C 138 46.42 -2.01 -15.57
N GLY C 139 46.68 -3.23 -16.04
CA GLY C 139 45.63 -4.09 -16.54
C GLY C 139 45.56 -5.40 -15.77
N ALA C 144 49.09 -8.15 -20.81
CA ALA C 144 50.53 -7.99 -20.97
C ALA C 144 51.01 -8.12 -22.43
N PRO C 145 50.68 -9.23 -23.09
CA PRO C 145 51.13 -9.38 -24.49
C PRO C 145 50.37 -8.45 -25.43
N GLY C 146 51.05 -8.07 -26.51
CA GLY C 146 50.49 -7.16 -27.49
C GLY C 146 49.79 -7.89 -28.63
N LEU C 147 49.30 -7.10 -29.59
CA LEU C 147 48.53 -7.62 -30.71
C LEU C 147 48.53 -6.62 -31.86
N PRO C 148 47.96 -6.95 -33.01
CA PRO C 148 47.91 -5.98 -34.11
C PRO C 148 47.01 -4.80 -33.78
N ALA C 149 47.27 -3.68 -34.45
CA ALA C 149 46.59 -2.43 -34.11
C ALA C 149 45.10 -2.49 -34.45
N PRO C 150 44.70 -2.65 -35.73
CA PRO C 150 43.27 -2.48 -36.06
C PRO C 150 42.37 -3.51 -35.41
N GLU C 151 42.80 -4.77 -35.34
CA GLU C 151 41.96 -5.79 -34.73
C GLU C 151 41.78 -5.52 -33.24
N LEU C 152 42.81 -4.98 -32.59
CA LEU C 152 42.72 -4.69 -31.16
C LEU C 152 41.58 -3.73 -30.85
N ALA C 153 41.43 -2.69 -31.67
CA ALA C 153 40.31 -1.78 -31.49
C ALA C 153 38.98 -2.51 -31.64
N ARG C 154 38.94 -3.53 -32.52
CA ARG C 154 37.75 -4.33 -32.65
C ARG C 154 37.57 -5.29 -31.49
N LEU C 155 38.56 -5.40 -30.60
CA LEU C 155 38.43 -6.24 -29.42
C LEU C 155 38.13 -5.42 -28.17
N LEU C 156 39.00 -4.46 -27.85
CA LEU C 156 38.80 -3.63 -26.67
C LEU C 156 37.50 -2.84 -26.74
N ALA C 157 37.02 -2.53 -27.94
CA ALA C 157 35.75 -1.84 -28.04
C ALA C 157 34.58 -2.68 -27.56
N ARG C 158 34.76 -3.98 -27.39
CA ARG C 158 33.70 -4.86 -26.95
C ARG C 158 33.72 -5.10 -25.45
N VAL C 159 34.29 -4.21 -24.65
CA VAL C 159 34.31 -4.46 -23.22
C VAL C 159 33.51 -3.42 -22.42
N PRO C 160 32.28 -3.08 -22.81
CA PRO C 160 31.32 -2.63 -21.81
C PRO C 160 30.63 -3.84 -21.21
N CYS C 161 29.55 -3.58 -20.47
CA CYS C 161 28.63 -4.54 -19.87
C CYS C 161 28.36 -5.82 -20.66
N PRO C 162 28.22 -5.76 -21.99
CA PRO C 162 27.87 -6.97 -22.76
C PRO C 162 28.67 -8.22 -22.43
N GLU C 163 28.04 -9.36 -22.69
CA GLU C 163 28.61 -10.69 -22.46
C GLU C 163 29.05 -11.33 -23.76
N ILE C 164 29.63 -10.52 -24.66
CA ILE C 164 30.22 -11.01 -25.90
C ILE C 164 31.70 -10.72 -25.98
N TYR C 165 32.31 -10.33 -24.85
CA TYR C 165 33.72 -9.99 -24.81
C TYR C 165 34.58 -11.22 -25.12
N ASP C 166 35.67 -11.01 -25.86
CA ASP C 166 36.49 -12.13 -26.28
C ASP C 166 37.22 -12.78 -25.11
N GLY C 167 37.80 -11.97 -24.23
CA GLY C 167 38.29 -12.55 -22.99
C GLY C 167 39.72 -12.31 -22.55
N ASP C 168 40.51 -13.39 -22.57
CA ASP C 168 41.65 -13.54 -21.68
C ASP C 168 42.73 -12.48 -21.89
N TRP C 169 43.17 -12.29 -23.13
CA TRP C 169 44.44 -11.61 -23.38
C TRP C 169 44.42 -10.18 -22.85
N LEU C 170 45.49 -9.83 -22.14
CA LEU C 170 45.86 -8.47 -21.74
C LEU C 170 44.85 -7.77 -20.86
N LEU C 171 43.72 -8.40 -20.53
CA LEU C 171 42.75 -7.65 -19.74
C LEU C 171 41.65 -8.58 -19.28
N ALA C 172 41.28 -8.45 -18.01
CA ALA C 172 40.11 -9.12 -17.45
C ALA C 172 38.99 -8.10 -17.38
N ARG C 173 37.78 -8.50 -17.78
CA ARG C 173 36.70 -7.52 -17.95
C ARG C 173 36.38 -6.82 -16.65
N GLU C 174 36.43 -7.53 -15.53
CA GLU C 174 36.12 -6.89 -14.26
C GLU C 174 37.17 -5.89 -13.85
N VAL C 175 38.38 -6.00 -14.39
CA VAL C 175 39.44 -5.03 -14.07
C VAL C 175 39.35 -3.79 -14.93
N ALA C 176 38.94 -3.93 -16.19
CA ALA C 176 38.74 -2.76 -17.04
C ALA C 176 37.66 -1.86 -16.47
N VAL C 177 36.43 -2.36 -16.37
CA VAL C 177 35.42 -1.63 -15.64
C VAL C 177 35.80 -1.58 -14.17
N ARG C 178 35.16 -0.66 -13.44
CA ARG C 178 35.47 -0.29 -12.06
C ARG C 178 36.83 0.40 -11.95
N TYR C 179 37.51 0.59 -13.07
CA TYR C 179 38.58 1.57 -13.18
C TYR C 179 38.13 2.79 -13.96
N LEU C 180 37.41 2.59 -15.06
CA LEU C 180 36.77 3.70 -15.74
C LEU C 180 35.56 4.20 -14.95
N ARG C 181 34.87 3.31 -14.24
CA ARG C 181 33.80 3.75 -13.35
C ARG C 181 34.34 4.61 -12.22
N CYS C 182 35.60 4.37 -11.83
CA CYS C 182 36.23 5.21 -10.82
C CYS C 182 36.47 6.61 -11.33
N ILE C 183 37.08 6.73 -12.50
CA ILE C 183 37.46 8.04 -13.03
C ILE C 183 36.22 8.87 -13.31
N SER C 184 35.10 8.23 -13.63
CA SER C 184 33.88 8.98 -13.85
C SER C 184 33.38 9.61 -12.55
N GLN C 185 33.22 8.79 -11.51
CA GLN C 185 32.62 9.28 -10.27
C GLN C 185 33.46 10.39 -9.64
N ALA C 186 34.78 10.23 -9.65
CA ALA C 186 35.64 11.30 -9.15
C ALA C 186 35.50 12.54 -10.02
N LEU C 187 35.52 12.35 -11.35
CA LEU C 187 35.25 13.47 -12.24
C LEU C 187 33.82 13.97 -12.08
N GLY C 188 32.92 13.09 -11.66
CA GLY C 188 31.54 13.51 -11.46
C GLY C 188 31.39 14.46 -10.29
N TRP C 189 31.82 14.03 -9.10
CA TRP C 189 31.71 14.87 -7.92
C TRP C 189 32.45 16.19 -8.11
N SER C 190 33.58 16.16 -8.82
CA SER C 190 34.28 17.39 -9.14
C SER C 190 33.40 18.32 -9.97
N PHE C 191 32.52 17.77 -10.79
CA PHE C 191 31.60 18.61 -11.54
C PHE C 191 30.63 19.33 -10.61
N VAL C 192 29.92 18.58 -9.78
CA VAL C 192 28.85 19.18 -9.00
C VAL C 192 29.39 20.22 -8.02
N LEU C 193 30.63 20.06 -7.58
CA LEU C 193 31.27 21.12 -6.79
C LEU C 193 31.45 22.37 -7.64
N LEU C 194 31.79 22.20 -8.91
CA LEU C 194 31.97 23.35 -9.79
C LEU C 194 30.67 24.06 -10.06
N THR C 195 29.54 23.40 -9.85
CA THR C 195 28.24 24.02 -10.08
C THR C 195 27.61 24.55 -8.80
N THR C 196 27.54 23.72 -7.75
CA THR C 196 26.91 24.15 -6.52
C THR C 196 27.65 25.32 -5.89
N LEU C 197 28.98 25.37 -6.04
CA LEU C 197 29.72 26.55 -5.63
C LEU C 197 29.36 27.73 -6.53
N LEU C 198 29.22 27.49 -7.83
CA LEU C 198 28.81 28.53 -8.75
C LEU C 198 27.38 28.99 -8.51
N ALA C 199 26.56 28.14 -7.88
CA ALA C 199 25.23 28.54 -7.44
C ALA C 199 25.25 29.31 -6.14
N PHE C 200 26.44 29.60 -5.60
CA PHE C 200 26.57 30.38 -4.37
C PHE C 200 26.87 31.84 -4.64
N VAL C 201 27.26 32.21 -5.86
CA VAL C 201 27.54 33.61 -6.17
C VAL C 201 26.31 34.32 -6.70
N VAL C 202 25.50 33.63 -7.51
CA VAL C 202 24.32 34.26 -8.10
C VAL C 202 23.28 34.53 -7.02
N ARG C 203 23.13 33.61 -6.08
CA ARG C 203 22.20 33.80 -4.97
C ARG C 203 22.83 34.57 -3.81
N SER C 204 24.06 35.04 -3.95
CA SER C 204 24.71 35.85 -2.94
C SER C 204 25.28 37.16 -3.47
N VAL C 205 25.43 37.29 -4.78
CA VAL C 205 25.83 38.53 -5.41
C VAL C 205 24.61 39.07 -6.15
N ARG C 206 24.70 40.31 -6.61
CA ARG C 206 23.55 40.96 -7.23
C ARG C 206 23.79 41.16 -8.72
N PRO C 207 23.71 40.10 -9.53
CA PRO C 207 23.88 40.27 -10.98
C PRO C 207 22.86 41.20 -11.60
N CYS C 208 21.58 40.88 -11.45
CA CYS C 208 20.47 41.70 -11.93
C CYS C 208 19.41 41.82 -10.86
N PHE C 209 19.85 42.09 -9.63
CA PHE C 209 18.99 42.10 -8.45
C PHE C 209 19.13 43.49 -7.81
N THR C 210 18.34 44.44 -8.29
CA THR C 210 18.39 45.81 -7.80
C THR C 210 17.07 46.48 -8.09
N GLN C 211 16.92 47.69 -7.56
CA GLN C 211 15.69 48.47 -7.76
C GLN C 211 15.80 49.37 -8.99
N ALA C 212 16.23 48.80 -10.12
CA ALA C 212 16.27 49.50 -11.39
C ALA C 212 15.12 49.10 -12.30
N ALA C 213 14.91 47.80 -12.47
CA ALA C 213 13.73 47.28 -13.15
C ALA C 213 13.03 46.18 -12.39
N PHE C 214 13.69 45.55 -11.43
CA PHE C 214 13.07 44.48 -10.64
C PHE C 214 11.83 45.01 -9.92
N LEU C 215 11.96 46.13 -9.23
CA LEU C 215 10.80 46.74 -8.59
C LEU C 215 9.77 47.16 -9.62
N LYS C 216 10.20 47.77 -10.72
CA LYS C 216 9.27 48.17 -11.77
C LYS C 216 8.58 46.96 -12.38
N SER C 217 9.37 45.94 -12.75
CA SER C 217 8.80 44.71 -13.28
C SER C 217 7.87 44.03 -12.29
N LYS C 218 8.10 44.22 -10.98
CA LYS C 218 7.17 43.71 -9.98
C LYS C 218 5.77 44.26 -10.18
N TYR C 219 5.68 45.48 -10.71
CA TYR C 219 4.38 46.09 -10.97
C TYR C 219 3.59 45.33 -12.03
N TRP C 220 4.26 44.54 -12.86
CA TRP C 220 3.57 43.70 -13.84
C TRP C 220 3.14 42.37 -13.25
N SER C 221 3.42 42.13 -11.97
CA SER C 221 3.32 40.79 -11.40
C SER C 221 1.90 40.26 -11.44
N HIS C 222 1.00 40.88 -10.69
CA HIS C 222 -0.35 40.34 -10.53
C HIS C 222 -1.42 41.21 -11.18
N TYR C 223 -1.07 42.00 -12.18
CA TYR C 223 -2.09 42.73 -12.92
C TYR C 223 -2.78 41.82 -13.93
N ILE C 224 -2.02 40.96 -14.61
CA ILE C 224 -2.57 40.17 -15.71
C ILE C 224 -3.61 39.19 -15.19
N ASP C 225 -3.25 38.40 -14.18
CA ASP C 225 -4.22 37.50 -13.58
C ASP C 225 -5.40 38.27 -12.98
N ILE C 226 -5.13 39.47 -12.45
CA ILE C 226 -6.22 40.35 -12.04
C ILE C 226 -7.08 40.71 -13.24
N GLU C 227 -6.44 40.97 -14.39
CA GLU C 227 -7.19 41.26 -15.61
C GLU C 227 -8.02 40.05 -16.03
N ARG C 228 -7.59 38.85 -15.66
CA ARG C 228 -8.39 37.67 -15.91
C ARG C 228 -9.74 37.75 -15.20
N LYS C 229 -9.72 38.00 -13.89
CA LYS C 229 -10.96 38.09 -13.12
C LYS C 229 -11.51 39.51 -13.09
N LEU C 230 -10.86 40.44 -13.79
CA LEU C 230 -11.40 41.79 -13.90
C LEU C 230 -12.41 41.91 -15.02
N PHE C 231 -12.00 41.59 -16.25
CA PHE C 231 -12.92 41.66 -17.38
C PHE C 231 -13.88 40.48 -17.39
N ASP C 232 -13.52 39.38 -16.73
CA ASP C 232 -14.41 38.23 -16.68
C ASP C 232 -15.73 38.56 -15.98
N GLU C 233 -15.66 39.28 -14.87
CA GLU C 233 -16.88 39.72 -14.19
C GLU C 233 -17.69 40.64 -15.07
N THR C 234 -17.03 41.57 -15.78
CA THR C 234 -17.74 42.41 -16.73
C THR C 234 -18.21 41.60 -17.93
N CYS C 235 -17.38 40.66 -18.40
CA CYS C 235 -17.77 39.81 -19.51
C CYS C 235 -18.91 38.87 -19.10
N THR C 236 -18.77 38.21 -17.95
CA THR C 236 -19.81 37.32 -17.48
C THR C 236 -21.09 38.09 -17.17
N GLU C 237 -20.96 39.33 -16.69
CA GLU C 237 -22.13 40.15 -16.41
C GLU C 237 -22.80 40.60 -17.69
N HIS C 238 -22.02 41.19 -18.61
CA HIS C 238 -22.59 41.66 -19.87
C HIS C 238 -23.23 40.54 -20.67
N ALA C 239 -22.74 39.31 -20.51
CA ALA C 239 -23.41 38.16 -21.12
C ALA C 239 -24.82 38.01 -20.59
N LYS C 240 -25.03 38.37 -19.32
CA LYS C 240 -26.38 38.32 -18.75
C LYS C 240 -27.30 39.37 -19.34
N ALA C 241 -26.76 40.35 -20.05
CA ALA C 241 -27.60 41.36 -20.69
C ALA C 241 -28.53 40.74 -21.72
N PHE C 242 -27.96 40.15 -22.76
CA PHE C 242 -28.75 39.50 -23.81
C PHE C 242 -29.23 38.11 -23.41
N ALA C 243 -28.89 37.64 -22.20
CA ALA C 243 -29.34 36.32 -21.77
C ALA C 243 -30.86 36.26 -21.67
N LYS C 244 -31.45 37.15 -20.87
CA LYS C 244 -32.90 37.14 -20.70
C LYS C 244 -33.60 37.54 -22.00
N VAL C 245 -32.92 38.29 -22.85
CA VAL C 245 -33.54 38.73 -24.11
C VAL C 245 -33.81 37.54 -25.01
N CYS C 246 -32.81 36.71 -25.26
CA CYS C 246 -32.98 35.52 -26.11
C CYS C 246 -33.72 34.42 -25.39
N ILE C 247 -33.72 34.43 -24.04
CA ILE C 247 -34.33 33.37 -23.24
C ILE C 247 -35.85 33.43 -23.23
N GLN C 248 -36.45 34.34 -24.00
CA GLN C 248 -37.89 34.58 -23.95
C GLN C 248 -38.69 33.29 -24.19
N GLN C 249 -38.37 32.58 -25.27
CA GLN C 249 -39.12 31.35 -25.58
C GLN C 249 -38.74 30.18 -24.68
N PHE C 250 -37.80 30.37 -23.75
CA PHE C 250 -37.30 29.29 -22.91
C PHE C 250 -38.06 29.14 -21.60
N PHE C 251 -38.89 30.10 -21.22
CA PHE C 251 -39.58 30.03 -19.93
C PHE C 251 -40.56 28.86 -19.88
N GLU C 252 -41.62 28.93 -20.67
CA GLU C 252 -42.66 27.91 -20.66
C GLU C 252 -43.72 28.21 -21.72
N ALA C 253 -44.45 27.15 -22.09
CA ALA C 253 -45.50 27.28 -23.09
C ALA C 253 -46.29 25.98 -23.22
N MET C 254 -45.56 24.93 -23.57
CA MET C 254 -46.15 23.60 -23.72
C MET C 254 -46.42 22.97 -22.35
N ASN C 255 -45.36 22.66 -21.61
CA ASN C 255 -45.51 22.07 -20.29
C ASN C 255 -46.73 22.63 -19.57
N ALA D 30 -1.04 9.69 -20.50
CA ALA D 30 -2.14 8.87 -20.98
C ALA D 30 -1.75 8.13 -22.25
N SER D 31 -0.47 8.17 -22.58
CA SER D 31 0.07 7.52 -23.77
C SER D 31 1.00 6.36 -23.44
N ALA D 32 2.03 6.59 -22.63
CA ALA D 32 3.00 5.55 -22.34
C ALA D 32 2.40 4.40 -21.56
N GLN D 33 1.29 4.63 -20.84
CA GLN D 33 0.68 3.55 -20.07
C GLN D 33 0.19 2.43 -20.98
N MET D 34 -0.31 2.77 -22.17
CA MET D 34 -0.72 1.75 -23.12
C MET D 34 0.46 0.89 -23.54
N TYR D 35 1.65 1.47 -23.61
CA TYR D 35 2.83 0.72 -24.06
C TYR D 35 3.30 -0.32 -23.04
N SER D 36 2.74 -0.33 -21.83
CA SER D 36 3.19 -1.28 -20.82
C SER D 36 2.66 -2.68 -21.08
N ALA D 37 1.34 -2.81 -21.29
CA ALA D 37 0.72 -4.10 -21.49
C ALA D 37 0.43 -4.42 -22.95
N PHE D 38 0.42 -3.43 -23.83
CA PHE D 38 0.17 -3.66 -25.25
C PHE D 38 1.34 -4.45 -25.82
N ASP D 39 1.08 -5.72 -26.14
CA ASP D 39 2.17 -6.59 -26.57
C ASP D 39 2.65 -6.21 -27.96
N PHE D 40 3.77 -6.77 -28.37
CA PHE D 40 4.34 -6.54 -29.69
C PHE D 40 4.71 -7.90 -30.27
N ASN D 41 4.52 -8.07 -31.58
CA ASN D 41 4.63 -9.38 -32.21
C ASN D 41 5.81 -9.54 -33.14
N CYS D 42 5.96 -8.66 -34.12
CA CYS D 42 7.10 -8.71 -35.03
C CYS D 42 7.19 -10.02 -35.81
N PRO D 43 6.29 -10.26 -36.76
CA PRO D 43 6.29 -11.55 -37.46
C PRO D 43 7.50 -11.75 -38.36
N CYS D 44 8.33 -12.73 -38.04
CA CYS D 44 9.59 -12.95 -38.76
C CYS D 44 9.32 -13.62 -40.11
N LEU D 45 8.72 -12.85 -41.01
CA LEU D 45 8.50 -13.29 -42.37
C LEU D 45 9.03 -12.25 -43.35
N PRO D 46 9.86 -12.63 -44.30
CA PRO D 46 10.59 -11.64 -45.09
C PRO D 46 9.72 -10.93 -46.09
N GLY D 47 9.05 -9.88 -45.66
CA GLY D 47 8.25 -9.06 -46.57
C GLY D 47 6.99 -8.52 -45.94
N TYR D 48 6.51 -9.17 -44.88
CA TYR D 48 5.43 -8.59 -44.10
C TYR D 48 5.94 -7.67 -43.01
N ASN D 49 7.25 -7.67 -42.75
CA ASN D 49 7.80 -6.90 -41.64
C ASN D 49 7.51 -5.42 -41.79
N ALA D 50 7.67 -4.88 -42.99
CA ALA D 50 7.40 -3.47 -43.21
C ALA D 50 5.98 -3.09 -42.85
N ALA D 51 5.02 -3.98 -43.14
CA ALA D 51 3.64 -3.72 -42.78
C ALA D 51 3.46 -3.63 -41.27
N TYR D 52 3.73 -4.73 -40.56
CA TYR D 52 3.49 -4.76 -39.12
C TYR D 52 4.36 -3.75 -38.40
N SER D 53 5.54 -3.44 -38.94
CA SER D 53 6.37 -2.39 -38.37
C SER D 53 5.75 -1.03 -38.61
N ALA D 54 5.57 -0.65 -39.87
CA ALA D 54 5.00 0.65 -40.17
C ALA D 54 3.54 0.74 -39.75
N GLY D 55 2.89 -0.41 -39.56
CA GLY D 55 1.49 -0.38 -39.16
C GLY D 55 1.31 0.15 -37.75
N ILE D 56 2.22 -0.20 -36.85
CA ILE D 56 2.03 0.15 -35.44
C ILE D 56 2.53 1.54 -35.11
N LEU D 57 3.34 2.14 -35.99
CA LEU D 57 3.91 3.45 -35.73
C LEU D 57 3.04 4.59 -36.23
N LEU D 58 2.09 4.31 -37.12
CA LEU D 58 1.24 5.34 -37.71
C LEU D 58 -0.18 5.32 -37.17
N ALA D 59 -0.75 4.14 -36.97
CA ALA D 59 -2.16 4.04 -36.61
C ALA D 59 -2.48 4.66 -35.26
N PRO D 60 -1.81 4.32 -34.16
CA PRO D 60 -2.17 4.87 -32.85
C PRO D 60 -2.08 6.38 -32.81
N PRO D 61 -1.08 7.01 -33.44
CA PRO D 61 -1.12 8.48 -33.54
C PRO D 61 -2.39 9.00 -34.19
N LEU D 62 -2.74 8.48 -35.37
CA LEU D 62 -3.91 8.97 -36.07
C LEU D 62 -5.19 8.74 -35.27
N VAL D 63 -5.26 7.63 -34.53
CA VAL D 63 -6.45 7.37 -33.74
C VAL D 63 -6.44 8.18 -32.45
N LEU D 64 -5.27 8.39 -31.86
CA LEU D 64 -5.20 9.24 -30.67
C LEU D 64 -5.50 10.68 -31.00
N PHE D 65 -5.05 11.15 -32.17
CA PHE D 65 -5.26 12.53 -32.56
C PHE D 65 -6.75 12.84 -32.67
N LEU D 66 -7.45 12.16 -33.58
CA LEU D 66 -8.84 12.47 -33.82
C LEU D 66 -9.77 11.83 -32.80
N LEU D 67 -9.23 11.30 -31.70
CA LEU D 67 -10.06 10.85 -30.59
C LEU D 67 -10.16 11.91 -29.50
N GLY D 68 -9.03 12.47 -29.06
CA GLY D 68 -9.09 13.57 -28.12
C GLY D 68 -9.78 14.78 -28.69
N LEU D 69 -9.73 14.94 -30.02
CA LEU D 69 -10.47 16.02 -30.66
C LEU D 69 -11.97 15.87 -30.45
N VAL D 70 -12.47 14.64 -30.40
CA VAL D 70 -13.89 14.39 -30.15
C VAL D 70 -14.27 14.64 -28.71
N MET D 71 -13.30 14.88 -27.84
CA MET D 71 -13.59 15.07 -26.42
C MET D 71 -13.87 16.54 -26.10
N ASN D 72 -13.15 17.46 -26.74
CA ASN D 72 -13.38 18.88 -26.52
C ASN D 72 -14.78 19.26 -27.00
N ASN D 73 -15.60 19.76 -26.08
CA ASN D 73 -16.98 20.12 -26.37
C ASN D 73 -17.13 21.33 -27.28
N ASN D 74 -16.03 21.96 -27.69
CA ASN D 74 -16.07 23.11 -28.58
C ASN D 74 -15.97 22.73 -30.04
N VAL D 75 -16.41 21.52 -30.40
CA VAL D 75 -16.23 20.98 -31.74
C VAL D 75 -17.56 20.84 -32.48
N SER D 76 -18.63 20.54 -31.76
CA SER D 76 -19.89 20.13 -32.39
C SER D 76 -20.46 21.14 -33.37
N MET D 77 -20.85 22.31 -32.87
CA MET D 77 -21.43 23.32 -33.76
C MET D 77 -20.37 23.97 -34.62
N LEU D 78 -19.10 23.81 -34.25
CA LEU D 78 -18.03 24.54 -34.91
C LEU D 78 -17.93 24.18 -36.39
N ALA D 79 -18.01 22.90 -36.70
CA ALA D 79 -18.04 22.48 -38.10
C ALA D 79 -19.42 22.70 -38.72
N GLU D 80 -20.45 22.90 -37.91
CA GLU D 80 -21.79 23.08 -38.42
C GLU D 80 -21.86 24.30 -39.35
N GLU D 81 -21.61 25.48 -38.80
CA GLU D 81 -21.68 26.72 -39.56
C GLU D 81 -20.44 26.98 -40.40
N TRP D 82 -19.50 26.03 -40.45
CA TRP D 82 -18.26 26.21 -41.20
C TRP D 82 -18.39 25.80 -42.66
N LYS D 83 -19.61 25.70 -43.17
CA LYS D 83 -19.82 25.32 -44.56
C LYS D 83 -20.86 26.17 -45.28
N ARG D 84 -21.54 27.09 -44.61
CA ARG D 84 -22.60 27.87 -45.25
C ARG D 84 -22.08 28.75 -46.38
N PRO D 85 -21.03 29.58 -46.19
CA PRO D 85 -20.54 30.39 -47.31
C PRO D 85 -19.99 29.55 -48.45
N ALA D 94 -14.35 37.19 -38.73
CA ALA D 94 -14.92 36.45 -37.60
C ALA D 94 -13.86 35.62 -36.89
N VAL D 95 -14.29 34.52 -36.27
CA VAL D 95 -13.39 33.63 -35.54
C VAL D 95 -12.96 32.45 -36.42
N LEU D 96 -13.06 32.62 -37.74
CA LEU D 96 -12.83 31.51 -38.68
C LEU D 96 -11.45 30.89 -38.53
N ARG D 97 -10.45 31.69 -38.19
CA ARG D 97 -9.10 31.16 -38.02
C ARG D 97 -8.74 30.88 -36.56
N TYR D 98 -9.66 31.11 -35.64
CA TYR D 98 -9.52 30.68 -34.26
C TYR D 98 -10.57 29.63 -33.94
N MET D 99 -10.50 29.09 -32.72
CA MET D 99 -11.36 28.02 -32.22
C MET D 99 -11.14 26.72 -32.97
N PHE D 100 -10.15 26.64 -33.85
CA PHE D 100 -9.78 25.39 -34.49
C PHE D 100 -8.28 25.16 -34.31
N CYS D 101 -7.51 26.24 -34.23
CA CYS D 101 -6.10 26.11 -33.91
C CYS D 101 -5.92 25.72 -32.45
N SER D 102 -6.80 26.18 -31.56
CA SER D 102 -6.69 25.82 -30.16
C SER D 102 -6.89 24.33 -29.96
N MET D 103 -8.00 23.79 -30.49
CA MET D 103 -8.22 22.35 -30.43
C MET D 103 -7.10 21.58 -31.10
N ALA D 104 -6.56 22.13 -32.19
CA ALA D 104 -5.48 21.46 -32.90
C ALA D 104 -4.23 21.35 -32.06
N GLN D 105 -4.07 22.22 -31.06
CA GLN D 105 -2.87 22.20 -30.23
C GLN D 105 -3.03 21.26 -29.04
N ARG D 106 -4.03 21.50 -28.20
CA ARG D 106 -4.15 20.70 -26.98
C ARG D 106 -4.49 19.25 -27.27
N ALA D 107 -4.96 18.93 -28.47
CA ALA D 107 -5.26 17.55 -28.84
C ALA D 107 -4.16 16.92 -29.68
N LEU D 108 -3.07 17.64 -29.91
CA LEU D 108 -1.94 17.13 -30.69
C LEU D 108 -0.72 16.87 -29.81
N ILE D 109 -0.94 16.68 -28.51
CA ILE D 109 0.13 16.33 -27.59
C ILE D 109 0.15 14.82 -27.41
N ALA D 110 -1.02 14.20 -27.57
CA ALA D 110 -1.11 12.74 -27.44
C ALA D 110 -0.31 12.01 -28.52
N PRO D 111 -0.46 12.31 -29.80
CA PRO D 111 0.29 11.54 -30.81
C PRO D 111 1.79 11.74 -30.73
N VAL D 112 2.24 12.97 -30.48
CA VAL D 112 3.67 13.27 -30.57
C VAL D 112 4.43 12.57 -29.45
N VAL D 113 3.73 12.21 -28.37
CA VAL D 113 4.40 11.47 -27.30
C VAL D 113 4.34 9.98 -27.55
N TRP D 114 3.21 9.48 -28.09
CA TRP D 114 3.10 8.07 -28.40
C TRP D 114 3.83 7.69 -29.69
N VAL D 115 4.48 8.65 -30.34
CA VAL D 115 5.35 8.36 -31.48
C VAL D 115 6.81 8.53 -31.13
N ALA D 116 7.13 9.24 -30.04
CA ALA D 116 8.51 9.32 -29.58
C ALA D 116 8.88 8.13 -28.72
N VAL D 117 7.95 7.67 -27.89
CA VAL D 117 8.25 6.55 -27.00
C VAL D 117 8.46 5.28 -27.81
N THR D 118 7.88 5.20 -29.00
CA THR D 118 8.08 4.01 -29.82
C THR D 118 9.51 3.94 -30.36
N LEU D 119 10.06 5.09 -30.76
CA LEU D 119 11.42 5.10 -31.28
C LEU D 119 12.43 4.73 -30.19
N LEU D 120 12.29 5.35 -29.02
CA LEU D 120 13.31 5.20 -27.98
C LEU D 120 13.39 3.77 -27.47
N ASP D 121 12.30 3.01 -27.60
CA ASP D 121 12.33 1.63 -27.13
C ASP D 121 13.21 0.76 -28.01
N GLY D 122 13.04 0.87 -29.33
CA GLY D 122 13.86 0.16 -30.27
C GLY D 122 13.29 -1.15 -30.78
N LYS D 123 12.07 -1.50 -30.41
CA LYS D 123 11.45 -2.72 -30.91
C LYS D 123 10.67 -2.49 -32.19
N CYS D 124 10.31 -1.24 -32.51
CA CYS D 124 9.63 -0.97 -33.75
C CYS D 124 10.58 -0.82 -34.93
N PHE D 125 11.83 -0.46 -34.67
CA PHE D 125 12.80 -0.25 -35.72
C PHE D 125 13.56 -1.52 -36.08
N LEU D 126 13.92 -2.32 -35.08
CA LEU D 126 14.59 -3.60 -35.36
C LEU D 126 13.70 -4.49 -36.21
N CYS D 127 12.40 -4.43 -35.99
CA CYS D 127 11.48 -5.31 -36.70
C CYS D 127 11.42 -4.98 -38.17
N ALA D 128 11.74 -3.74 -38.55
CA ALA D 128 11.54 -3.33 -39.93
C ALA D 128 12.79 -3.50 -40.77
N PHE D 129 13.88 -2.85 -40.37
CA PHE D 129 15.10 -2.79 -41.18
C PHE D 129 16.07 -3.91 -40.88
N CYS D 130 15.59 -5.03 -40.35
CA CYS D 130 16.47 -6.16 -40.10
C CYS D 130 17.02 -6.76 -41.38
N THR D 131 16.35 -6.54 -42.51
CA THR D 131 16.71 -7.12 -43.79
C THR D 131 17.78 -6.30 -44.51
N ALA D 132 18.26 -5.22 -43.92
CA ALA D 132 19.19 -4.33 -44.60
C ALA D 132 20.37 -3.96 -43.70
N VAL D 133 20.88 -4.93 -42.96
CA VAL D 133 22.06 -4.70 -42.13
C VAL D 133 23.29 -5.18 -42.90
N PRO D 134 24.35 -4.38 -42.99
CA PRO D 134 25.55 -4.80 -43.73
C PRO D 134 26.17 -6.01 -43.08
N VAL D 135 26.22 -7.11 -43.84
CA VAL D 135 26.59 -8.40 -43.30
C VAL D 135 28.11 -8.58 -43.33
N SER D 136 28.68 -8.53 -44.53
CA SER D 136 30.10 -8.80 -44.72
C SER D 136 31.01 -7.83 -43.97
N ALA D 137 30.49 -6.67 -43.57
CA ALA D 137 31.27 -5.72 -42.80
C ALA D 137 30.43 -5.26 -41.61
N LEU D 138 31.11 -4.91 -40.52
CA LEU D 138 30.45 -4.40 -39.33
C LEU D 138 29.48 -5.43 -38.76
N GLY D 139 29.86 -6.71 -38.87
CA GLY D 139 29.04 -7.78 -38.32
C GLY D 139 29.80 -8.60 -37.30
N ALA D 144 30.90 -13.06 -42.24
CA ALA D 144 31.91 -12.88 -43.28
C ALA D 144 31.59 -13.62 -44.58
N PRO D 145 31.34 -14.94 -44.52
CA PRO D 145 31.03 -15.66 -45.75
C PRO D 145 29.64 -15.31 -46.28
N GLY D 146 29.50 -15.41 -47.60
CA GLY D 146 28.26 -15.09 -48.27
C GLY D 146 27.35 -16.30 -48.45
N LEU D 147 26.22 -16.06 -49.10
CA LEU D 147 25.20 -17.08 -49.29
C LEU D 147 24.28 -16.70 -50.45
N PRO D 148 23.35 -17.56 -50.84
CA PRO D 148 22.42 -17.19 -51.93
C PRO D 148 21.50 -16.07 -51.51
N ALA D 149 21.00 -15.35 -52.52
CA ALA D 149 20.22 -14.14 -52.25
C ALA D 149 18.88 -14.45 -51.59
N PRO D 150 17.97 -15.19 -52.23
CA PRO D 150 16.61 -15.29 -51.67
C PRO D 150 16.56 -15.98 -50.31
N GLU D 151 17.33 -17.05 -50.12
CA GLU D 151 17.32 -17.74 -48.84
C GLU D 151 17.86 -16.84 -47.73
N LEU D 152 18.83 -15.99 -48.05
CA LEU D 152 19.40 -15.09 -47.05
C LEU D 152 18.35 -14.19 -46.44
N ALA D 153 17.47 -13.64 -47.27
CA ALA D 153 16.37 -12.83 -46.76
C ALA D 153 15.47 -13.65 -45.84
N ARG D 154 15.33 -14.94 -46.13
CA ARG D 154 14.57 -15.81 -45.24
C ARG D 154 15.34 -16.16 -43.98
N LEU D 155 16.61 -15.78 -43.90
CA LEU D 155 17.39 -16.00 -42.68
C LEU D 155 17.53 -14.73 -41.86
N LEU D 156 18.08 -13.68 -42.46
CA LEU D 156 18.25 -12.42 -41.74
C LEU D 156 16.93 -11.84 -41.26
N ALA D 157 15.83 -12.14 -41.94
CA ALA D 157 14.55 -11.66 -41.47
C ALA D 157 14.14 -12.27 -40.15
N ARG D 158 14.79 -13.34 -39.72
CA ARG D 158 14.47 -14.01 -38.47
C ARG D 158 15.33 -13.55 -37.30
N VAL D 159 15.90 -12.35 -37.36
CA VAL D 159 16.74 -11.93 -36.25
C VAL D 159 16.17 -10.71 -35.52
N PRO D 160 14.89 -10.67 -35.16
CA PRO D 160 14.50 -9.89 -33.99
C PRO D 160 14.64 -10.74 -32.76
N CYS D 161 14.09 -10.25 -31.64
CA CYS D 161 13.98 -10.90 -30.35
C CYS D 161 13.77 -12.42 -30.35
N PRO D 162 12.95 -12.98 -31.26
CA PRO D 162 12.67 -14.43 -31.22
C PRO D 162 13.89 -15.33 -31.05
N GLU D 163 13.62 -16.51 -30.51
CA GLU D 163 14.62 -17.55 -30.25
C GLU D 163 14.51 -18.67 -31.27
N ILE D 164 14.25 -18.31 -32.53
CA ILE D 164 14.22 -19.27 -33.64
C ILE D 164 15.28 -18.93 -34.68
N TYR D 165 16.21 -18.04 -34.35
CA TYR D 165 17.25 -17.61 -35.28
C TYR D 165 18.16 -18.79 -35.63
N ASP D 166 18.58 -18.85 -36.89
CA ASP D 166 19.38 -19.98 -37.35
C ASP D 166 20.77 -19.98 -36.72
N GLY D 167 21.43 -18.82 -36.69
CA GLY D 167 22.64 -18.74 -35.89
C GLY D 167 23.93 -18.22 -36.51
N ASP D 168 24.88 -19.14 -36.67
CA ASP D 168 26.30 -18.79 -36.66
C ASP D 168 26.71 -17.87 -37.79
N TRP D 169 26.35 -18.22 -39.03
CA TRP D 169 27.02 -17.64 -40.19
C TRP D 169 26.81 -16.12 -40.26
N LEU D 170 27.91 -15.41 -40.49
CA LEU D 170 27.97 -14.00 -40.86
C LEU D 170 27.38 -13.05 -39.83
N LEU D 171 26.87 -13.55 -38.70
CA LEU D 171 26.26 -12.60 -37.79
C LEU D 171 25.93 -13.29 -36.49
N ALA D 172 26.24 -12.63 -35.37
CA ALA D 172 25.82 -13.06 -34.05
C ALA D 172 24.63 -12.21 -33.64
N ARG D 173 23.59 -12.83 -33.08
CA ARG D 173 22.34 -12.11 -32.86
C ARG D 173 22.52 -10.92 -31.94
N GLU D 174 23.37 -11.05 -30.93
CA GLU D 174 23.56 -9.94 -30.02
C GLU D 174 24.30 -8.78 -30.68
N VAL D 175 25.01 -9.03 -31.76
CA VAL D 175 25.70 -7.95 -32.47
C VAL D 175 24.78 -7.24 -33.45
N ALA D 176 23.85 -7.96 -34.08
CA ALA D 176 22.88 -7.32 -34.95
C ALA D 176 22.03 -6.34 -34.16
N VAL D 177 21.27 -6.83 -33.20
CA VAL D 177 20.60 -5.93 -32.29
C VAL D 177 21.64 -5.19 -31.46
N ARG D 178 21.21 -4.09 -30.84
CA ARG D 178 22.04 -3.12 -30.13
C ARG D 178 22.96 -2.35 -31.09
N TYR D 179 22.87 -2.64 -32.38
CA TYR D 179 23.34 -1.74 -33.42
C TYR D 179 22.18 -1.04 -34.11
N LEU D 180 21.11 -1.76 -34.41
CA LEU D 180 19.89 -1.12 -34.87
C LEU D 180 19.17 -0.41 -33.73
N ARG D 181 19.28 -0.94 -32.52
CA ARG D 181 18.75 -0.22 -31.36
C ARG D 181 19.48 1.09 -31.14
N CYS D 182 20.75 1.14 -31.53
CA CYS D 182 21.51 2.39 -31.44
C CYS D 182 20.98 3.43 -32.41
N ILE D 183 20.82 3.05 -33.67
CA ILE D 183 20.42 4.00 -34.71
C ILE D 183 19.02 4.54 -34.43
N SER D 184 18.18 3.74 -33.77
CA SER D 184 16.85 4.22 -33.44
C SER D 184 16.93 5.33 -32.40
N GLN D 185 17.60 5.05 -31.27
CA GLN D 185 17.61 6.01 -30.16
C GLN D 185 18.23 7.33 -30.57
N ALA D 186 19.33 7.29 -31.32
CA ALA D 186 19.92 8.52 -31.82
C ALA D 186 18.96 9.22 -32.76
N LEU D 187 18.35 8.46 -33.68
CA LEU D 187 17.31 9.04 -34.53
C LEU D 187 16.11 9.46 -33.71
N GLY D 188 15.88 8.79 -32.58
CA GLY D 188 14.76 9.16 -31.74
C GLY D 188 14.93 10.52 -31.10
N TRP D 189 16.03 10.70 -30.34
CA TRP D 189 16.28 11.98 -29.68
C TRP D 189 16.34 13.12 -30.70
N SER D 190 16.88 12.84 -31.89
CA SER D 190 16.87 13.86 -32.94
C SER D 190 15.44 14.25 -33.31
N PHE D 191 14.50 13.31 -33.18
CA PHE D 191 13.11 13.66 -33.46
C PHE D 191 12.58 14.65 -32.43
N VAL D 192 12.69 14.30 -31.14
CA VAL D 192 12.05 15.11 -30.12
C VAL D 192 12.64 16.52 -30.06
N LEU D 193 13.91 16.67 -30.45
CA LEU D 193 14.47 18.01 -30.60
C LEU D 193 13.78 18.76 -31.72
N LEU D 194 13.45 18.05 -32.80
CA LEU D 194 12.78 18.70 -33.92
C LEU D 194 11.36 19.12 -33.56
N THR D 195 10.79 18.54 -32.51
CA THR D 195 9.44 18.89 -32.09
C THR D 195 9.43 19.89 -30.95
N THR D 196 10.18 19.62 -29.87
CA THR D 196 10.18 20.52 -28.73
C THR D 196 10.71 21.90 -29.10
N LEU D 197 11.67 21.97 -30.02
CA LEU D 197 12.07 23.25 -30.55
C LEU D 197 10.95 23.87 -31.36
N LEU D 198 10.25 23.06 -32.15
CA LEU D 198 9.11 23.54 -32.91
C LEU D 198 7.96 23.96 -32.01
N ALA D 199 7.91 23.43 -30.79
CA ALA D 199 6.94 23.88 -29.80
C ALA D 199 7.38 25.16 -29.11
N PHE D 200 8.50 25.74 -29.52
CA PHE D 200 8.98 26.99 -28.95
C PHE D 200 8.62 28.21 -29.80
N VAL D 201 8.17 28.01 -31.03
CA VAL D 201 7.79 29.14 -31.88
C VAL D 201 6.31 29.44 -31.76
N VAL D 202 5.47 28.41 -31.65
CA VAL D 202 4.03 28.62 -31.55
C VAL D 202 3.66 29.26 -30.23
N ARG D 203 4.33 28.86 -29.16
CA ARG D 203 4.11 29.46 -27.85
C ARG D 203 4.95 30.72 -27.62
N SER D 204 5.70 31.16 -28.62
CA SER D 204 6.47 32.38 -28.52
C SER D 204 6.23 33.35 -29.68
N VAL D 205 5.63 32.88 -30.77
CA VAL D 205 5.22 33.74 -31.87
C VAL D 205 3.70 33.79 -31.84
N ARG D 206 3.13 34.69 -32.63
CA ARG D 206 1.69 34.92 -32.60
C ARG D 206 1.05 34.44 -33.90
N PRO D 207 0.91 33.13 -34.10
CA PRO D 207 0.25 32.64 -35.31
C PRO D 207 -1.19 33.11 -35.45
N CYS D 208 -2.02 32.80 -34.46
CA CYS D 208 -3.42 33.24 -34.40
C CYS D 208 -3.74 33.75 -33.02
N PHE D 209 -2.85 34.57 -32.47
CA PHE D 209 -2.92 35.06 -31.10
C PHE D 209 -2.94 36.59 -31.16
N THR D 210 -4.13 37.16 -31.34
CA THR D 210 -4.27 38.61 -31.44
C THR D 210 -5.68 38.98 -31.07
N GLN D 211 -5.94 40.28 -30.98
CA GLN D 211 -7.26 40.79 -30.64
C GLN D 211 -8.10 41.05 -31.90
N ALA D 212 -8.15 40.07 -32.79
CA ALA D 212 -9.01 40.12 -33.96
C ALA D 212 -10.25 39.28 -33.81
N ALA D 213 -10.09 38.02 -33.39
CA ALA D 213 -11.21 37.17 -33.02
C ALA D 213 -11.02 36.48 -31.69
N PHE D 214 -9.78 36.40 -31.17
CA PHE D 214 -9.53 35.76 -29.88
C PHE D 214 -10.32 36.46 -28.79
N LEU D 215 -10.22 37.78 -28.71
CA LEU D 215 -11.01 38.52 -27.74
C LEU D 215 -12.50 38.36 -28.00
N LYS D 216 -12.92 38.44 -29.26
CA LYS D 216 -14.32 38.26 -29.58
C LYS D 216 -14.79 36.85 -29.24
N SER D 217 -14.03 35.85 -29.65
CA SER D 217 -14.35 34.46 -29.31
C SER D 217 -14.36 34.24 -27.79
N LYS D 218 -13.56 35.01 -27.05
CA LYS D 218 -13.62 34.94 -25.59
C LYS D 218 -15.01 35.24 -25.07
N TYR D 219 -15.76 36.08 -25.79
CA TYR D 219 -17.12 36.42 -25.39
C TYR D 219 -18.04 35.21 -25.45
N TRP D 220 -17.68 34.17 -26.20
CA TRP D 220 -18.46 32.94 -26.24
C TRP D 220 -18.07 31.99 -25.12
N SER D 221 -17.11 32.37 -24.28
CA SER D 221 -16.46 31.42 -23.38
C SER D 221 -17.44 30.83 -22.38
N HIS D 222 -17.97 31.66 -21.48
CA HIS D 222 -18.78 31.16 -20.37
C HIS D 222 -20.25 31.56 -20.47
N TYR D 223 -20.73 31.84 -21.68
CA TYR D 223 -22.17 32.07 -21.84
C TYR D 223 -22.94 30.75 -21.86
N ILE D 224 -22.40 29.75 -22.54
CA ILE D 224 -23.16 28.51 -22.76
C ILE D 224 -23.39 27.79 -21.44
N ASP D 225 -22.34 27.57 -20.66
CA ASP D 225 -22.50 26.97 -19.35
C ASP D 225 -23.38 27.84 -18.45
N ILE D 226 -23.29 29.16 -18.62
CA ILE D 226 -24.21 30.06 -17.94
C ILE D 226 -25.64 29.77 -18.41
N GLU D 227 -25.81 29.54 -19.72
CA GLU D 227 -27.12 29.19 -20.24
C GLU D 227 -27.61 27.87 -19.68
N ARG D 228 -26.68 26.99 -19.27
CA ARG D 228 -27.07 25.77 -18.59
C ARG D 228 -27.80 26.07 -17.29
N LYS D 229 -27.19 26.87 -16.42
CA LYS D 229 -27.81 27.21 -15.14
C LYS D 229 -28.69 28.45 -15.24
N LEU D 230 -28.84 29.01 -16.44
CA LEU D 230 -29.75 30.13 -16.62
C LEU D 230 -31.18 29.66 -16.88
N PHE D 231 -31.38 28.85 -17.92
CA PHE D 231 -32.71 28.34 -18.21
C PHE D 231 -33.10 27.22 -17.26
N ASP D 232 -32.11 26.56 -16.64
CA ASP D 232 -32.42 25.49 -15.71
C ASP D 232 -33.22 26.01 -14.51
N GLU D 233 -32.82 27.15 -13.96
CA GLU D 233 -33.58 27.76 -12.87
C GLU D 233 -34.99 28.12 -13.32
N THR D 234 -35.12 28.68 -14.53
CA THR D 234 -36.45 28.94 -15.07
C THR D 234 -37.17 27.65 -15.40
N CYS D 235 -36.45 26.67 -15.94
CA CYS D 235 -37.06 25.37 -16.24
C CYS D 235 -37.44 24.65 -14.96
N THR D 236 -36.53 24.58 -13.99
CA THR D 236 -36.83 23.93 -12.73
C THR D 236 -37.94 24.66 -11.99
N GLU D 237 -37.98 25.99 -12.10
CA GLU D 237 -39.03 26.77 -11.45
C GLU D 237 -40.37 26.54 -12.13
N HIS D 238 -40.42 26.70 -13.46
CA HIS D 238 -41.66 26.53 -14.19
C HIS D 238 -42.22 25.12 -14.03
N ALA D 239 -41.35 24.12 -13.81
CA ALA D 239 -41.82 22.78 -13.48
C ALA D 239 -42.63 22.78 -12.20
N LYS D 240 -42.26 23.65 -11.26
CA LYS D 240 -43.01 23.77 -10.01
C LYS D 240 -44.39 24.38 -10.22
N ALA D 241 -44.64 24.97 -11.39
CA ALA D 241 -45.97 25.52 -11.66
C ALA D 241 -47.04 24.44 -11.65
N PHE D 242 -46.93 23.49 -12.57
CA PHE D 242 -47.88 22.38 -12.65
C PHE D 242 -47.60 21.29 -11.63
N ALA D 243 -46.57 21.44 -10.80
CA ALA D 243 -46.27 20.42 -9.79
C ALA D 243 -47.41 20.31 -8.78
N LYS D 244 -47.76 21.41 -8.12
CA LYS D 244 -48.82 21.37 -7.13
C LYS D 244 -50.16 21.10 -7.77
N VAL D 245 -50.31 21.43 -9.06
CA VAL D 245 -51.59 21.21 -9.74
C VAL D 245 -51.88 19.72 -9.85
N CYS D 246 -50.95 18.94 -10.38
CA CYS D 246 -51.13 17.50 -10.51
C CYS D 246 -50.99 16.78 -9.17
N ILE D 247 -50.30 17.40 -8.20
CA ILE D 247 -50.03 16.78 -6.91
C ILE D 247 -51.24 16.72 -6.01
N GLN D 248 -52.42 17.15 -6.49
CA GLN D 248 -53.62 17.27 -5.67
C GLN D 248 -53.95 15.96 -4.94
N GLN D 249 -54.03 14.86 -5.69
CA GLN D 249 -54.38 13.58 -5.08
C GLN D 249 -53.23 12.97 -4.28
N PHE D 250 -52.07 13.62 -4.23
CA PHE D 250 -50.90 13.07 -3.57
C PHE D 250 -50.78 13.47 -2.10
N PHE D 251 -51.55 14.44 -1.63
CA PHE D 251 -51.41 14.91 -0.26
C PHE D 251 -51.78 13.82 0.74
N GLU D 252 -53.06 13.45 0.79
CA GLU D 252 -53.54 12.47 1.74
C GLU D 252 -55.03 12.18 1.53
N ALA D 253 -55.46 11.02 2.02
CA ALA D 253 -56.85 10.61 1.89
C ALA D 253 -57.13 9.34 2.69
N MET D 254 -56.38 8.30 2.33
CA MET D 254 -56.49 7.01 3.00
C MET D 254 -55.80 7.04 4.37
N ASN D 255 -54.47 7.18 4.37
CA ASN D 255 -53.72 7.23 5.61
C ASN D 255 -54.51 7.96 6.70
N ALA E 30 -14.51 -0.66 -17.44
CA ALA E 30 -15.37 -1.69 -16.86
C ALA E 30 -15.47 -2.89 -17.79
N SER E 31 -14.64 -2.92 -18.82
CA SER E 31 -14.62 -3.99 -19.80
C SER E 31 -13.33 -4.80 -19.76
N ALA E 32 -12.17 -4.16 -19.86
CA ALA E 32 -10.91 -4.89 -19.90
C ALA E 32 -10.61 -5.60 -18.60
N GLN E 33 -11.19 -5.16 -17.48
CA GLN E 33 -10.94 -5.81 -16.20
C GLN E 33 -11.43 -7.26 -16.21
N MET E 34 -12.55 -7.52 -16.89
CA MET E 34 -13.03 -8.89 -17.00
C MET E 34 -12.03 -9.76 -17.74
N TYR E 35 -11.31 -9.19 -18.70
CA TYR E 35 -10.36 -9.98 -19.49
C TYR E 35 -9.13 -10.40 -18.72
N SER E 36 -8.95 -9.92 -17.49
CA SER E 36 -7.76 -10.26 -16.72
C SER E 36 -7.86 -11.68 -16.13
N ALA E 37 -8.97 -11.97 -15.46
CA ALA E 37 -9.16 -13.26 -14.81
C ALA E 37 -10.03 -14.23 -15.61
N PHE E 38 -10.81 -13.73 -16.56
CA PHE E 38 -11.66 -14.59 -17.38
C PHE E 38 -10.77 -15.48 -18.23
N ASP E 39 -10.73 -16.76 -17.91
CA ASP E 39 -9.81 -17.65 -18.60
C ASP E 39 -10.27 -17.91 -20.03
N PHE E 40 -9.41 -18.51 -20.83
CA PHE E 40 -9.70 -18.86 -22.20
C PHE E 40 -9.28 -20.31 -22.43
N ASN E 41 -10.04 -21.06 -23.22
CA ASN E 41 -9.86 -22.50 -23.31
C ASN E 41 -9.34 -22.97 -24.66
N CYS E 42 -10.01 -22.62 -25.75
CA CYS E 42 -9.55 -22.99 -27.08
C CYS E 42 -9.46 -24.50 -27.29
N PRO E 43 -10.59 -25.20 -27.36
CA PRO E 43 -10.54 -26.67 -27.46
C PRO E 43 -9.97 -27.17 -28.78
N CYS E 44 -8.83 -27.84 -28.74
CA CYS E 44 -8.12 -28.26 -29.95
C CYS E 44 -8.81 -29.48 -30.56
N LEU E 45 -10.01 -29.25 -31.11
CA LEU E 45 -10.74 -30.27 -31.83
C LEU E 45 -11.15 -29.74 -33.19
N PRO E 46 -10.86 -30.45 -34.26
CA PRO E 46 -11.01 -29.86 -35.60
C PRO E 46 -12.46 -29.75 -36.04
N GLY E 47 -13.11 -28.67 -35.65
CA GLY E 47 -14.47 -28.41 -36.09
C GLY E 47 -15.32 -27.74 -35.04
N TYR E 48 -14.95 -27.88 -33.77
CA TYR E 48 -15.59 -27.09 -32.73
C TYR E 48 -14.92 -25.74 -32.54
N ASN E 49 -13.75 -25.53 -33.13
CA ASN E 49 -12.99 -24.30 -32.91
C ASN E 49 -13.78 -23.07 -33.32
N ALA E 50 -14.45 -23.13 -34.46
CA ALA E 50 -15.22 -21.98 -34.92
C ALA E 50 -16.29 -21.59 -33.91
N ALA E 51 -16.91 -22.58 -33.26
CA ALA E 51 -17.91 -22.28 -32.25
C ALA E 51 -17.31 -21.54 -31.06
N TYR E 52 -16.37 -22.18 -30.36
CA TYR E 52 -15.80 -21.58 -29.15
C TYR E 52 -15.07 -20.29 -29.47
N SER E 53 -14.52 -20.18 -30.68
CA SER E 53 -13.90 -18.92 -31.10
C SER E 53 -14.96 -17.85 -31.33
N ALA E 54 -15.88 -18.11 -32.26
CA ALA E 54 -16.91 -17.12 -32.56
C ALA E 54 -17.88 -16.96 -31.40
N GLY E 55 -17.93 -17.94 -30.50
CA GLY E 55 -18.84 -17.84 -29.37
C GLY E 55 -18.43 -16.74 -28.40
N ILE E 56 -17.12 -16.58 -28.18
CA ILE E 56 -16.67 -15.66 -27.15
C ILE E 56 -16.55 -14.24 -27.66
N LEU E 57 -16.56 -14.04 -28.97
CA LEU E 57 -16.39 -12.71 -29.54
C LEU E 57 -17.72 -11.99 -29.77
N LEU E 58 -18.84 -12.70 -29.75
CA LEU E 58 -20.15 -12.11 -30.00
C LEU E 58 -20.99 -11.99 -28.73
N ALA E 59 -20.95 -12.99 -27.87
CA ALA E 59 -21.85 -13.02 -26.71
C ALA E 59 -21.62 -11.88 -25.73
N PRO E 60 -20.41 -11.64 -25.23
CA PRO E 60 -20.20 -10.59 -24.23
C PRO E 60 -20.60 -9.22 -24.73
N PRO E 61 -20.33 -8.88 -26.00
CA PRO E 61 -20.90 -7.62 -26.52
C PRO E 61 -22.40 -7.53 -26.39
N LEU E 62 -23.12 -8.55 -26.88
CA LEU E 62 -24.57 -8.52 -26.85
C LEU E 62 -25.10 -8.46 -25.41
N VAL E 63 -24.41 -9.11 -24.49
CA VAL E 63 -24.87 -9.08 -23.10
C VAL E 63 -24.46 -7.78 -22.43
N LEU E 64 -23.29 -7.24 -22.78
CA LEU E 64 -22.90 -5.95 -22.20
C LEU E 64 -23.77 -4.83 -22.73
N PHE E 65 -24.17 -4.91 -24.00
CA PHE E 65 -24.99 -3.86 -24.60
C PHE E 65 -26.32 -3.75 -23.88
N LEU E 66 -27.13 -4.81 -23.92
CA LEU E 66 -28.46 -4.76 -23.34
C LEU E 66 -28.47 -4.92 -21.83
N LEU E 67 -27.30 -4.86 -21.19
CA LEU E 67 -27.23 -4.82 -19.73
C LEU E 67 -27.10 -3.40 -19.22
N GLY E 68 -26.16 -2.62 -19.75
CA GLY E 68 -26.08 -1.22 -19.39
C GLY E 68 -27.32 -0.45 -19.78
N LEU E 69 -28.02 -0.90 -20.82
CA LEU E 69 -29.28 -0.29 -21.19
C LEU E 69 -30.30 -0.42 -20.08
N VAL E 70 -30.28 -1.54 -19.35
CA VAL E 70 -31.20 -1.75 -18.23
C VAL E 70 -30.84 -0.90 -17.02
N MET E 71 -29.70 -0.24 -17.06
CA MET E 71 -29.27 0.55 -15.91
C MET E 71 -29.80 1.98 -15.97
N ASN E 72 -29.85 2.57 -17.17
CA ASN E 72 -30.40 3.91 -17.32
C ASN E 72 -31.87 3.94 -16.95
N ASN E 73 -32.21 4.74 -15.95
CA ASN E 73 -33.57 4.82 -15.43
C ASN E 73 -34.55 5.48 -16.40
N ASN E 74 -34.09 5.94 -17.56
CA ASN E 74 -34.95 6.56 -18.56
C ASN E 74 -35.50 5.57 -19.56
N VAL E 75 -35.65 4.30 -19.17
CA VAL E 75 -36.02 3.23 -20.09
C VAL E 75 -37.41 2.68 -19.78
N SER E 76 -37.79 2.65 -18.51
CA SER E 76 -38.98 1.92 -18.08
C SER E 76 -40.26 2.34 -18.77
N MET E 77 -40.69 3.58 -18.54
CA MET E 77 -41.94 4.03 -19.16
C MET E 77 -41.76 4.30 -20.64
N LEU E 78 -40.50 4.41 -21.09
CA LEU E 78 -40.22 4.85 -22.45
C LEU E 78 -40.80 3.86 -23.47
N ALA E 79 -40.61 2.57 -23.24
CA ALA E 79 -41.21 1.58 -24.11
C ALA E 79 -42.69 1.39 -23.82
N GLU E 80 -43.15 1.86 -22.65
CA GLU E 80 -44.55 1.69 -22.28
C GLU E 80 -45.48 2.35 -23.30
N GLU E 81 -45.38 3.67 -23.43
CA GLU E 81 -46.23 4.43 -24.33
C GLU E 81 -45.76 4.37 -25.78
N TRP E 82 -44.73 3.58 -26.08
CA TRP E 82 -44.19 3.48 -27.44
C TRP E 82 -44.91 2.45 -28.30
N LYS E 83 -46.11 2.04 -27.90
CA LYS E 83 -46.87 1.07 -28.66
C LYS E 83 -48.34 1.43 -28.84
N ARG E 84 -48.83 2.50 -28.22
CA ARG E 84 -50.25 2.83 -28.30
C ARG E 84 -50.71 3.15 -29.72
N PRO E 85 -50.05 4.03 -30.48
CA PRO E 85 -50.50 4.30 -31.85
C PRO E 85 -50.38 3.08 -32.76
N ALA E 94 -43.38 14.65 -31.50
CA ALA E 94 -43.02 14.45 -30.10
C ALA E 94 -41.53 14.12 -29.96
N VAL E 95 -41.20 13.39 -28.90
CA VAL E 95 -39.82 12.99 -28.62
C VAL E 95 -39.56 11.58 -29.15
N LEU E 96 -40.37 11.11 -30.10
CA LEU E 96 -40.30 9.73 -30.57
C LEU E 96 -38.93 9.35 -31.10
N ARG E 97 -38.21 10.29 -31.70
CA ARG E 97 -36.88 10.00 -32.23
C ARG E 97 -35.76 10.42 -31.29
N TYR E 98 -36.10 10.97 -30.13
CA TYR E 98 -35.12 11.23 -29.08
C TYR E 98 -35.45 10.36 -27.87
N MET E 99 -34.60 10.43 -26.85
CA MET E 99 -34.68 9.64 -25.64
C MET E 99 -34.47 8.15 -25.89
N PHE E 100 -34.11 7.76 -27.11
CA PHE E 100 -33.74 6.38 -27.40
C PHE E 100 -32.38 6.37 -28.09
N CYS E 101 -32.08 7.43 -28.85
CA CYS E 101 -30.76 7.56 -29.41
C CYS E 101 -29.73 7.89 -28.34
N SER E 102 -30.12 8.63 -27.31
CA SER E 102 -29.20 8.95 -26.23
C SER E 102 -28.78 7.68 -25.50
N MET E 103 -29.75 6.89 -25.05
CA MET E 103 -29.43 5.62 -24.39
C MET E 103 -28.63 4.71 -25.33
N ALA E 104 -28.95 4.75 -26.62
CA ALA E 104 -28.23 3.91 -27.57
C ALA E 104 -26.77 4.28 -27.68
N GLN E 105 -26.42 5.52 -27.33
CA GLN E 105 -25.04 5.96 -27.45
C GLN E 105 -24.24 5.65 -26.18
N ARG E 106 -24.68 6.17 -25.03
CA ARG E 106 -23.89 6.00 -23.82
C ARG E 106 -23.83 4.55 -23.36
N ALA E 107 -24.72 3.69 -23.84
CA ALA E 107 -24.71 2.27 -23.50
C ALA E 107 -24.06 1.42 -24.58
N LEU E 108 -23.54 2.03 -25.63
CA LEU E 108 -22.88 1.31 -26.71
C LEU E 108 -21.38 1.56 -26.72
N ILE E 109 -20.83 1.96 -25.58
CA ILE E 109 -19.39 2.14 -25.45
C ILE E 109 -18.80 0.87 -24.84
N ALA E 110 -19.60 0.16 -24.05
CA ALA E 110 -19.13 -1.08 -23.44
C ALA E 110 -18.81 -2.15 -24.48
N PRO E 111 -19.69 -2.47 -25.43
CA PRO E 111 -19.35 -3.56 -26.36
C PRO E 111 -18.19 -3.23 -27.28
N VAL E 112 -18.12 -2.00 -27.76
CA VAL E 112 -17.11 -1.67 -28.77
C VAL E 112 -15.71 -1.73 -28.19
N VAL E 113 -15.59 -1.61 -26.87
CA VAL E 113 -14.27 -1.75 -26.25
C VAL E 113 -13.97 -3.19 -25.93
N TRP E 114 -14.97 -3.96 -25.49
CA TRP E 114 -14.78 -5.37 -25.19
C TRP E 114 -14.72 -6.22 -26.45
N VAL E 115 -14.85 -5.62 -27.62
CA VAL E 115 -14.66 -6.33 -28.88
C VAL E 115 -13.37 -5.91 -29.57
N ALA E 116 -12.79 -4.77 -29.19
CA ALA E 116 -11.49 -4.39 -29.73
C ALA E 116 -10.36 -5.03 -28.93
N VAL E 117 -10.52 -5.13 -27.62
CA VAL E 117 -9.46 -5.71 -26.79
C VAL E 117 -9.29 -7.19 -27.10
N THR E 118 -10.35 -7.84 -27.60
CA THR E 118 -10.23 -9.25 -27.94
C THR E 118 -9.34 -9.45 -29.16
N LEU E 119 -9.49 -8.58 -30.17
CA LEU E 119 -8.68 -8.71 -31.37
C LEU E 119 -7.20 -8.46 -31.07
N LEU E 120 -6.90 -7.39 -30.33
CA LEU E 120 -5.51 -6.99 -30.13
C LEU E 120 -4.73 -8.03 -29.35
N ASP E 121 -5.41 -8.85 -28.54
CA ASP E 121 -4.69 -9.86 -27.77
C ASP E 121 -4.17 -10.96 -28.67
N GLY E 122 -5.02 -11.47 -29.57
CA GLY E 122 -4.61 -12.47 -30.52
C GLY E 122 -4.91 -13.90 -30.13
N LYS E 123 -5.57 -14.13 -29.01
CA LYS E 123 -5.93 -15.49 -28.62
C LYS E 123 -7.29 -15.92 -29.15
N CYS E 124 -8.14 -14.98 -29.57
CA CYS E 124 -9.41 -15.34 -30.15
C CYS E 124 -9.30 -15.67 -31.63
N PHE E 125 -8.30 -15.14 -32.32
CA PHE E 125 -8.13 -15.35 -33.74
C PHE E 125 -7.30 -16.60 -34.05
N LEU E 126 -6.24 -16.83 -33.28
CA LEU E 126 -5.44 -18.04 -33.48
C LEU E 126 -6.29 -19.29 -33.28
N CYS E 127 -7.24 -19.23 -32.35
CA CYS E 127 -8.04 -20.40 -32.03
C CYS E 127 -8.96 -20.77 -33.18
N ALA E 128 -9.30 -19.82 -34.04
CA ALA E 128 -10.30 -20.08 -35.06
C ALA E 128 -9.68 -20.52 -36.37
N PHE E 129 -8.82 -19.68 -36.95
CA PHE E 129 -8.29 -19.91 -38.29
C PHE E 129 -7.00 -20.70 -38.30
N CYS E 130 -6.75 -21.50 -37.27
CA CYS E 130 -5.55 -22.32 -37.26
C CYS E 130 -5.59 -23.39 -38.34
N THR E 131 -6.77 -23.75 -38.82
CA THR E 131 -6.95 -24.82 -39.79
C THR E 131 -6.74 -24.34 -41.22
N ALA E 132 -6.41 -23.07 -41.43
CA ALA E 132 -6.30 -22.52 -42.77
C ALA E 132 -5.03 -21.70 -42.94
N VAL E 133 -3.92 -22.19 -42.40
CA VAL E 133 -2.63 -21.53 -42.58
C VAL E 133 -1.91 -22.22 -43.73
N PRO E 134 -1.37 -21.47 -44.70
CA PRO E 134 -0.66 -22.09 -45.82
C PRO E 134 0.56 -22.83 -45.33
N VAL E 135 0.56 -24.14 -45.57
CA VAL E 135 1.56 -25.03 -44.99
C VAL E 135 2.81 -25.09 -45.87
N SER E 136 2.63 -25.54 -47.11
CA SER E 136 3.74 -25.77 -48.01
C SER E 136 4.53 -24.51 -48.32
N ALA E 137 3.96 -23.33 -48.10
CA ALA E 137 4.66 -22.08 -48.30
C ALA E 137 4.46 -21.20 -47.08
N LEU E 138 5.44 -20.34 -46.81
CA LEU E 138 5.37 -19.40 -45.70
C LEU E 138 5.23 -20.13 -44.36
N GLY E 139 5.88 -21.29 -44.26
CA GLY E 139 5.86 -22.05 -43.03
C GLY E 139 7.26 -22.28 -42.48
N ALA E 144 7.04 -28.38 -45.32
CA ALA E 144 7.25 -28.62 -46.74
C ALA E 144 6.56 -29.89 -47.27
N PRO E 145 6.83 -31.04 -46.66
CA PRO E 145 6.18 -32.27 -47.13
C PRO E 145 4.69 -32.30 -46.79
N GLY E 146 3.93 -32.99 -47.64
CA GLY E 146 2.50 -33.10 -47.49
C GLY E 146 2.08 -34.32 -46.68
N LEU E 147 0.77 -34.48 -46.55
CA LEU E 147 0.19 -35.55 -45.74
C LEU E 147 -1.26 -35.80 -46.15
N PRO E 148 -1.92 -36.81 -45.60
CA PRO E 148 -3.34 -37.04 -45.95
C PRO E 148 -4.22 -35.91 -45.46
N ALA E 149 -5.37 -35.76 -46.12
CA ALA E 149 -6.24 -34.62 -45.85
C ALA E 149 -6.86 -34.69 -44.46
N PRO E 150 -7.68 -35.71 -44.13
CA PRO E 150 -8.44 -35.65 -42.86
C PRO E 150 -7.56 -35.66 -41.62
N GLU E 151 -6.49 -36.46 -41.62
CA GLU E 151 -5.62 -36.50 -40.45
C GLU E 151 -4.92 -35.17 -40.25
N LEU E 152 -4.58 -34.48 -41.34
CA LEU E 152 -3.90 -33.19 -41.24
C LEU E 152 -4.72 -32.19 -40.45
N ALA E 153 -6.03 -32.14 -40.70
CA ALA E 153 -6.90 -31.26 -39.93
C ALA E 153 -6.87 -31.64 -38.45
N ARG E 154 -6.71 -32.94 -38.16
CA ARG E 154 -6.58 -33.36 -36.78
C ARG E 154 -5.21 -33.05 -36.21
N LEU E 155 -4.28 -32.58 -37.04
CA LEU E 155 -2.96 -32.18 -36.56
C LEU E 155 -2.84 -30.67 -36.44
N LEU E 156 -3.05 -29.96 -37.55
CA LEU E 156 -2.96 -28.51 -37.53
C LEU E 156 -3.94 -27.87 -36.57
N ALA E 157 -5.07 -28.52 -36.30
CA ALA E 157 -6.00 -27.98 -35.34
C ALA E 157 -5.45 -27.96 -33.92
N ARG E 158 -4.36 -28.66 -33.67
CA ARG E 158 -3.76 -28.73 -32.34
C ARG E 158 -2.63 -27.73 -32.17
N VAL E 159 -2.59 -26.65 -32.93
CA VAL E 159 -1.48 -25.71 -32.76
C VAL E 159 -1.95 -24.33 -32.28
N PRO E 160 -2.80 -24.23 -31.26
CA PRO E 160 -2.77 -23.04 -30.42
C PRO E 160 -1.73 -23.23 -29.32
N CYS E 161 -1.77 -22.34 -28.34
CA CYS E 161 -0.97 -22.34 -27.11
C CYS E 161 -0.65 -23.71 -26.51
N PRO E 162 -1.58 -24.67 -26.49
CA PRO E 162 -1.32 -25.96 -25.84
C PRO E 162 0.02 -26.61 -26.16
N GLU E 163 0.47 -27.43 -25.22
CA GLU E 163 1.74 -28.17 -25.32
C GLU E 163 1.49 -29.63 -25.63
N ILE E 164 0.52 -29.90 -26.50
CA ILE E 164 0.24 -31.24 -27.00
C ILE E 164 0.43 -31.34 -28.50
N TYR E 165 1.06 -30.33 -29.11
CA TYR E 165 1.26 -30.30 -30.54
C TYR E 165 2.19 -31.42 -30.98
N ASP E 166 1.88 -32.02 -32.13
CA ASP E 166 2.65 -33.18 -32.59
C ASP E 166 4.08 -32.80 -32.97
N GLY E 167 4.24 -31.70 -33.71
CA GLY E 167 5.59 -31.18 -33.88
C GLY E 167 6.13 -30.91 -35.27
N ASP E 168 7.11 -31.72 -35.68
CA ASP E 168 8.12 -31.31 -36.63
C ASP E 168 7.56 -30.97 -38.01
N TRP E 169 6.75 -31.86 -38.59
CA TRP E 169 6.49 -31.82 -40.03
C TRP E 169 5.80 -30.52 -40.42
N LEU E 170 6.32 -29.91 -41.49
CA LEU E 170 5.73 -28.81 -42.25
C LEU E 170 5.48 -27.54 -41.44
N LEU E 171 5.81 -27.52 -40.16
CA LEU E 171 5.50 -26.31 -39.42
C LEU E 171 6.13 -26.36 -38.04
N ALA E 172 6.73 -25.25 -37.64
CA ALA E 172 7.22 -25.07 -36.28
C ALA E 172 6.21 -24.21 -35.54
N ARG E 173 5.88 -24.59 -34.30
CA ARG E 173 4.76 -23.94 -33.61
C ARG E 173 4.99 -22.46 -33.43
N GLU E 174 6.23 -22.06 -33.16
CA GLU E 174 6.49 -20.64 -32.97
C GLU E 174 6.35 -19.86 -34.26
N VAL E 175 6.45 -20.51 -35.41
CA VAL E 175 6.28 -19.82 -36.69
C VAL E 175 4.81 -19.69 -37.07
N ALA E 176 3.99 -20.68 -36.74
CA ALA E 176 2.56 -20.58 -37.00
C ALA E 176 1.97 -19.41 -36.22
N VAL E 177 2.02 -19.47 -34.90
CA VAL E 177 1.67 -18.30 -34.12
C VAL E 177 2.68 -17.20 -34.38
N ARG E 178 2.30 -15.97 -34.02
CA ARG E 178 3.01 -14.73 -34.32
C ARG E 178 2.99 -14.41 -35.81
N TYR E 179 2.35 -15.26 -36.60
CA TYR E 179 1.90 -14.89 -37.94
C TYR E 179 0.40 -14.66 -37.97
N LEU E 180 -0.37 -15.51 -37.31
CA LEU E 180 -1.79 -15.24 -37.12
C LEU E 180 -1.99 -14.15 -36.08
N ARG E 181 -1.12 -14.06 -35.08
CA ARG E 181 -1.18 -12.94 -34.15
C ARG E 181 -0.91 -11.62 -34.84
N CYS E 182 -0.12 -11.65 -35.93
CA CYS E 182 0.12 -10.45 -36.71
C CYS E 182 -1.13 -10.00 -37.43
N ILE E 183 -1.78 -10.92 -38.13
CA ILE E 183 -2.94 -10.56 -38.95
C ILE E 183 -4.08 -10.06 -38.08
N SER E 184 -4.16 -10.54 -36.84
CA SER E 184 -5.19 -10.06 -35.94
C SER E 184 -4.96 -8.60 -35.58
N GLN E 185 -3.76 -8.29 -35.07
CA GLN E 185 -3.49 -6.95 -34.57
C GLN E 185 -3.64 -5.90 -35.67
N ALA E 186 -3.13 -6.20 -36.87
CA ALA E 186 -3.32 -5.28 -37.98
C ALA E 186 -4.80 -5.15 -38.32
N LEU E 187 -5.51 -6.29 -38.38
CA LEU E 187 -6.95 -6.23 -38.55
C LEU E 187 -7.63 -5.58 -37.36
N GLY E 188 -7.00 -5.68 -36.19
CA GLY E 188 -7.58 -5.05 -35.01
C GLY E 188 -7.55 -3.54 -35.09
N TRP E 189 -6.36 -2.96 -35.25
CA TRP E 189 -6.24 -1.51 -35.33
C TRP E 189 -7.07 -0.95 -36.47
N SER E 190 -7.17 -1.68 -37.58
CA SER E 190 -8.04 -1.25 -38.67
C SER E 190 -9.50 -1.18 -38.20
N PHE E 191 -9.88 -2.02 -37.25
CA PHE E 191 -11.23 -1.94 -36.71
C PHE E 191 -11.45 -0.63 -35.96
N VAL E 192 -10.58 -0.35 -34.97
CA VAL E 192 -10.83 0.79 -34.10
C VAL E 192 -10.79 2.10 -34.87
N LEU E 193 -10.02 2.15 -35.96
CA LEU E 193 -10.09 3.32 -36.84
C LEU E 193 -11.46 3.43 -37.48
N LEU E 194 -12.05 2.30 -37.85
CA LEU E 194 -13.37 2.32 -38.46
C LEU E 194 -14.44 2.75 -37.48
N THR E 195 -14.17 2.67 -36.18
CA THR E 195 -15.14 3.07 -35.17
C THR E 195 -14.89 4.48 -34.65
N THR E 196 -13.65 4.77 -34.23
CA THR E 196 -13.36 6.08 -33.69
C THR E 196 -13.57 7.18 -34.71
N LEU E 197 -13.30 6.90 -35.98
CA LEU E 197 -13.68 7.84 -37.04
C LEU E 197 -15.18 7.94 -37.15
N LEU E 198 -15.88 6.82 -37.04
CA LEU E 198 -17.33 6.82 -37.06
C LEU E 198 -17.92 7.51 -35.84
N ALA E 199 -17.17 7.58 -34.75
CA ALA E 199 -17.56 8.37 -33.59
C ALA E 199 -17.28 9.85 -33.75
N PHE E 200 -16.79 10.26 -34.92
CA PHE E 200 -16.52 11.67 -35.19
C PHE E 200 -17.63 12.34 -35.98
N VAL E 201 -18.56 11.58 -36.55
CA VAL E 201 -19.67 12.16 -37.30
C VAL E 201 -20.88 12.39 -36.41
N VAL E 202 -21.15 11.46 -35.49
CA VAL E 202 -22.32 11.58 -34.62
C VAL E 202 -22.13 12.73 -33.65
N ARG E 203 -20.92 12.90 -33.13
CA ARG E 203 -20.62 14.00 -32.23
C ARG E 203 -20.25 15.28 -32.98
N SER E 204 -20.31 15.28 -34.31
CA SER E 204 -20.04 16.46 -35.09
C SER E 204 -21.14 16.80 -36.09
N VAL E 205 -22.02 15.85 -36.38
CA VAL E 205 -23.19 16.08 -37.21
C VAL E 205 -24.40 16.04 -36.29
N ARG E 206 -25.55 16.44 -36.81
CA ARG E 206 -26.75 16.55 -35.99
C ARG E 206 -27.78 15.50 -36.40
N PRO E 207 -27.57 14.23 -36.04
CA PRO E 207 -28.56 13.20 -36.37
C PRO E 207 -29.92 13.45 -35.75
N CYS E 208 -29.97 13.56 -34.43
CA CYS E 208 -31.19 13.87 -33.69
C CYS E 208 -30.90 14.93 -32.64
N PHE E 209 -30.18 15.97 -33.05
CA PHE E 209 -29.69 17.01 -32.15
C PHE E 209 -30.23 18.35 -32.67
N THR E 210 -31.45 18.69 -32.27
CA THR E 210 -32.09 19.92 -32.73
C THR E 210 -33.14 20.31 -31.71
N GLN E 211 -33.71 21.50 -31.92
CA GLN E 211 -34.75 22.01 -31.03
C GLN E 211 -36.15 21.62 -31.53
N ALA E 212 -36.33 20.34 -31.83
CA ALA E 212 -37.63 19.80 -32.19
C ALA E 212 -38.27 19.02 -31.05
N ALA E 213 -37.52 18.11 -30.45
CA ALA E 213 -37.94 17.43 -29.22
C ALA E 213 -36.87 17.43 -28.14
N PHE E 214 -35.61 17.68 -28.50
CA PHE E 214 -34.53 17.71 -27.50
C PHE E 214 -34.82 18.77 -26.44
N LEU E 215 -35.14 19.98 -26.87
CA LEU E 215 -35.50 21.03 -25.92
C LEU E 215 -36.77 20.66 -25.17
N LYS E 216 -37.78 20.13 -25.86
CA LYS E 216 -39.00 19.72 -25.19
C LYS E 216 -38.73 18.59 -24.20
N SER E 217 -38.01 17.56 -24.64
CA SER E 217 -37.64 16.47 -23.75
C SER E 217 -36.80 16.94 -22.58
N LYS E 218 -36.04 18.02 -22.75
CA LYS E 218 -35.31 18.61 -21.63
C LYS E 218 -36.25 19.01 -20.51
N TYR E 219 -37.47 19.38 -20.85
CA TYR E 219 -38.45 19.77 -19.84
C TYR E 219 -38.83 18.60 -18.94
N TRP E 220 -38.60 17.36 -19.39
CA TRP E 220 -38.84 16.19 -18.54
C TRP E 220 -37.64 15.88 -17.66
N SER E 221 -36.57 16.67 -17.74
CA SER E 221 -35.29 16.27 -17.18
C SER E 221 -35.35 16.13 -15.66
N HIS E 222 -35.58 17.23 -14.95
CA HIS E 222 -35.49 17.22 -13.50
C HIS E 222 -36.84 17.42 -12.82
N TYR E 223 -37.94 17.10 -13.49
CA TYR E 223 -39.23 17.13 -12.81
C TYR E 223 -39.43 15.89 -11.95
N ILE E 224 -39.03 14.73 -12.44
CA ILE E 224 -39.34 13.47 -11.76
C ILE E 224 -38.61 13.41 -10.42
N ASP E 225 -37.30 13.64 -10.43
CA ASP E 225 -36.56 13.68 -9.17
C ASP E 225 -37.08 14.80 -8.26
N ILE E 226 -37.51 15.91 -8.86
CA ILE E 226 -38.20 16.94 -8.09
C ILE E 226 -39.48 16.38 -7.48
N GLU E 227 -40.21 15.57 -8.26
CA GLU E 227 -41.41 14.92 -7.74
C GLU E 227 -41.07 13.97 -6.60
N ARG E 228 -39.85 13.44 -6.59
CA ARG E 228 -39.41 12.62 -5.47
C ARG E 228 -39.41 13.42 -4.17
N LYS E 229 -38.75 14.58 -4.17
CA LYS E 229 -38.69 15.41 -2.97
C LYS E 229 -39.84 16.40 -2.90
N LEU E 230 -40.76 16.35 -3.87
CA LEU E 230 -41.94 17.19 -3.81
C LEU E 230 -43.05 16.56 -2.98
N PHE E 231 -43.49 15.36 -3.36
CA PHE E 231 -44.52 14.67 -2.60
C PHE E 231 -43.98 14.07 -1.32
N ASP E 232 -42.67 13.84 -1.25
CA ASP E 232 -42.08 13.29 -0.04
C ASP E 232 -42.26 14.23 1.15
N GLU E 233 -42.04 15.52 0.94
CA GLU E 233 -42.28 16.49 2.01
C GLU E 233 -43.75 16.52 2.40
N THR E 234 -44.65 16.46 1.43
CA THR E 234 -46.07 16.35 1.75
C THR E 234 -46.39 15.00 2.36
N CYS E 235 -45.79 13.94 1.84
CA CYS E 235 -46.00 12.61 2.40
C CYS E 235 -45.41 12.51 3.81
N THR E 236 -44.17 12.95 3.98
CA THR E 236 -43.54 12.92 5.29
C THR E 236 -44.27 13.82 6.27
N GLU E 237 -44.80 14.95 5.78
CA GLU E 237 -45.56 15.85 6.65
C GLU E 237 -46.89 15.25 7.04
N HIS E 238 -47.66 14.80 6.05
CA HIS E 238 -48.98 14.21 6.32
C HIS E 238 -48.88 13.00 7.23
N ALA E 239 -47.75 12.27 7.17
CA ALA E 239 -47.53 11.19 8.13
C ALA E 239 -47.51 11.71 9.55
N LYS E 240 -47.01 12.94 9.73
CA LYS E 240 -47.01 13.55 11.06
C LYS E 240 -48.40 13.89 11.54
N ALA E 241 -49.39 13.88 10.66
CA ALA E 241 -50.77 14.15 11.08
C ALA E 241 -51.26 13.11 12.08
N PHE E 242 -51.34 11.86 11.65
CA PHE E 242 -51.78 10.77 12.52
C PHE E 242 -50.68 10.27 13.45
N ALA E 243 -49.47 10.86 13.38
CA ALA E 243 -48.39 10.43 14.26
C ALA E 243 -48.74 10.70 15.73
N LYS E 244 -49.04 11.96 16.06
CA LYS E 244 -49.34 12.29 17.44
C LYS E 244 -50.67 11.66 17.87
N VAL E 245 -51.54 11.37 16.92
CA VAL E 245 -52.83 10.77 17.26
C VAL E 245 -52.65 9.37 17.83
N CYS E 246 -51.92 8.51 17.13
CA CYS E 246 -51.67 7.15 17.61
C CYS E 246 -50.64 7.12 18.73
N ILE E 247 -49.80 8.16 18.82
CA ILE E 247 -48.71 8.21 19.80
C ILE E 247 -49.20 8.47 21.21
N GLN E 248 -50.51 8.55 21.43
CA GLN E 248 -51.08 8.95 22.72
C GLN E 248 -50.55 8.08 23.87
N GLN E 249 -50.63 6.76 23.72
CA GLN E 249 -50.18 5.87 24.79
C GLN E 249 -48.66 5.77 24.88
N PHE E 250 -47.93 6.46 24.00
CA PHE E 250 -46.48 6.35 23.95
C PHE E 250 -45.76 7.37 24.82
N PHE E 251 -46.44 8.39 25.32
CA PHE E 251 -45.77 9.44 26.09
C PHE E 251 -45.21 8.89 27.39
N GLU E 252 -46.07 8.50 28.32
CA GLU E 252 -45.65 8.01 29.62
C GLU E 252 -46.85 7.55 30.44
N ALA E 253 -46.55 6.71 31.45
CA ALA E 253 -47.59 6.18 32.32
C ALA E 253 -46.99 5.39 33.47
N MET E 254 -46.25 4.35 33.09
CA MET E 254 -45.57 3.50 34.06
C MET E 254 -44.33 4.19 34.63
N ASN E 255 -43.32 4.41 33.79
CA ASN E 255 -42.10 5.07 34.22
C ASN E 255 -42.40 6.16 35.25
N ALA F 30 -20.28 -9.49 -3.76
CA ALA F 30 -20.33 -10.20 -2.49
C ALA F 30 -20.49 -11.70 -2.72
N SER F 31 -20.35 -12.12 -3.97
CA SER F 31 -20.49 -13.52 -4.36
C SER F 31 -19.19 -14.13 -4.84
N ALA F 32 -18.52 -13.51 -5.82
CA ALA F 32 -17.31 -14.09 -6.38
C ALA F 32 -16.17 -14.12 -5.38
N GLN F 33 -16.21 -13.26 -4.35
CA GLN F 33 -15.13 -13.25 -3.37
C GLN F 33 -15.06 -14.58 -2.61
N MET F 34 -16.21 -15.20 -2.35
CA MET F 34 -16.20 -16.50 -1.71
C MET F 34 -15.51 -17.54 -2.57
N TYR F 35 -15.62 -17.41 -3.89
CA TYR F 35 -15.02 -18.40 -4.79
C TYR F 35 -13.50 -18.34 -4.83
N SER F 36 -12.89 -17.35 -4.20
CA SER F 36 -11.44 -17.22 -4.24
C SER F 36 -10.76 -18.22 -3.30
N ALA F 37 -11.20 -18.26 -2.04
CA ALA F 37 -10.58 -19.13 -1.05
C ALA F 37 -11.37 -20.41 -0.79
N PHE F 38 -12.65 -20.46 -1.17
CA PHE F 38 -13.47 -21.66 -0.98
C PHE F 38 -12.92 -22.76 -1.85
N ASP F 39 -12.30 -23.76 -1.23
CA ASP F 39 -11.63 -24.79 -2.02
C ASP F 39 -12.65 -25.70 -2.70
N PHE F 40 -12.18 -26.53 -3.60
CA PHE F 40 -13.01 -27.47 -4.33
C PHE F 40 -12.31 -28.83 -4.28
N ASN F 41 -13.09 -29.92 -4.16
CA ASN F 41 -12.52 -31.23 -3.88
C ASN F 41 -12.65 -32.22 -5.02
N CYS F 42 -13.86 -32.44 -5.52
CA CYS F 42 -14.06 -33.34 -6.66
C CYS F 42 -13.60 -34.77 -6.38
N PRO F 43 -14.31 -35.51 -5.52
CA PRO F 43 -13.84 -36.86 -5.16
C PRO F 43 -13.91 -37.85 -6.30
N CYS F 44 -12.75 -38.34 -6.74
CA CYS F 44 -12.68 -39.22 -7.92
C CYS F 44 -13.16 -40.63 -7.56
N LEU F 45 -14.46 -40.75 -7.32
CA LEU F 45 -15.08 -42.04 -7.07
C LEU F 45 -16.28 -42.21 -7.98
N PRO F 46 -16.37 -43.30 -8.72
CA PRO F 46 -17.36 -43.39 -9.79
C PRO F 46 -18.77 -43.59 -9.28
N GLY F 47 -19.44 -42.50 -8.94
CA GLY F 47 -20.83 -42.57 -8.52
C GLY F 47 -21.19 -41.56 -7.47
N TYR F 48 -20.20 -41.08 -6.72
CA TYR F 48 -20.42 -39.96 -5.82
C TYR F 48 -20.23 -38.62 -6.51
N ASN F 49 -19.68 -38.62 -7.73
CA ASN F 49 -19.35 -37.37 -8.41
C ASN F 49 -20.59 -36.52 -8.63
N ALA F 50 -21.70 -37.13 -9.04
CA ALA F 50 -22.92 -36.37 -9.27
C ALA F 50 -23.37 -35.65 -8.02
N ALA F 51 -23.21 -36.28 -6.85
CA ALA F 51 -23.59 -35.64 -5.60
C ALA F 51 -22.73 -34.40 -5.34
N TYR F 52 -21.42 -34.59 -5.19
CA TYR F 52 -20.55 -33.47 -4.84
C TYR F 52 -20.54 -32.41 -5.93
N SER F 53 -20.77 -32.82 -7.18
CA SER F 53 -20.90 -31.84 -8.25
C SER F 53 -22.20 -31.07 -8.13
N ALA F 54 -23.33 -31.78 -8.18
CA ALA F 54 -24.62 -31.10 -8.09
C ALA F 54 -24.84 -30.51 -6.71
N GLY F 55 -24.10 -30.99 -5.71
CA GLY F 55 -24.27 -30.46 -4.37
C GLY F 55 -23.81 -29.02 -4.25
N ILE F 56 -22.71 -28.68 -4.93
CA ILE F 56 -22.12 -27.36 -4.75
C ILE F 56 -22.75 -26.31 -5.65
N LEU F 57 -23.50 -26.73 -6.67
CA LEU F 57 -24.09 -25.79 -7.61
C LEU F 57 -25.48 -25.34 -7.20
N LEU F 58 -26.13 -26.05 -6.28
CA LEU F 58 -27.50 -25.73 -5.87
C LEU F 58 -27.56 -25.12 -4.47
N ALA F 59 -26.75 -25.61 -3.53
CA ALA F 59 -26.87 -25.19 -2.14
C ALA F 59 -26.55 -23.71 -1.93
N PRO F 60 -25.41 -23.19 -2.38
CA PRO F 60 -25.07 -21.79 -2.10
C PRO F 60 -26.09 -20.82 -2.67
N PRO F 61 -26.63 -21.07 -3.87
CA PRO F 61 -27.76 -20.22 -4.31
C PRO F 61 -28.92 -20.20 -3.33
N LEU F 62 -29.41 -21.37 -2.93
CA LEU F 62 -30.55 -21.44 -2.03
C LEU F 62 -30.25 -20.77 -0.70
N VAL F 63 -29.02 -20.89 -0.22
CA VAL F 63 -28.68 -20.27 1.06
C VAL F 63 -28.43 -18.78 0.88
N LEU F 64 -27.86 -18.37 -0.25
CA LEU F 64 -27.67 -16.94 -0.48
C LEU F 64 -29.00 -16.24 -0.70
N PHE F 65 -29.94 -16.91 -1.36
CA PHE F 65 -31.24 -16.31 -1.63
C PHE F 65 -31.97 -15.98 -0.34
N LEU F 66 -32.29 -17.00 0.46
CA LEU F 66 -33.06 -16.79 1.66
C LEU F 66 -32.23 -16.26 2.82
N LEU F 67 -31.00 -15.83 2.57
CA LEU F 67 -30.21 -15.14 3.58
C LEU F 67 -30.29 -13.63 3.43
N GLY F 68 -30.08 -13.11 2.21
CA GLY F 68 -30.28 -11.69 1.98
C GLY F 68 -31.71 -11.27 2.20
N LEU F 69 -32.66 -12.19 2.00
CA LEU F 69 -34.06 -11.91 2.30
C LEU F 69 -34.25 -11.61 3.78
N VAL F 70 -33.49 -12.26 4.65
CA VAL F 70 -33.58 -12.02 6.09
C VAL F 70 -32.95 -10.70 6.49
N MET F 71 -32.27 -10.03 5.56
CA MET F 71 -31.60 -8.78 5.88
C MET F 71 -32.51 -7.58 5.70
N ASN F 72 -33.36 -7.60 4.68
CA ASN F 72 -34.30 -6.51 4.46
C ASN F 72 -35.29 -6.42 5.62
N ASN F 73 -35.30 -5.28 6.29
CA ASN F 73 -36.15 -5.08 7.46
C ASN F 73 -37.64 -5.00 7.14
N ASN F 74 -38.03 -5.08 5.86
CA ASN F 74 -39.42 -5.03 5.46
C ASN F 74 -40.05 -6.41 5.38
N VAL F 75 -39.55 -7.37 6.16
CA VAL F 75 -39.97 -8.76 6.05
C VAL F 75 -40.74 -9.22 7.28
N SER F 76 -40.39 -8.70 8.47
CA SER F 76 -40.86 -9.25 9.73
C SER F 76 -42.38 -9.27 9.86
N MET F 77 -43.01 -8.10 9.89
CA MET F 77 -44.46 -8.07 10.05
C MET F 77 -45.16 -8.48 8.77
N LEU F 78 -44.43 -8.49 7.65
CA LEU F 78 -45.05 -8.70 6.35
C LEU F 78 -45.71 -10.06 6.26
N ALA F 79 -45.02 -11.10 6.73
CA ALA F 79 -45.64 -12.42 6.77
C ALA F 79 -46.60 -12.56 7.95
N GLU F 80 -46.52 -11.66 8.93
CA GLU F 80 -47.38 -11.74 10.09
C GLU F 80 -48.85 -11.67 9.69
N GLU F 81 -49.27 -10.56 9.12
CA GLU F 81 -50.66 -10.35 8.73
C GLU F 81 -51.00 -11.02 7.41
N TRP F 82 -50.09 -11.79 6.83
CA TRP F 82 -50.32 -12.43 5.54
C TRP F 82 -51.00 -13.79 5.67
N LYS F 83 -51.62 -14.06 6.83
CA LYS F 83 -52.31 -15.33 7.04
C LYS F 83 -53.67 -15.20 7.68
N ARG F 84 -54.10 -14.00 8.08
CA ARG F 84 -55.37 -13.85 8.78
C ARG F 84 -56.57 -14.24 7.92
N PRO F 85 -56.72 -13.74 6.67
CA PRO F 85 -57.87 -14.16 5.86
C PRO F 85 -57.85 -15.65 5.51
N ALA F 94 -55.39 -4.26 -1.49
CA ALA F 94 -54.32 -3.78 -0.63
C ALA F 94 -52.96 -3.90 -1.31
N VAL F 95 -51.91 -4.05 -0.51
CA VAL F 95 -50.55 -4.19 -1.00
C VAL F 95 -50.15 -5.66 -1.09
N LEU F 96 -51.13 -6.56 -1.15
CA LEU F 96 -50.88 -8.00 -1.09
C LEU F 96 -49.93 -8.48 -2.19
N ARG F 97 -49.98 -7.87 -3.36
CA ARG F 97 -49.10 -8.27 -4.45
C ARG F 97 -47.87 -7.39 -4.58
N TYR F 98 -47.71 -6.40 -3.71
CA TYR F 98 -46.49 -5.63 -3.61
C TYR F 98 -45.84 -5.88 -2.25
N MET F 99 -44.67 -5.30 -2.05
CA MET F 99 -43.84 -5.46 -0.85
C MET F 99 -43.33 -6.88 -0.70
N PHE F 100 -43.54 -7.75 -1.68
CA PHE F 100 -42.95 -9.08 -1.68
C PHE F 100 -42.23 -9.30 -3.00
N CYS F 101 -42.72 -8.68 -4.06
CA CYS F 101 -42.00 -8.73 -5.32
C CYS F 101 -40.75 -7.88 -5.26
N SER F 102 -40.76 -6.78 -4.51
CA SER F 102 -39.58 -5.95 -4.38
C SER F 102 -38.45 -6.71 -3.70
N MET F 103 -38.74 -7.28 -2.53
CA MET F 103 -37.73 -8.10 -1.84
C MET F 103 -37.29 -9.27 -2.71
N ALA F 104 -38.21 -9.83 -3.48
CA ALA F 104 -37.87 -10.97 -4.33
C ALA F 104 -36.89 -10.57 -5.42
N GLN F 105 -36.82 -9.29 -5.77
CA GLN F 105 -35.93 -8.84 -6.83
C GLN F 105 -34.54 -8.50 -6.29
N ARG F 106 -34.47 -7.56 -5.35
CA ARG F 106 -33.16 -7.10 -4.89
C ARG F 106 -32.41 -8.18 -4.12
N ALA F 107 -33.08 -9.23 -3.66
CA ALA F 107 -32.43 -10.33 -2.96
C ALA F 107 -32.20 -11.53 -3.86
N LEU F 108 -32.54 -11.42 -5.15
CA LEU F 108 -32.33 -12.51 -6.10
C LEU F 108 -31.22 -12.17 -7.10
N ILE F 109 -30.33 -11.26 -6.73
CA ILE F 109 -29.17 -10.94 -7.56
C ILE F 109 -27.98 -11.75 -7.07
N ALA F 110 -27.99 -12.09 -5.78
CA ALA F 110 -26.90 -12.89 -5.22
C ALA F 110 -26.83 -14.28 -5.82
N PRO F 111 -27.91 -15.06 -5.88
CA PRO F 111 -27.77 -16.43 -6.42
C PRO F 111 -27.43 -16.46 -7.89
N VAL F 112 -28.01 -15.57 -8.70
CA VAL F 112 -27.85 -15.67 -10.14
C VAL F 112 -26.41 -15.36 -10.55
N VAL F 113 -25.68 -14.65 -9.69
CA VAL F 113 -24.27 -14.39 -10.00
C VAL F 113 -23.39 -15.51 -9.47
N TRP F 114 -23.72 -16.07 -8.30
CA TRP F 114 -22.94 -17.17 -7.76
C TRP F 114 -23.27 -18.50 -8.43
N VAL F 115 -24.18 -18.50 -9.40
CA VAL F 115 -24.44 -19.68 -10.22
C VAL F 115 -23.91 -19.52 -11.63
N ALA F 116 -23.62 -18.30 -12.06
CA ALA F 116 -22.99 -18.11 -13.36
C ALA F 116 -21.48 -18.25 -13.25
N VAL F 117 -20.89 -17.75 -12.17
CA VAL F 117 -19.44 -17.82 -12.01
C VAL F 117 -18.99 -19.26 -11.87
N THR F 118 -19.87 -20.14 -11.39
CA THR F 118 -19.49 -21.54 -11.26
C THR F 118 -19.36 -22.21 -12.63
N LEU F 119 -20.26 -21.88 -13.55
CA LEU F 119 -20.20 -22.48 -14.88
C LEU F 119 -18.95 -22.03 -15.63
N LEU F 120 -18.69 -20.73 -15.61
CA LEU F 120 -17.61 -20.17 -16.43
C LEU F 120 -16.24 -20.69 -16.01
N ASP F 121 -16.11 -21.10 -14.75
CA ASP F 121 -14.81 -21.60 -14.29
C ASP F 121 -14.51 -22.95 -14.91
N GLY F 122 -15.47 -23.87 -14.89
CA GLY F 122 -15.32 -25.16 -15.51
C GLY F 122 -14.89 -26.28 -14.59
N LYS F 123 -14.76 -26.03 -13.29
CA LYS F 123 -14.41 -27.09 -12.37
C LYS F 123 -15.62 -27.81 -11.79
N CYS F 124 -16.81 -27.22 -11.89
CA CYS F 124 -18.01 -27.90 -11.43
C CYS F 124 -18.58 -28.85 -12.47
N PHE F 125 -18.30 -28.61 -13.74
CA PHE F 125 -18.84 -29.43 -14.82
C PHE F 125 -17.93 -30.61 -15.14
N LEU F 126 -16.62 -30.40 -15.15
CA LEU F 126 -15.70 -31.52 -15.39
C LEU F 126 -15.86 -32.59 -14.33
N CYS F 127 -16.14 -32.19 -13.10
CA CYS F 127 -16.25 -33.15 -12.01
C CYS F 127 -17.45 -34.06 -12.18
N ALA F 128 -18.46 -33.62 -12.90
CA ALA F 128 -19.70 -34.39 -12.96
C ALA F 128 -19.74 -35.32 -14.15
N PHE F 129 -19.62 -34.78 -15.35
CA PHE F 129 -19.82 -35.54 -16.59
C PHE F 129 -18.55 -36.16 -17.11
N CYS F 130 -17.55 -36.38 -16.26
CA CYS F 130 -16.33 -37.03 -16.71
C CYS F 130 -16.57 -38.47 -17.13
N THR F 131 -17.64 -39.10 -16.66
CA THR F 131 -17.93 -40.49 -16.92
C THR F 131 -18.67 -40.69 -18.25
N ALA F 132 -18.91 -39.63 -19.00
CA ALA F 132 -19.70 -39.74 -20.22
C ALA F 132 -19.04 -39.00 -21.38
N VAL F 133 -17.72 -39.11 -21.49
CA VAL F 133 -17.01 -38.51 -22.61
C VAL F 133 -16.80 -39.58 -23.68
N PRO F 134 -17.11 -39.31 -24.94
CA PRO F 134 -16.93 -40.32 -26.00
C PRO F 134 -15.47 -40.68 -26.15
N VAL F 135 -15.16 -41.94 -25.89
CA VAL F 135 -13.78 -42.40 -25.79
C VAL F 135 -13.23 -42.76 -27.17
N SER F 136 -13.87 -43.73 -27.82
CA SER F 136 -13.37 -44.26 -29.08
C SER F 136 -13.31 -43.22 -30.19
N ALA F 137 -14.04 -42.11 -30.05
CA ALA F 137 -13.99 -41.04 -31.02
C ALA F 137 -13.80 -39.72 -30.29
N LEU F 138 -13.17 -38.77 -30.96
CA LEU F 138 -12.96 -37.43 -30.40
C LEU F 138 -12.14 -37.49 -29.11
N GLY F 139 -11.19 -38.43 -29.06
CA GLY F 139 -10.33 -38.56 -27.91
C GLY F 139 -8.87 -38.41 -28.28
N ALA F 144 -8.52 -45.14 -28.26
CA ALA F 144 -9.01 -45.98 -29.36
C ALA F 144 -9.42 -47.39 -28.91
N PRO F 145 -8.52 -48.13 -28.26
CA PRO F 145 -8.87 -49.48 -27.82
C PRO F 145 -9.87 -49.46 -26.67
N GLY F 146 -10.69 -50.52 -26.61
CA GLY F 146 -11.71 -50.64 -25.60
C GLY F 146 -11.23 -51.39 -24.36
N LEU F 147 -12.16 -51.58 -23.43
CA LEU F 147 -11.85 -52.20 -22.14
C LEU F 147 -13.13 -52.72 -21.50
N PRO F 148 -13.05 -53.42 -20.36
CA PRO F 148 -14.27 -53.88 -19.70
C PRO F 148 -15.09 -52.72 -19.16
N ALA F 149 -16.40 -52.97 -19.00
CA ALA F 149 -17.31 -51.89 -18.63
C ALA F 149 -17.07 -51.38 -17.22
N PRO F 150 -17.21 -52.19 -16.17
CA PRO F 150 -17.18 -51.62 -14.80
C PRO F 150 -15.84 -51.01 -14.43
N GLU F 151 -14.74 -51.64 -14.80
CA GLU F 151 -13.43 -51.09 -14.47
C GLU F 151 -13.20 -49.76 -15.18
N LEU F 152 -13.73 -49.63 -16.39
CA LEU F 152 -13.55 -48.38 -17.14
C LEU F 152 -14.12 -47.19 -16.39
N ALA F 153 -15.30 -47.35 -15.80
CA ALA F 153 -15.87 -46.29 -14.99
C ALA F 153 -14.97 -45.96 -13.81
N ARG F 154 -14.27 -46.97 -13.28
CA ARG F 154 -13.32 -46.72 -12.21
C ARG F 154 -12.04 -46.09 -12.73
N LEU F 155 -11.88 -45.97 -14.04
CA LEU F 155 -10.72 -45.30 -14.62
C LEU F 155 -11.05 -43.90 -15.09
N LEU F 156 -12.02 -43.78 -15.99
CA LEU F 156 -12.40 -42.47 -16.50
C LEU F 156 -12.90 -41.54 -15.40
N ALA F 157 -13.45 -42.09 -14.33
CA ALA F 157 -13.87 -41.23 -13.23
C ALA F 157 -12.71 -40.54 -12.54
N ARG F 158 -11.48 -40.98 -12.78
CA ARG F 158 -10.31 -40.39 -12.16
C ARG F 158 -9.64 -39.34 -13.04
N VAL F 159 -10.35 -38.72 -13.96
CA VAL F 159 -9.69 -37.73 -14.80
C VAL F 159 -10.27 -36.32 -14.61
N PRO F 160 -10.45 -35.83 -13.38
CA PRO F 160 -10.38 -34.39 -13.17
C PRO F 160 -8.93 -34.00 -12.93
N CYS F 161 -8.74 -32.76 -12.48
CA CYS F 161 -7.47 -32.15 -12.06
C CYS F 161 -6.46 -33.08 -11.38
N PRO F 162 -6.88 -34.00 -10.50
CA PRO F 162 -5.92 -34.83 -9.77
C PRO F 162 -4.81 -35.45 -10.60
N GLU F 163 -3.70 -35.72 -9.93
CA GLU F 163 -2.50 -36.33 -10.52
C GLU F 163 -2.39 -37.80 -10.14
N ILE F 164 -3.52 -38.50 -10.10
CA ILE F 164 -3.56 -39.94 -9.86
C ILE F 164 -4.16 -40.69 -11.05
N TYR F 165 -4.29 -40.01 -12.18
CA TYR F 165 -4.89 -40.62 -13.37
C TYR F 165 -4.01 -41.75 -13.89
N ASP F 166 -4.64 -42.82 -14.36
CA ASP F 166 -3.89 -44.00 -14.79
C ASP F 166 -3.09 -43.73 -16.05
N GLY F 167 -3.69 -43.07 -17.04
CA GLY F 167 -2.88 -42.59 -18.14
C GLY F 167 -3.26 -42.94 -19.57
N ASP F 168 -2.43 -43.78 -20.19
CA ASP F 168 -2.25 -43.76 -21.64
C ASP F 168 -3.51 -44.12 -22.41
N TRP F 169 -4.16 -45.23 -22.07
CA TRP F 169 -5.12 -45.86 -22.97
C TRP F 169 -6.29 -44.93 -23.27
N LEU F 170 -6.62 -44.83 -24.55
CA LEU F 170 -7.84 -44.24 -25.09
C LEU F 170 -8.03 -42.76 -24.76
N LEU F 171 -7.11 -42.14 -24.03
CA LEU F 171 -7.38 -40.75 -23.69
C LEU F 171 -6.16 -40.13 -23.05
N ALA F 172 -5.82 -38.92 -23.47
CA ALA F 172 -4.80 -38.11 -22.83
C ALA F 172 -5.50 -37.09 -21.95
N ARG F 173 -5.01 -36.89 -20.73
CA ARG F 173 -5.75 -36.09 -19.76
C ARG F 173 -5.95 -34.66 -20.24
N GLU F 174 -4.96 -34.10 -20.92
CA GLU F 174 -5.12 -32.74 -21.39
C GLU F 174 -6.14 -32.63 -22.50
N VAL F 175 -6.45 -33.72 -23.19
CA VAL F 175 -7.46 -33.69 -24.23
C VAL F 175 -8.86 -33.86 -23.67
N ALA F 176 -9.03 -34.65 -22.62
CA ALA F 176 -10.33 -34.77 -21.98
C ALA F 176 -10.78 -33.43 -21.44
N VAL F 177 -10.04 -32.88 -20.47
CA VAL F 177 -10.29 -31.52 -20.06
C VAL F 177 -9.99 -30.58 -21.23
N ARG F 178 -10.50 -29.35 -21.12
CA ARG F 178 -10.49 -28.33 -22.17
C ARG F 178 -11.37 -28.72 -23.35
N TYR F 179 -12.02 -29.87 -23.27
CA TYR F 179 -13.18 -30.18 -24.09
C TYR F 179 -14.46 -30.10 -23.28
N LEU F 180 -14.46 -30.62 -22.05
CA LEU F 180 -15.57 -30.39 -21.15
C LEU F 180 -15.56 -28.97 -20.62
N ARG F 181 -14.37 -28.37 -20.44
CA ARG F 181 -14.30 -26.96 -20.08
C ARG F 181 -14.88 -26.08 -21.18
N CYS F 182 -14.80 -26.54 -22.43
CA CYS F 182 -15.39 -25.80 -23.53
C CYS F 182 -16.91 -25.81 -23.45
N ILE F 183 -17.49 -27.00 -23.27
CA ILE F 183 -18.95 -27.14 -23.29
C ILE F 183 -19.56 -26.38 -22.12
N SER F 184 -18.83 -26.26 -21.02
CA SER F 184 -19.35 -25.50 -19.89
C SER F 184 -19.45 -24.01 -20.23
N GLN F 185 -18.34 -23.43 -20.69
CA GLN F 185 -18.31 -21.99 -20.91
C GLN F 185 -19.32 -21.55 -21.96
N ALA F 186 -19.44 -22.33 -23.05
CA ALA F 186 -20.47 -22.02 -24.04
C ALA F 186 -21.85 -22.17 -23.43
N LEU F 187 -22.07 -23.25 -22.69
CA LEU F 187 -23.33 -23.39 -21.96
C LEU F 187 -23.46 -22.32 -20.89
N GLY F 188 -22.33 -21.83 -20.38
CA GLY F 188 -22.39 -20.79 -19.37
C GLY F 188 -22.90 -19.48 -19.93
N TRP F 189 -22.22 -18.95 -20.95
CA TRP F 189 -22.64 -17.68 -21.55
C TRP F 189 -24.07 -17.75 -22.06
N SER F 190 -24.48 -18.92 -22.57
CA SER F 190 -25.87 -19.09 -22.97
C SER F 190 -26.81 -18.91 -21.78
N PHE F 191 -26.35 -19.26 -20.59
CA PHE F 191 -27.18 -19.05 -19.40
C PHE F 191 -27.38 -17.56 -19.14
N VAL F 192 -26.28 -16.81 -19.03
CA VAL F 192 -26.40 -15.42 -18.61
C VAL F 192 -27.19 -14.59 -19.62
N LEU F 193 -27.16 -14.98 -20.89
CA LEU F 193 -28.04 -14.34 -21.87
C LEU F 193 -29.50 -14.63 -21.55
N LEU F 194 -29.79 -15.85 -21.09
CA LEU F 194 -31.15 -16.20 -20.75
C LEU F 194 -31.64 -15.45 -19.53
N THR F 195 -30.73 -14.92 -18.72
CA THR F 195 -31.11 -14.18 -17.51
C THR F 195 -31.10 -12.68 -17.74
N THR F 196 -29.99 -12.13 -18.27
CA THR F 196 -29.90 -10.70 -18.48
C THR F 196 -30.96 -10.19 -19.45
N LEU F 197 -31.31 -11.00 -20.45
CA LEU F 197 -32.46 -10.67 -21.29
C LEU F 197 -33.74 -10.73 -20.50
N LEU F 198 -33.87 -11.74 -19.63
CA LEU F 198 -35.04 -11.85 -18.77
C LEU F 198 -35.11 -10.73 -17.75
N ALA F 199 -33.96 -10.11 -17.43
CA ALA F 199 -33.93 -8.93 -16.59
C ALA F 199 -34.28 -7.67 -17.36
N PHE F 200 -34.62 -7.79 -18.64
CA PHE F 200 -35.00 -6.64 -19.45
C PHE F 200 -36.51 -6.47 -19.57
N VAL F 201 -37.29 -7.47 -19.18
CA VAL F 201 -38.75 -7.37 -19.24
C VAL F 201 -39.32 -6.86 -17.94
N VAL F 202 -38.76 -7.29 -16.80
CA VAL F 202 -39.29 -6.88 -15.51
C VAL F 202 -39.01 -5.40 -15.27
N ARG F 203 -37.84 -4.93 -15.68
CA ARG F 203 -37.49 -3.52 -15.56
C ARG F 203 -37.99 -2.69 -16.74
N SER F 204 -38.72 -3.29 -17.67
CA SER F 204 -39.30 -2.57 -18.79
C SER F 204 -40.80 -2.81 -18.96
N VAL F 205 -41.34 -3.84 -18.33
CA VAL F 205 -42.78 -4.10 -18.31
C VAL F 205 -43.24 -3.81 -16.88
N ARG F 206 -44.55 -3.76 -16.70
CA ARG F 206 -45.12 -3.38 -15.42
C ARG F 206 -45.80 -4.58 -14.75
N PRO F 207 -45.04 -5.54 -14.22
CA PRO F 207 -45.66 -6.67 -13.53
C PRO F 207 -46.51 -6.27 -12.34
N CYS F 208 -45.90 -5.58 -11.37
CA CYS F 208 -46.59 -5.06 -10.19
C CYS F 208 -46.16 -3.63 -9.94
N PHE F 209 -46.14 -2.83 -11.01
CA PHE F 209 -45.63 -1.46 -10.99
C PHE F 209 -46.76 -0.55 -11.46
N THR F 210 -47.63 -0.15 -10.54
CA THR F 210 -48.77 0.69 -10.90
C THR F 210 -49.22 1.42 -9.64
N GLN F 211 -50.16 2.34 -9.82
CA GLN F 211 -50.70 3.12 -8.71
C GLN F 211 -51.93 2.45 -8.10
N ALA F 212 -51.81 1.16 -7.80
CA ALA F 212 -52.86 0.42 -7.11
C ALA F 212 -52.52 0.20 -5.65
N ALA F 213 -51.32 -0.29 -5.36
CA ALA F 213 -50.80 -0.37 -4.00
C ALA F 213 -49.41 0.19 -3.86
N PHE F 214 -48.66 0.35 -4.96
CA PHE F 214 -47.31 0.90 -4.89
C PHE F 214 -47.34 2.29 -4.28
N LEU F 215 -48.21 3.16 -4.80
CA LEU F 215 -48.34 4.49 -4.21
C LEU F 215 -48.83 4.41 -2.77
N LYS F 216 -49.83 3.56 -2.51
CA LYS F 216 -50.31 3.41 -1.15
C LYS F 216 -49.24 2.86 -0.23
N SER F 217 -48.55 1.81 -0.65
CA SER F 217 -47.44 1.25 0.13
C SER F 217 -46.33 2.27 0.32
N LYS F 218 -46.16 3.21 -0.61
CA LYS F 218 -45.20 4.28 -0.43
C LYS F 218 -45.49 5.08 0.83
N TYR F 219 -46.76 5.17 1.21
CA TYR F 219 -47.15 5.89 2.41
C TYR F 219 -46.60 5.23 3.67
N TRP F 220 -46.25 3.94 3.60
CA TRP F 220 -45.62 3.26 4.73
C TRP F 220 -44.11 3.47 4.76
N SER F 221 -43.57 4.21 3.80
CA SER F 221 -42.13 4.21 3.57
C SER F 221 -41.35 4.75 4.76
N HIS F 222 -41.53 6.04 5.06
CA HIS F 222 -40.71 6.68 6.07
C HIS F 222 -41.49 7.08 7.32
N TYR F 223 -42.61 6.40 7.60
CA TYR F 223 -43.29 6.65 8.87
C TYR F 223 -42.60 5.92 10.01
N ILE F 224 -42.16 4.69 9.78
CA ILE F 224 -41.65 3.86 10.86
C ILE F 224 -40.36 4.46 11.43
N ASP F 225 -39.40 4.76 10.55
CA ASP F 225 -38.17 5.41 11.02
C ASP F 225 -38.49 6.77 11.63
N ILE F 226 -39.50 7.46 11.11
CA ILE F 226 -39.98 8.68 11.75
C ILE F 226 -40.51 8.35 13.14
N GLU F 227 -41.22 7.23 13.27
CA GLU F 227 -41.69 6.81 14.59
C GLU F 227 -40.53 6.49 15.52
N ARG F 228 -39.38 6.12 14.96
CA ARG F 228 -38.19 5.92 15.77
C ARG F 228 -37.79 7.22 16.46
N LYS F 229 -37.63 8.30 15.69
CA LYS F 229 -37.24 9.58 16.27
C LYS F 229 -38.44 10.41 16.70
N LEU F 230 -39.65 9.87 16.56
CA LEU F 230 -40.84 10.56 17.04
C LEU F 230 -41.08 10.28 18.52
N PHE F 231 -41.23 9.01 18.89
CA PHE F 231 -41.45 8.67 20.29
C PHE F 231 -40.15 8.75 21.10
N ASP F 232 -39.00 8.67 20.42
CA ASP F 232 -37.73 8.76 21.13
C ASP F 232 -37.57 10.12 21.81
N GLU F 233 -37.92 11.20 21.11
CA GLU F 233 -37.88 12.52 21.72
C GLU F 233 -38.84 12.62 22.90
N THR F 234 -40.05 12.06 22.75
CA THR F 234 -40.98 12.01 23.87
C THR F 234 -40.48 11.06 24.95
N CYS F 235 -39.92 9.92 24.54
CA CYS F 235 -39.37 8.97 25.50
C CYS F 235 -38.15 9.56 26.20
N THR F 236 -37.22 10.12 25.43
CA THR F 236 -36.03 10.72 26.04
C THR F 236 -36.41 11.92 26.90
N GLU F 237 -37.44 12.66 26.50
CA GLU F 237 -37.89 13.81 27.30
C GLU F 237 -38.55 13.35 28.58
N HIS F 238 -39.53 12.44 28.47
CA HIS F 238 -40.24 11.95 29.64
C HIS F 238 -39.30 11.28 30.64
N ALA F 239 -38.20 10.69 30.15
CA ALA F 239 -37.18 10.17 31.06
C ALA F 239 -36.59 11.29 31.91
N LYS F 240 -36.51 12.49 31.36
CA LYS F 240 -36.01 13.64 32.12
C LYS F 240 -36.99 14.06 33.22
N ALA F 241 -38.23 13.57 33.18
CA ALA F 241 -39.19 13.90 34.22
C ALA F 241 -38.74 13.39 35.58
N PHE F 242 -38.61 12.08 35.71
CA PHE F 242 -38.15 11.47 36.97
C PHE F 242 -36.64 11.53 37.13
N ALA F 243 -35.92 12.10 36.18
CA ALA F 243 -34.47 12.20 36.30
C ALA F 243 -34.07 13.07 37.49
N LYS F 244 -34.55 14.32 37.51
CA LYS F 244 -34.19 15.21 38.60
C LYS F 244 -34.81 14.75 39.91
N VAL F 245 -35.91 13.99 39.84
CA VAL F 245 -36.56 13.53 41.06
C VAL F 245 -35.66 12.55 41.82
N CYS F 246 -35.17 11.52 41.15
CA CYS F 246 -34.28 10.55 41.77
C CYS F 246 -32.87 11.10 41.97
N ILE F 247 -32.49 12.13 41.20
CA ILE F 247 -31.15 12.68 41.25
C ILE F 247 -30.89 13.53 42.48
N GLN F 248 -31.85 13.60 43.41
CA GLN F 248 -31.76 14.48 44.58
C GLN F 248 -30.47 14.27 45.37
N GLN F 249 -30.19 13.02 45.73
CA GLN F 249 -28.99 12.74 46.52
C GLN F 249 -27.71 12.80 45.70
N PHE F 250 -27.79 13.08 44.40
CA PHE F 250 -26.64 13.06 43.53
C PHE F 250 -25.95 14.41 43.39
N PHE F 251 -26.56 15.49 43.86
CA PHE F 251 -25.98 16.82 43.67
C PHE F 251 -24.67 16.96 44.45
N GLU F 252 -24.77 16.96 45.78
CA GLU F 252 -23.60 17.15 46.63
C GLU F 252 -23.97 17.02 48.10
N ALA F 253 -22.96 16.74 48.93
CA ALA F 253 -23.16 16.59 50.36
C ALA F 253 -21.83 16.45 51.10
N MET F 254 -21.10 15.41 50.70
CA MET F 254 -19.78 15.14 51.27
C MET F 254 -18.74 16.10 50.71
N ASN F 255 -18.44 15.99 49.42
CA ASN F 255 -17.46 16.86 48.79
C ASN F 255 -17.53 18.26 49.38
N ALA G 30 -14.95 -11.60 12.53
CA ALA G 30 -14.11 -11.67 13.72
C ALA G 30 -13.88 -13.12 14.13
N SER G 31 -14.27 -14.05 13.27
CA SER G 31 -14.12 -15.47 13.52
C SER G 31 -13.14 -16.14 12.56
N ALA G 32 -13.32 -15.99 11.26
CA ALA G 32 -12.45 -16.66 10.30
C ALA G 32 -11.02 -16.16 10.36
N GLN G 33 -10.80 -14.94 10.85
CA GLN G 33 -9.44 -14.41 10.92
C GLN G 33 -8.57 -15.25 11.84
N MET G 34 -9.14 -15.76 12.93
CA MET G 34 -8.39 -16.63 13.82
C MET G 34 -7.94 -17.89 13.10
N TYR G 35 -8.75 -18.38 12.16
CA TYR G 35 -8.42 -19.62 11.45
C TYR G 35 -7.25 -19.48 10.49
N SER G 36 -6.76 -18.26 10.26
CA SER G 36 -5.67 -18.06 9.32
C SER G 36 -4.32 -18.48 9.91
N ALA G 37 -4.01 -17.98 11.11
CA ALA G 37 -2.73 -18.27 11.75
C ALA G 37 -2.82 -19.35 12.82
N PHE G 38 -4.01 -19.65 13.32
CA PHE G 38 -4.17 -20.69 14.34
C PHE G 38 -3.82 -22.03 13.72
N ASP G 39 -2.69 -22.59 14.12
CA ASP G 39 -2.22 -23.82 13.48
C ASP G 39 -3.09 -25.00 13.89
N PHE G 40 -2.92 -26.12 13.20
CA PHE G 40 -3.64 -27.34 13.48
C PHE G 40 -2.62 -28.48 13.53
N ASN G 41 -2.82 -29.45 14.43
CA ASN G 41 -1.79 -30.45 14.72
C ASN G 41 -2.17 -31.85 14.27
N CYS G 42 -3.32 -32.37 14.71
CA CYS G 42 -3.77 -33.69 14.29
C CYS G 42 -2.80 -34.80 14.68
N PRO G 43 -2.68 -35.13 15.96
CA PRO G 43 -1.68 -36.13 16.38
C PRO G 43 -2.00 -37.54 15.90
N CYS G 44 -1.16 -38.09 15.04
CA CYS G 44 -1.42 -39.39 14.41
C CYS G 44 -1.15 -40.52 15.41
N LEU G 45 -2.02 -40.62 16.42
CA LEU G 45 -1.97 -41.70 17.39
C LEU G 45 -3.34 -42.35 17.50
N PRO G 46 -3.43 -43.65 17.36
CA PRO G 46 -4.74 -44.29 17.21
C PRO G 46 -5.54 -44.34 18.50
N GLY G 47 -6.25 -43.27 18.80
CA GLY G 47 -7.12 -43.24 19.96
C GLY G 47 -7.18 -41.89 20.63
N TYR G 48 -6.17 -41.06 20.43
CA TYR G 48 -6.25 -39.67 20.86
C TYR G 48 -6.88 -38.78 19.81
N ASN G 49 -7.07 -39.28 18.59
CA ASN G 49 -7.57 -38.46 17.50
C ASN G 49 -8.94 -37.88 17.81
N ALA G 50 -9.83 -38.69 18.37
CA ALA G 50 -11.16 -38.21 18.70
C ALA G 50 -11.11 -37.03 19.66
N ALA G 51 -10.18 -37.06 20.61
CA ALA G 51 -10.04 -35.95 21.54
C ALA G 51 -9.63 -34.67 20.83
N TYR G 52 -8.45 -34.67 20.20
CA TYR G 52 -7.94 -33.45 19.57
C TYR G 52 -8.84 -33.00 18.44
N SER G 53 -9.53 -33.94 17.79
CA SER G 53 -10.51 -33.57 16.77
C SER G 53 -11.73 -32.92 17.40
N ALA G 54 -12.42 -33.66 18.28
CA ALA G 54 -13.61 -33.11 18.91
C ALA G 54 -13.27 -31.97 19.86
N GLY G 55 -12.01 -31.89 20.30
CA GLY G 55 -11.64 -30.83 21.21
C GLY G 55 -11.68 -29.46 20.55
N ILE G 56 -11.26 -29.39 19.28
CA ILE G 56 -11.13 -28.09 18.64
C ILE G 56 -12.43 -27.61 18.02
N LEU G 57 -13.41 -28.49 17.87
CA LEU G 57 -14.67 -28.12 17.24
C LEU G 57 -15.72 -27.64 18.23
N LEU G 58 -15.53 -27.91 19.53
CA LEU G 58 -16.49 -27.53 20.55
C LEU G 58 -16.03 -26.36 21.40
N ALA G 59 -14.75 -26.33 21.76
CA ALA G 59 -14.26 -25.33 22.71
C ALA G 59 -14.37 -23.90 22.20
N PRO G 60 -13.87 -23.55 21.03
CA PRO G 60 -13.91 -22.16 20.57
C PRO G 60 -15.33 -21.62 20.46
N PRO G 61 -16.29 -22.42 20.00
CA PRO G 61 -17.69 -21.94 20.08
C PRO G 61 -18.12 -21.58 21.49
N LEU G 62 -17.92 -22.47 22.45
CA LEU G 62 -18.34 -22.21 23.82
C LEU G 62 -17.64 -21.00 24.40
N VAL G 63 -16.37 -20.79 24.05
CA VAL G 63 -15.64 -19.65 24.57
C VAL G 63 -16.03 -18.38 23.82
N LEU G 64 -16.28 -18.48 22.51
CA LEU G 64 -16.72 -17.30 21.77
C LEU G 64 -18.11 -16.87 22.20
N PHE G 65 -18.98 -17.83 22.49
CA PHE G 65 -20.34 -17.52 22.89
C PHE G 65 -20.37 -16.70 24.16
N LEU G 66 -19.88 -17.27 25.26
CA LEU G 66 -19.95 -16.59 26.55
C LEU G 66 -18.86 -15.54 26.72
N LEU G 67 -18.15 -15.18 25.65
CA LEU G 67 -17.22 -14.05 25.69
C LEU G 67 -17.87 -12.79 25.15
N GLY G 68 -18.48 -12.85 23.97
CA GLY G 68 -19.23 -11.71 23.47
C GLY G 68 -20.39 -11.34 24.36
N LEU G 69 -20.95 -12.32 25.08
CA LEU G 69 -21.98 -12.03 26.05
C LEU G 69 -21.49 -11.11 27.15
N VAL G 70 -20.22 -11.25 27.54
CA VAL G 70 -19.63 -10.39 28.57
C VAL G 70 -19.35 -8.99 28.05
N MET G 71 -19.51 -8.76 26.75
CA MET G 71 -19.21 -7.46 26.18
C MET G 71 -20.42 -6.54 26.22
N ASN G 72 -21.62 -7.07 25.98
CA ASN G 72 -22.83 -6.27 26.05
C ASN G 72 -23.05 -5.75 27.46
N ASN G 73 -23.08 -4.43 27.60
CA ASN G 73 -23.21 -3.78 28.90
C ASN G 73 -24.59 -3.96 29.53
N ASN G 74 -25.52 -4.63 28.86
CA ASN G 74 -26.85 -4.88 29.40
C ASN G 74 -26.95 -6.19 30.15
N VAL G 75 -25.84 -6.66 30.73
CA VAL G 75 -25.78 -7.97 31.36
C VAL G 75 -25.60 -7.88 32.87
N SER G 76 -24.88 -6.86 33.35
CA SER G 76 -24.44 -6.82 34.73
C SER G 76 -25.56 -6.89 35.75
N MET G 77 -26.42 -5.87 35.78
CA MET G 77 -27.50 -5.88 36.76
C MET G 77 -28.59 -6.87 36.38
N LEU G 78 -28.58 -7.33 35.12
CA LEU G 78 -29.68 -8.14 34.61
C LEU G 78 -29.80 -9.45 35.39
N ALA G 79 -28.68 -10.11 35.65
CA ALA G 79 -28.71 -11.31 36.48
C ALA G 79 -28.82 -10.98 37.95
N GLU G 80 -28.55 -9.72 38.33
CA GLU G 80 -28.61 -9.34 39.73
C GLU G 80 -30.00 -9.56 40.31
N GLU G 81 -30.99 -8.86 39.78
CA GLU G 81 -32.36 -8.95 40.27
C GLU G 81 -33.10 -10.16 39.73
N TRP G 82 -32.43 -11.05 39.00
CA TRP G 82 -33.06 -12.22 38.40
C TRP G 82 -33.09 -13.42 39.35
N LYS G 83 -32.90 -13.19 40.65
CA LYS G 83 -32.93 -14.27 41.62
C LYS G 83 -33.72 -13.96 42.88
N ARG G 84 -34.24 -12.74 43.04
CA ARG G 84 -34.94 -12.38 44.27
C ARG G 84 -36.21 -13.21 44.48
N PRO G 85 -37.14 -13.33 43.51
CA PRO G 85 -38.33 -14.15 43.75
C PRO G 85 -38.00 -15.63 43.95
N ALA G 94 -43.36 -8.47 33.72
CA ALA G 94 -42.21 -7.58 33.56
C ALA G 94 -41.44 -7.90 32.27
N VAL G 95 -40.15 -7.59 32.27
CA VAL G 95 -39.28 -7.84 31.13
C VAL G 95 -38.54 -9.17 31.29
N LEU G 96 -39.06 -10.06 32.14
CA LEU G 96 -38.35 -11.29 32.48
C LEU G 96 -38.01 -12.15 31.27
N ARG G 97 -38.85 -12.13 30.24
CA ARG G 97 -38.59 -12.92 29.04
C ARG G 97 -37.95 -12.10 27.92
N TYR G 98 -37.71 -10.82 28.15
CA TYR G 98 -36.93 -10.00 27.23
C TYR G 98 -35.64 -9.57 27.92
N MET G 99 -34.79 -8.87 27.16
CA MET G 99 -33.48 -8.42 27.60
C MET G 99 -32.52 -9.57 27.85
N PHE G 100 -32.91 -10.81 27.54
CA PHE G 100 -32.01 -11.94 27.61
C PHE G 100 -32.04 -12.68 26.28
N CYS G 101 -33.19 -12.65 25.61
CA CYS G 101 -33.25 -13.20 24.26
C CYS G 101 -32.49 -12.33 23.27
N SER G 102 -32.47 -11.01 23.49
CA SER G 102 -31.73 -10.13 22.60
C SER G 102 -30.25 -10.42 22.67
N MET G 103 -29.68 -10.42 23.88
CA MET G 103 -28.27 -10.77 24.03
C MET G 103 -27.99 -12.17 23.50
N ALA G 104 -28.93 -13.09 23.69
CA ALA G 104 -28.74 -14.45 23.21
C ALA G 104 -28.63 -14.52 21.70
N GLN G 105 -29.18 -13.53 20.99
CA GLN G 105 -29.16 -13.54 19.54
C GLN G 105 -27.89 -12.89 18.99
N ARG G 106 -27.66 -11.62 19.32
CA ARG G 106 -26.53 -10.92 18.73
C ARG G 106 -25.19 -11.48 19.18
N ALA G 107 -25.15 -12.25 20.26
CA ALA G 107 -23.92 -12.88 20.73
C ALA G 107 -23.81 -14.33 20.31
N LEU G 108 -24.77 -14.83 19.54
CA LEU G 108 -24.75 -16.22 19.07
C LEU G 108 -24.48 -16.29 17.57
N ILE G 109 -23.88 -15.25 17.01
CA ILE G 109 -23.49 -15.25 15.60
C ILE G 109 -22.04 -15.67 15.50
N ALA G 110 -21.27 -15.38 16.55
CA ALA G 110 -19.85 -15.76 16.55
C ALA G 110 -19.66 -17.28 16.51
N PRO G 111 -20.29 -18.07 17.37
CA PRO G 111 -20.02 -19.52 17.33
C PRO G 111 -20.49 -20.19 16.06
N VAL G 112 -21.66 -19.80 15.55
CA VAL G 112 -22.24 -20.52 14.42
C VAL G 112 -21.41 -20.32 13.16
N VAL G 113 -20.61 -19.26 13.11
CA VAL G 113 -19.74 -19.06 11.96
C VAL G 113 -18.41 -19.76 12.16
N TRP G 114 -17.88 -19.75 13.39
CA TRP G 114 -16.64 -20.44 13.69
C TRP G 114 -16.81 -21.95 13.81
N VAL G 115 -18.03 -22.45 13.66
CA VAL G 115 -18.27 -23.88 13.59
C VAL G 115 -18.63 -24.34 12.19
N ALA G 116 -19.02 -23.42 11.31
CA ALA G 116 -19.25 -23.79 9.91
C ALA G 116 -17.95 -23.76 9.12
N VAL G 117 -17.09 -22.79 9.40
CA VAL G 117 -15.84 -22.68 8.67
C VAL G 117 -14.94 -23.86 8.95
N THR G 118 -15.10 -24.49 10.12
CA THR G 118 -14.28 -25.66 10.43
C THR G 118 -14.66 -26.85 9.56
N LEU G 119 -15.96 -27.05 9.34
CA LEU G 119 -16.40 -28.17 8.53
C LEU G 119 -15.94 -28.01 7.08
N LEU G 120 -16.13 -26.82 6.51
CA LEU G 120 -15.89 -26.62 5.08
C LEU G 120 -14.42 -26.79 4.74
N ASP G 121 -13.52 -26.58 5.71
CA ASP G 121 -12.10 -26.73 5.42
C ASP G 121 -11.74 -28.19 5.22
N GLY G 122 -12.20 -29.07 6.11
CA GLY G 122 -11.98 -30.48 5.97
C GLY G 122 -10.81 -31.04 6.75
N LYS G 123 -10.11 -30.22 7.52
CA LYS G 123 -9.01 -30.72 8.33
C LYS G 123 -9.44 -31.19 9.71
N CYS G 124 -10.63 -30.79 10.17
CA CYS G 124 -11.12 -31.28 11.46
C CYS G 124 -11.80 -32.63 11.34
N PHE G 125 -12.32 -32.98 10.16
CA PHE G 125 -13.03 -34.23 9.97
C PHE G 125 -12.09 -35.36 9.56
N LEU G 126 -11.12 -35.08 8.69
CA LEU G 126 -10.15 -36.11 8.31
C LEU G 126 -9.39 -36.60 9.53
N CYS G 127 -9.11 -35.71 10.48
CA CYS G 127 -8.33 -36.09 11.64
C CYS G 127 -9.06 -37.06 12.53
N ALA G 128 -10.39 -37.07 12.48
CA ALA G 128 -11.15 -37.87 13.43
C ALA G 128 -11.49 -39.24 12.88
N PHE G 129 -12.20 -39.29 11.75
CA PHE G 129 -12.74 -40.53 11.23
C PHE G 129 -11.80 -41.23 10.26
N CYS G 130 -10.50 -40.97 10.36
CA CYS G 130 -9.55 -41.66 9.50
C CYS G 130 -9.49 -43.15 9.79
N THR G 131 -9.89 -43.58 10.99
CA THR G 131 -9.80 -44.96 11.42
C THR G 131 -11.00 -45.78 10.96
N ALA G 132 -11.93 -45.20 10.22
CA ALA G 132 -13.15 -45.90 9.83
C ALA G 132 -13.46 -45.71 8.35
N VAL G 133 -12.44 -45.77 7.51
CA VAL G 133 -12.64 -45.68 6.07
C VAL G 133 -12.67 -47.10 5.52
N PRO G 134 -13.66 -47.45 4.69
CA PRO G 134 -13.73 -48.81 4.14
C PRO G 134 -12.53 -49.09 3.27
N VAL G 135 -11.75 -50.08 3.67
CA VAL G 135 -10.45 -50.34 3.05
C VAL G 135 -10.61 -51.24 1.83
N SER G 136 -11.13 -52.44 2.05
CA SER G 136 -11.21 -53.44 0.99
C SER G 136 -12.07 -53.01 -0.18
N ALA G 137 -12.94 -52.02 0.01
CA ALA G 137 -13.75 -51.50 -1.08
C ALA G 137 -13.66 -49.98 -1.08
N LEU G 138 -13.80 -49.39 -2.26
CA LEU G 138 -13.78 -47.93 -2.41
C LEU G 138 -12.45 -47.35 -1.94
N GLY G 139 -11.36 -48.09 -2.17
CA GLY G 139 -10.05 -47.63 -1.81
C GLY G 139 -9.13 -47.56 -3.01
N ALA G 144 -6.66 -53.51 -1.06
CA ALA G 144 -7.34 -54.78 -1.30
C ALA G 144 -6.97 -55.87 -0.28
N PRO G 145 -5.69 -56.17 -0.10
CA PRO G 145 -5.31 -57.20 0.86
C PRO G 145 -5.51 -56.74 2.30
N GLY G 146 -5.79 -57.71 3.18
CA GLY G 146 -6.03 -57.44 4.58
C GLY G 146 -4.78 -57.52 5.43
N LEU G 147 -4.97 -57.33 6.73
CA LEU G 147 -3.87 -57.29 7.68
C LEU G 147 -4.38 -57.55 9.08
N PRO G 148 -3.51 -57.65 10.09
CA PRO G 148 -3.99 -57.85 11.47
C PRO G 148 -4.73 -56.64 11.98
N ALA G 149 -5.60 -56.88 12.96
CA ALA G 149 -6.50 -55.83 13.44
C ALA G 149 -5.74 -54.72 14.16
N PRO G 150 -5.05 -54.98 15.28
CA PRO G 150 -4.51 -53.85 16.07
C PRO G 150 -3.45 -53.05 15.35
N GLU G 151 -2.56 -53.70 14.60
CA GLU G 151 -1.53 -52.96 13.88
C GLU G 151 -2.14 -52.08 12.81
N LEU G 152 -3.23 -52.54 12.18
CA LEU G 152 -3.88 -51.76 11.13
C LEU G 152 -4.33 -50.40 11.65
N ALA G 153 -4.92 -50.37 12.84
CA ALA G 153 -5.30 -49.10 13.44
C ALA G 153 -4.08 -48.21 13.65
N ARG G 154 -2.92 -48.82 13.95
CA ARG G 154 -1.70 -48.05 14.07
C ARG G 154 -1.16 -47.62 12.71
N LEU G 155 -1.74 -48.10 11.62
CA LEU G 155 -1.33 -47.68 10.29
C LEU G 155 -2.29 -46.66 9.69
N LEU G 156 -3.57 -47.03 9.58
CA LEU G 156 -4.56 -46.13 9.02
C LEU G 156 -4.69 -44.84 9.82
N ALA G 157 -4.39 -44.88 11.12
CA ALA G 157 -4.44 -43.66 11.90
C ALA G 157 -3.39 -42.65 11.48
N ARG G 158 -2.40 -43.06 10.70
CA ARG G 158 -1.33 -42.17 10.26
C ARG G 158 -1.59 -41.58 8.88
N VAL G 159 -2.84 -41.50 8.44
CA VAL G 159 -3.07 -40.94 7.11
C VAL G 159 -3.88 -39.64 7.14
N PRO G 160 -3.55 -38.67 8.00
CA PRO G 160 -3.86 -37.29 7.64
C PRO G 160 -2.72 -36.73 6.82
N CYS G 161 -2.73 -35.41 6.64
CA CYS G 161 -1.71 -34.59 5.99
C CYS G 161 -0.25 -35.03 6.17
N PRO G 162 0.16 -35.48 7.36
CA PRO G 162 1.58 -35.83 7.58
C PRO G 162 2.23 -36.68 6.50
N GLU G 163 3.55 -36.54 6.41
CA GLU G 163 4.39 -37.26 5.45
C GLU G 163 5.15 -38.38 6.13
N ILE G 164 4.50 -39.07 7.06
CA ILE G 164 5.05 -40.25 7.72
C ILE G 164 4.22 -41.49 7.45
N TYR G 165 3.30 -41.41 6.49
CA TYR G 165 2.42 -42.53 6.18
C TYR G 165 3.22 -43.71 5.63
N ASP G 166 2.81 -44.92 6.01
CA ASP G 166 3.57 -46.10 5.63
C ASP G 166 3.48 -46.37 4.13
N GLY G 167 2.28 -46.28 3.56
CA GLY G 167 2.20 -46.29 2.11
C GLY G 167 1.27 -47.27 1.41
N ASP G 168 1.89 -48.23 0.71
CA ASP G 168 1.28 -48.85 -0.46
C ASP G 168 -0.01 -49.61 -0.14
N TRP G 169 0.02 -50.48 0.86
CA TRP G 169 -1.00 -51.52 0.98
C TRP G 169 -2.38 -50.91 1.18
N LEU G 170 -3.34 -51.42 0.41
CA LEU G 170 -4.78 -51.23 0.56
C LEU G 170 -5.24 -49.79 0.44
N LEU G 171 -4.34 -48.83 0.22
CA LEU G 171 -4.83 -47.46 0.19
C LEU G 171 -3.72 -46.54 -0.28
N ALA G 172 -4.07 -45.62 -1.18
CA ALA G 172 -3.19 -44.54 -1.58
C ALA G 172 -3.63 -43.29 -0.85
N ARG G 173 -2.67 -42.52 -0.32
CA ARG G 173 -3.02 -41.43 0.58
C ARG G 173 -3.89 -40.39 -0.10
N GLU G 174 -3.64 -40.12 -1.38
CA GLU G 174 -4.45 -39.13 -2.06
C GLU G 174 -5.87 -39.61 -2.28
N VAL G 175 -6.11 -40.91 -2.26
CA VAL G 175 -7.46 -41.43 -2.42
C VAL G 175 -8.23 -41.43 -1.11
N ALA G 176 -7.56 -41.67 0.01
CA ALA G 176 -8.22 -41.59 1.31
C ALA G 176 -8.74 -40.18 1.55
N VAL G 177 -7.83 -39.20 1.63
CA VAL G 177 -8.27 -37.82 1.64
C VAL G 177 -8.92 -37.49 0.31
N ARG G 178 -9.68 -36.38 0.30
CA ARG G 178 -10.54 -35.94 -0.80
C ARG G 178 -11.72 -36.89 -1.00
N TYR G 179 -11.82 -37.93 -0.18
CA TYR G 179 -13.06 -38.65 0.02
C TYR G 179 -13.69 -38.31 1.36
N LEU G 180 -12.89 -38.22 2.41
CA LEU G 180 -13.38 -37.69 3.68
C LEU G 180 -13.55 -36.18 3.60
N ARG G 181 -12.72 -35.49 2.82
CA ARG G 181 -12.94 -34.07 2.60
C ARG G 181 -14.24 -33.82 1.86
N CYS G 182 -14.68 -34.79 1.04
CA CYS G 182 -15.95 -34.67 0.36
C CYS G 182 -17.11 -34.75 1.35
N ILE G 183 -17.10 -35.77 2.20
CA ILE G 183 -18.22 -36.00 3.11
C ILE G 183 -18.35 -34.84 4.09
N SER G 184 -17.24 -34.19 4.42
CA SER G 184 -17.32 -33.04 5.31
C SER G 184 -18.06 -31.88 4.65
N GLN G 185 -17.60 -31.49 3.46
CA GLN G 185 -18.16 -30.30 2.81
C GLN G 185 -19.65 -30.46 2.52
N ALA G 186 -20.04 -31.64 2.05
CA ALA G 186 -21.47 -31.90 1.85
C ALA G 186 -22.21 -31.85 3.17
N LEU G 187 -21.65 -32.50 4.20
CA LEU G 187 -22.23 -32.38 5.53
C LEU G 187 -22.13 -30.96 6.05
N GLY G 188 -21.13 -30.22 5.58
CA GLY G 188 -21.00 -28.84 6.02
C GLY G 188 -22.11 -27.95 5.50
N TRP G 189 -22.27 -27.90 4.18
CA TRP G 189 -23.31 -27.07 3.59
C TRP G 189 -24.69 -27.46 4.10
N SER G 190 -24.91 -28.76 4.35
CA SER G 190 -26.16 -29.19 4.95
C SER G 190 -26.35 -28.57 6.33
N PHE G 191 -25.26 -28.31 7.04
CA PHE G 191 -25.38 -27.65 8.33
C PHE G 191 -25.89 -26.23 8.17
N VAL G 192 -25.20 -25.43 7.35
CA VAL G 192 -25.53 -24.01 7.28
C VAL G 192 -26.93 -23.78 6.76
N LEU G 193 -27.45 -24.70 5.93
CA LEU G 193 -28.85 -24.63 5.55
C LEU G 193 -29.75 -24.84 6.76
N LEU G 194 -29.35 -25.74 7.65
CA LEU G 194 -30.14 -26.00 8.84
C LEU G 194 -30.15 -24.82 9.79
N THR G 195 -29.18 -23.92 9.67
CA THR G 195 -29.11 -22.75 10.53
C THR G 195 -29.70 -21.51 9.88
N THR G 196 -29.27 -21.19 8.65
CA THR G 196 -29.77 -20.00 7.99
C THR G 196 -31.27 -20.06 7.76
N LEU G 197 -31.80 -21.26 7.50
CA LEU G 197 -33.26 -21.42 7.46
C LEU G 197 -33.84 -21.21 8.84
N LEU G 198 -33.18 -21.73 9.87
CA LEU G 198 -33.63 -21.53 11.25
C LEU G 198 -33.52 -20.07 11.67
N ALA G 199 -32.64 -19.30 11.02
CA ALA G 199 -32.58 -17.86 11.23
C ALA G 199 -33.65 -17.11 10.47
N PHE G 200 -34.54 -17.82 9.78
CA PHE G 200 -35.64 -17.19 9.07
C PHE G 200 -36.95 -17.20 9.84
N VAL G 201 -37.05 -17.98 10.91
CA VAL G 201 -38.27 -18.02 11.70
C VAL G 201 -38.22 -17.02 12.84
N VAL G 202 -37.05 -16.85 13.47
CA VAL G 202 -36.93 -15.94 14.60
C VAL G 202 -37.07 -14.50 14.13
N ARG G 203 -36.50 -14.18 12.97
CA ARG G 203 -36.63 -12.85 12.40
C ARG G 203 -37.90 -12.67 11.58
N SER G 204 -38.76 -13.68 11.54
CA SER G 204 -40.03 -13.58 10.83
C SER G 204 -41.22 -13.98 11.69
N VAL G 205 -41.00 -14.66 12.80
CA VAL G 205 -42.04 -14.97 13.77
C VAL G 205 -41.78 -14.11 15.00
N ARG G 206 -42.74 -14.09 15.91
CA ARG G 206 -42.65 -13.21 17.07
C ARG G 206 -42.46 -14.03 18.35
N PRO G 207 -41.27 -14.58 18.59
CA PRO G 207 -41.04 -15.33 19.82
C PRO G 207 -41.23 -14.49 21.08
N CYS G 208 -40.48 -13.41 21.19
CA CYS G 208 -40.59 -12.46 22.30
C CYS G 208 -40.58 -11.04 21.77
N PHE G 209 -41.37 -10.81 20.73
CA PHE G 209 -41.40 -9.54 20.00
C PHE G 209 -42.84 -9.03 20.03
N THR G 210 -43.19 -8.32 21.11
CA THR G 210 -44.55 -7.81 21.28
C THR G 210 -44.48 -6.63 22.23
N GLN G 211 -45.63 -5.96 22.37
CA GLN G 211 -45.74 -4.81 23.26
C GLN G 211 -46.18 -5.22 24.65
N ALA G 212 -45.52 -6.23 25.22
CA ALA G 212 -45.75 -6.65 26.59
C ALA G 212 -44.66 -6.16 27.53
N ALA G 213 -43.40 -6.38 27.17
CA ALA G 213 -42.27 -5.80 27.87
C ALA G 213 -41.26 -5.14 26.95
N PHE G 214 -41.29 -5.44 25.66
CA PHE G 214 -40.36 -4.82 24.72
C PHE G 214 -40.52 -3.30 24.72
N LEU G 215 -41.75 -2.83 24.59
CA LEU G 215 -42.00 -1.40 24.68
C LEU G 215 -41.63 -0.86 26.05
N LYS G 216 -42.00 -1.56 27.11
CA LYS G 216 -41.64 -1.12 28.46
C LYS G 216 -40.12 -1.11 28.65
N SER G 217 -39.46 -2.20 28.26
CA SER G 217 -38.00 -2.26 28.34
C SER G 217 -37.35 -1.19 27.48
N LYS G 218 -38.00 -0.76 26.40
CA LYS G 218 -37.48 0.35 25.61
C LYS G 218 -37.33 1.60 26.45
N TYR G 219 -38.18 1.76 27.47
CA TYR G 219 -38.10 2.92 28.35
C TYR G 219 -36.80 2.93 29.15
N TRP G 220 -36.13 1.78 29.30
CA TRP G 220 -34.83 1.73 29.96
C TRP G 220 -33.70 2.04 29.00
N SER G 221 -34.00 2.30 27.73
CA SER G 221 -32.97 2.30 26.69
C SER G 221 -31.92 3.37 26.92
N HIS G 222 -32.32 4.65 26.84
CA HIS G 222 -31.36 5.74 26.88
C HIS G 222 -31.47 6.59 28.14
N TYR G 223 -31.99 6.04 29.23
CA TYR G 223 -31.97 6.77 30.48
C TYR G 223 -30.59 6.69 31.14
N ILE G 224 -29.96 5.52 31.10
CA ILE G 224 -28.72 5.31 31.84
C ILE G 224 -27.61 6.19 31.29
N ASP G 225 -27.39 6.13 29.97
CA ASP G 225 -26.39 7.01 29.37
C ASP G 225 -26.77 8.47 29.57
N ILE G 226 -28.07 8.78 29.57
CA ILE G 226 -28.50 10.12 29.95
C ILE G 226 -28.10 10.42 31.38
N GLU G 227 -28.24 9.43 32.27
CA GLU G 227 -27.80 9.60 33.65
C GLU G 227 -26.30 9.82 33.73
N ARG G 228 -25.55 9.32 32.74
CA ARG G 228 -24.13 9.60 32.68
C ARG G 228 -23.87 11.09 32.53
N LYS G 229 -24.49 11.72 31.53
CA LYS G 229 -24.30 13.15 31.31
C LYS G 229 -25.30 13.99 32.07
N LEU G 230 -26.15 13.36 32.88
CA LEU G 230 -27.07 14.11 33.73
C LEU G 230 -26.42 14.51 35.04
N PHE G 231 -25.93 13.54 35.81
CA PHE G 231 -25.27 13.85 37.07
C PHE G 231 -23.86 14.38 36.85
N ASP G 232 -23.26 14.08 35.69
CA ASP G 232 -21.92 14.58 35.41
C ASP G 232 -21.89 16.10 35.38
N GLU G 233 -22.87 16.72 34.73
CA GLU G 233 -22.95 18.18 34.73
C GLU G 233 -23.16 18.72 36.14
N THR G 234 -24.00 18.07 36.93
CA THR G 234 -24.14 18.46 38.33
C THR G 234 -22.89 18.14 39.12
N CYS G 235 -22.28 16.98 38.85
CA CYS G 235 -21.04 16.61 39.52
C CYS G 235 -19.91 17.54 39.11
N THR G 236 -19.74 17.76 37.81
CA THR G 236 -18.70 18.64 37.33
C THR G 236 -18.92 20.08 37.81
N GLU G 237 -20.19 20.48 37.91
CA GLU G 237 -20.51 21.83 38.39
C GLU G 237 -20.23 21.95 39.88
N HIS G 238 -20.77 21.01 40.68
CA HIS G 238 -20.57 21.06 42.12
C HIS G 238 -19.09 20.98 42.49
N ALA G 239 -18.28 20.31 41.66
CA ALA G 239 -16.84 20.34 41.87
C ALA G 239 -16.29 21.75 41.79
N LYS G 240 -16.90 22.58 40.95
CA LYS G 240 -16.49 23.97 40.84
C LYS G 240 -16.83 24.77 42.09
N ALA G 241 -17.68 24.24 42.96
CA ALA G 241 -18.02 24.93 44.21
C ALA G 241 -16.79 25.12 45.08
N PHE G 242 -16.19 24.02 45.53
CA PHE G 242 -14.99 24.07 46.36
C PHE G 242 -13.72 24.31 45.56
N ALA G 243 -13.83 24.44 44.23
CA ALA G 243 -12.64 24.69 43.41
C ALA G 243 -12.00 26.03 43.77
N LYS G 244 -12.76 27.12 43.67
CA LYS G 244 -12.22 28.43 43.96
C LYS G 244 -11.88 28.56 45.45
N VAL G 245 -12.54 27.78 46.29
CA VAL G 245 -12.29 27.86 47.74
C VAL G 245 -10.87 27.40 48.05
N CYS G 246 -10.49 26.22 47.59
CA CYS G 246 -9.14 25.69 47.83
C CYS G 246 -8.10 26.38 46.96
N ILE G 247 -8.53 26.97 45.83
CA ILE G 247 -7.61 27.59 44.87
C ILE G 247 -7.05 28.91 45.35
N GLN G 248 -7.35 29.33 46.58
CA GLN G 248 -6.98 30.64 47.09
C GLN G 248 -5.48 30.90 46.96
N GLN G 249 -4.66 29.97 47.46
CA GLN G 249 -3.21 30.17 47.40
C GLN G 249 -2.63 29.95 46.01
N PHE G 250 -3.46 29.60 45.02
CA PHE G 250 -2.99 29.27 43.69
C PHE G 250 -2.95 30.47 42.74
N PHE G 251 -3.55 31.59 43.10
CA PHE G 251 -3.61 32.74 42.19
C PHE G 251 -2.22 33.30 41.94
N GLU G 252 -1.61 33.90 42.96
CA GLU G 252 -0.30 34.53 42.81
C GLU G 252 0.20 35.05 44.16
N ALA G 253 1.52 35.25 44.23
CA ALA G 253 2.14 35.74 45.45
C ALA G 253 3.63 36.04 45.23
N MET G 254 4.33 34.99 44.83
CA MET G 254 5.76 35.10 44.54
C MET G 254 6.00 35.78 43.19
N ASN G 255 5.61 35.13 42.11
CA ASN G 255 5.77 35.69 40.77
C ASN G 255 5.57 37.20 40.79
N ALA H 30 -1.66 -5.77 21.89
CA ALA H 30 -0.35 -5.24 22.27
C ALA H 30 0.51 -6.33 22.89
N SER H 31 0.05 -7.57 22.79
CA SER H 31 0.76 -8.72 23.34
C SER H 31 1.28 -9.67 22.28
N ALA H 32 0.40 -10.14 21.38
CA ALA H 32 0.81 -11.11 20.36
C ALA H 32 1.82 -10.52 19.38
N GLN H 33 1.86 -9.20 19.22
CA GLN H 33 2.79 -8.60 18.28
C GLN H 33 4.23 -8.87 18.70
N MET H 34 4.51 -8.88 20.01
CA MET H 34 5.84 -9.20 20.47
C MET H 34 6.23 -10.62 20.08
N TYR H 35 5.27 -11.53 20.04
CA TYR H 35 5.58 -12.93 19.72
C TYR H 35 5.96 -13.15 18.27
N SER H 36 5.83 -12.13 17.41
CA SER H 36 6.15 -12.30 16.01
C SER H 36 7.66 -12.31 15.76
N ALA H 37 8.36 -11.31 16.28
CA ALA H 37 9.80 -11.18 16.07
C ALA H 37 10.64 -11.66 17.24
N PHE H 38 10.05 -11.79 18.43
CA PHE H 38 10.78 -12.28 19.60
C PHE H 38 11.17 -13.72 19.37
N ASP H 39 12.45 -13.97 19.16
CA ASP H 39 12.89 -15.31 18.81
C ASP H 39 12.79 -16.24 20.01
N PHE H 40 12.95 -17.52 19.75
CA PHE H 40 12.92 -18.54 20.79
C PHE H 40 14.12 -19.46 20.57
N ASN H 41 14.74 -19.93 21.66
CA ASN H 41 16.02 -20.62 21.57
C ASN H 41 15.95 -22.09 21.92
N CYS H 42 15.43 -22.44 23.10
CA CYS H 42 15.28 -23.84 23.48
C CYS H 42 16.62 -24.59 23.54
N PRO H 43 17.48 -24.29 24.50
CA PRO H 43 18.81 -24.93 24.53
C PRO H 43 18.76 -26.41 24.82
N CYS H 44 19.17 -27.23 23.86
CA CYS H 44 19.07 -28.69 23.98
C CYS H 44 20.16 -29.23 24.91
N LEU H 45 20.01 -28.92 26.19
CA LEU H 45 20.91 -29.45 27.22
C LEU H 45 20.09 -30.07 28.33
N PRO H 46 20.37 -31.30 28.71
CA PRO H 46 19.45 -32.03 29.60
C PRO H 46 19.51 -31.56 31.03
N GLY H 47 18.74 -30.52 31.34
CA GLY H 47 18.64 -30.04 32.70
C GLY H 47 18.50 -28.54 32.80
N TYR H 48 18.93 -27.81 31.77
CA TYR H 48 18.64 -26.39 31.68
C TYR H 48 17.31 -26.11 31.02
N ASN H 49 16.69 -27.13 30.40
CA ASN H 49 15.46 -26.92 29.65
C ASN H 49 14.35 -26.36 30.51
N ALA H 50 14.20 -26.89 31.72
CA ALA H 50 13.15 -26.41 32.60
C ALA H 50 13.30 -24.93 32.90
N ALA H 51 14.54 -24.46 33.05
CA ALA H 51 14.77 -23.05 33.29
C ALA H 51 14.31 -22.20 32.11
N TYR H 52 14.93 -22.40 30.94
CA TYR H 52 14.62 -21.56 29.79
C TYR H 52 13.17 -21.73 29.36
N SER H 53 12.59 -22.91 29.60
CA SER H 53 11.17 -23.10 29.32
C SER H 53 10.32 -22.34 30.31
N ALA H 54 10.46 -22.64 31.61
CA ALA H 54 9.66 -21.96 32.61
C ALA H 54 10.05 -20.50 32.74
N GLY H 55 11.25 -20.14 32.27
CA GLY H 55 11.68 -18.75 32.37
C GLY H 55 10.86 -17.84 31.47
N ILE H 56 10.51 -18.31 30.28
CA ILE H 56 9.87 -17.43 29.31
C ILE H 56 8.36 -17.37 29.50
N LEU H 57 7.79 -18.30 30.26
CA LEU H 57 6.35 -18.35 30.44
C LEU H 57 5.87 -17.55 31.64
N LEU H 58 6.77 -17.19 32.56
CA LEU H 58 6.40 -16.47 33.77
C LEU H 58 6.84 -15.00 33.74
N ALA H 59 8.03 -14.72 33.21
CA ALA H 59 8.58 -13.37 33.29
C ALA H 59 7.77 -12.33 32.53
N PRO H 60 7.45 -12.52 31.25
CA PRO H 60 6.73 -11.48 30.51
C PRO H 60 5.37 -11.16 31.11
N PRO H 61 4.62 -12.15 31.61
CA PRO H 61 3.40 -11.79 32.36
C PRO H 61 3.67 -10.85 33.53
N LEU H 62 4.61 -11.21 34.39
CA LEU H 62 4.90 -10.39 35.57
C LEU H 62 5.37 -8.99 35.18
N VAL H 63 6.12 -8.89 34.10
CA VAL H 63 6.59 -7.58 33.66
C VAL H 63 5.49 -6.81 32.95
N LEU H 64 4.65 -7.51 32.18
CA LEU H 64 3.53 -6.82 31.52
C LEU H 64 2.51 -6.35 32.54
N PHE H 65 2.29 -7.13 33.59
CA PHE H 65 1.31 -6.77 34.60
C PHE H 65 1.68 -5.47 35.28
N LEU H 66 2.81 -5.45 35.97
CA LEU H 66 3.21 -4.28 36.73
C LEU H 66 3.82 -3.18 35.87
N LEU H 67 3.71 -3.29 34.55
CA LEU H 67 4.10 -2.21 33.65
C LEU H 67 2.90 -1.37 33.25
N GLY H 68 1.83 -2.00 32.78
CA GLY H 68 0.61 -1.26 32.49
C GLY H 68 0.03 -0.62 33.72
N LEU H 69 0.28 -1.20 34.89
CA LEU H 69 -0.15 -0.59 36.15
C LEU H 69 0.52 0.76 36.34
N VAL H 70 1.77 0.91 35.91
CA VAL H 70 2.48 2.17 36.04
C VAL H 70 1.99 3.21 35.04
N MET H 71 1.12 2.82 34.11
CA MET H 71 0.64 3.74 33.10
C MET H 71 -0.61 4.49 33.56
N ASN H 72 -1.49 3.83 34.29
CA ASN H 72 -2.69 4.48 34.81
C ASN H 72 -2.30 5.57 35.80
N ASN H 73 -2.68 6.80 35.50
CA ASN H 73 -2.33 7.95 36.33
C ASN H 73 -3.03 7.98 37.68
N ASN H 74 -3.91 7.00 37.97
CA ASN H 74 -4.61 6.94 39.24
C ASN H 74 -3.87 6.10 40.26
N VAL H 75 -2.54 6.03 40.17
CA VAL H 75 -1.74 5.14 41.01
C VAL H 75 -0.86 5.91 41.98
N SER H 76 -0.38 7.08 41.57
CA SER H 76 0.68 7.78 42.29
C SER H 76 0.33 8.09 43.74
N MET H 77 -0.67 8.94 43.96
CA MET H 77 -1.01 9.31 45.34
C MET H 77 -1.75 8.18 46.03
N LEU H 78 -2.24 7.20 45.25
CA LEU H 78 -3.11 6.17 45.80
C LEU H 78 -2.38 5.34 46.86
N ALA H 79 -1.15 4.95 46.58
CA ALA H 79 -0.36 4.25 47.58
C ALA H 79 0.20 5.21 48.63
N GLU H 80 0.20 6.51 48.34
CA GLU H 80 0.76 7.48 49.28
C GLU H 80 0.02 7.44 50.61
N GLU H 81 -1.26 7.76 50.60
CA GLU H 81 -2.07 7.80 51.81
C GLU H 81 -2.54 6.42 52.26
N TRP H 82 -2.09 5.36 51.59
CA TRP H 82 -2.52 4.00 51.91
C TRP H 82 -1.68 3.36 53.01
N LYS H 83 -0.93 4.16 53.76
CA LYS H 83 -0.10 3.63 54.84
C LYS H 83 -0.19 4.41 56.13
N ARG H 84 -0.91 5.53 56.18
CA ARG H 84 -0.95 6.35 57.38
C ARG H 84 -1.58 5.63 58.57
N PRO H 85 -2.77 5.01 58.46
CA PRO H 85 -3.33 4.30 59.62
C PRO H 85 -2.48 3.10 60.05
N ALA H 94 -14.32 4.48 53.51
CA ALA H 94 -13.79 5.28 52.42
C ALA H 94 -13.74 4.48 51.11
N VAL H 95 -12.81 4.85 50.24
CA VAL H 95 -12.62 4.18 48.96
C VAL H 95 -11.52 3.13 49.05
N LEU H 96 -11.22 2.66 50.27
CA LEU H 96 -10.07 1.78 50.49
C LEU H 96 -10.15 0.49 49.67
N ARG H 97 -11.35 -0.02 49.42
CA ARG H 97 -11.50 -1.23 48.64
C ARG H 97 -11.84 -0.96 47.18
N TYR H 98 -11.94 0.30 46.78
CA TYR H 98 -12.07 0.67 45.38
C TYR H 98 -10.82 1.46 44.97
N MET H 99 -10.77 1.80 43.68
CA MET H 99 -9.64 2.50 43.05
C MET H 99 -8.38 1.65 43.03
N PHE H 100 -8.45 0.39 43.44
CA PHE H 100 -7.34 -0.53 43.31
C PHE H 100 -7.80 -1.79 42.60
N CYS H 101 -9.07 -2.14 42.78
CA CYS H 101 -9.63 -3.25 42.01
C CYS H 101 -9.82 -2.86 40.56
N SER H 102 -10.13 -1.60 40.29
CA SER H 102 -10.28 -1.15 38.90
C SER H 102 -8.97 -1.27 38.14
N MET H 103 -7.90 -0.69 38.69
CA MET H 103 -6.59 -0.82 38.06
C MET H 103 -6.18 -2.29 37.95
N ALA H 104 -6.54 -3.09 38.94
CA ALA H 104 -6.18 -4.50 38.91
C ALA H 104 -6.87 -5.24 37.77
N GLN H 105 -7.97 -4.72 37.28
CA GLN H 105 -8.71 -5.38 36.21
C GLN H 105 -8.19 -4.96 34.83
N ARG H 106 -8.24 -3.66 34.53
CA ARG H 106 -7.89 -3.22 33.19
C ARG H 106 -6.41 -3.42 32.88
N ALA H 107 -5.57 -3.62 33.90
CA ALA H 107 -4.15 -3.88 33.70
C ALA H 107 -3.80 -5.35 33.79
N LEU H 108 -4.80 -6.21 33.97
CA LEU H 108 -4.57 -7.65 34.05
C LEU H 108 -5.12 -8.37 32.82
N ILE H 109 -5.27 -7.65 31.71
CA ILE H 109 -5.68 -8.26 30.45
C ILE H 109 -4.44 -8.57 29.63
N ALA H 110 -3.38 -7.79 29.84
CA ALA H 110 -2.14 -8.03 29.11
C ALA H 110 -1.51 -9.38 29.45
N PRO H 111 -1.32 -9.75 30.72
CA PRO H 111 -0.65 -11.03 30.98
C PRO H 111 -1.45 -12.23 30.56
N VAL H 112 -2.77 -12.20 30.76
CA VAL H 112 -3.58 -13.40 30.52
C VAL H 112 -3.63 -13.73 29.04
N VAL H 113 -3.38 -12.74 28.18
CA VAL H 113 -3.33 -13.02 26.74
C VAL H 113 -1.94 -13.46 26.32
N TRP H 114 -0.90 -12.86 26.89
CA TRP H 114 0.46 -13.25 26.57
C TRP H 114 0.88 -14.54 27.25
N VAL H 115 -0.01 -15.15 28.03
CA VAL H 115 0.24 -16.47 28.60
C VAL H 115 -0.62 -17.54 27.93
N ALA H 116 -1.68 -17.14 27.23
CA ALA H 116 -2.46 -18.12 26.47
C ALA H 116 -1.85 -18.35 25.10
N VAL H 117 -1.33 -17.29 24.47
CA VAL H 117 -0.76 -17.43 23.13
C VAL H 117 0.49 -18.30 23.18
N THR H 118 1.17 -18.34 24.34
CA THR H 118 2.35 -19.18 24.45
C THR H 118 2.00 -20.66 24.42
N LEU H 119 0.91 -21.03 25.11
CA LEU H 119 0.51 -22.43 25.13
C LEU H 119 0.07 -22.91 23.75
N LEU H 120 -0.76 -22.12 23.08
CA LEU H 120 -1.36 -22.56 21.82
C LEU H 120 -0.32 -22.76 20.73
N ASP H 121 0.82 -22.08 20.83
CA ASP H 121 1.85 -22.23 19.81
C ASP H 121 2.51 -23.60 19.91
N GLY H 122 2.88 -24.01 21.12
CA GLY H 122 3.45 -25.32 21.34
C GLY H 122 4.96 -25.38 21.37
N LYS H 123 5.64 -24.25 21.26
CA LYS H 123 7.10 -24.25 21.35
C LYS H 123 7.61 -24.09 22.77
N CYS H 124 6.79 -23.61 23.69
CA CYS H 124 7.21 -23.50 25.08
C CYS H 124 7.05 -24.81 25.84
N PHE H 125 6.15 -25.68 25.40
CA PHE H 125 5.89 -26.93 26.09
C PHE H 125 6.79 -28.05 25.59
N LEU H 126 7.02 -28.13 24.28
CA LEU H 126 7.93 -29.15 23.75
C LEU H 126 9.33 -28.98 24.33
N CYS H 127 9.74 -27.74 24.57
CA CYS H 127 11.08 -27.49 25.06
C CYS H 127 11.27 -28.02 26.48
N ALA H 128 10.20 -28.14 27.24
CA ALA H 128 10.35 -28.48 28.64
C ALA H 128 10.23 -29.98 28.89
N PHE H 129 9.10 -30.58 28.51
CA PHE H 129 8.81 -31.96 28.85
C PHE H 129 9.28 -32.94 27.80
N CYS H 130 10.29 -32.57 27.00
CA CYS H 130 10.81 -33.51 26.02
C CYS H 130 11.50 -34.70 26.68
N THR H 131 11.94 -34.56 27.93
CA THR H 131 12.68 -35.60 28.64
C THR H 131 11.75 -36.63 29.29
N ALA H 132 10.44 -36.51 29.11
CA ALA H 132 9.52 -37.39 29.80
C ALA H 132 8.44 -37.90 28.85
N VAL H 133 8.84 -38.26 27.63
CA VAL H 133 7.91 -38.86 26.68
C VAL H 133 8.05 -40.37 26.74
N PRO H 134 6.96 -41.12 26.85
CA PRO H 134 7.06 -42.58 26.92
C PRO H 134 7.65 -43.15 25.65
N VAL H 135 8.80 -43.79 25.78
CA VAL H 135 9.60 -44.20 24.64
C VAL H 135 9.14 -45.56 24.13
N SER H 136 9.23 -46.58 24.99
CA SER H 136 8.94 -47.95 24.58
C SER H 136 7.52 -48.15 24.11
N ALA H 137 6.60 -47.25 24.45
CA ALA H 137 5.23 -47.32 23.98
C ALA H 137 4.81 -45.97 23.45
N LEU H 138 3.90 -45.99 22.47
CA LEU H 138 3.37 -44.76 21.89
C LEU H 138 4.48 -43.92 21.24
N GLY H 139 5.46 -44.61 20.66
CA GLY H 139 6.54 -43.94 19.97
C GLY H 139 6.63 -44.35 18.52
N ALA H 144 11.53 -48.60 20.36
CA ALA H 144 11.27 -49.89 21.00
C ALA H 144 12.44 -50.37 21.88
N PRO H 145 13.65 -50.47 21.32
CA PRO H 145 14.78 -50.92 22.13
C PRO H 145 15.21 -49.88 23.15
N GLY H 146 15.76 -50.37 24.27
CA GLY H 146 16.19 -49.51 25.35
C GLY H 146 17.66 -49.11 25.24
N LEU H 147 18.11 -48.37 26.25
CA LEU H 147 19.47 -47.83 26.26
C LEU H 147 19.87 -47.46 27.68
N PRO H 148 21.10 -47.05 27.92
CA PRO H 148 21.49 -46.64 29.27
C PRO H 148 20.78 -45.38 29.71
N ALA H 149 20.67 -45.22 31.04
CA ALA H 149 19.86 -44.13 31.59
C ALA H 149 20.47 -42.76 31.31
N PRO H 150 21.69 -42.44 31.79
CA PRO H 150 22.16 -41.04 31.68
C PRO H 150 22.36 -40.57 30.25
N GLU H 151 22.90 -41.42 29.38
CA GLU H 151 23.11 -41.02 28.00
C GLU H 151 21.77 -40.76 27.30
N LEU H 152 20.74 -41.53 27.65
CA LEU H 152 19.44 -41.35 27.02
C LEU H 152 18.90 -39.95 27.23
N ALA H 153 19.04 -39.43 28.45
CA ALA H 153 18.64 -38.05 28.71
C ALA H 153 19.42 -37.07 27.84
N ARG H 154 20.69 -37.40 27.56
CA ARG H 154 21.47 -36.57 26.66
C ARG H 154 21.07 -36.76 25.21
N LEU H 155 20.20 -37.72 24.91
CA LEU H 155 19.70 -37.92 23.56
C LEU H 155 18.30 -37.35 23.38
N LEU H 156 17.35 -37.82 24.20
CA LEU H 156 15.98 -37.34 24.09
C LEU H 156 15.87 -35.85 24.34
N ALA H 157 16.79 -35.27 25.12
CA ALA H 157 16.76 -33.84 25.33
C ALA H 157 17.05 -33.05 24.06
N ARG H 158 17.57 -33.69 23.02
CA ARG H 158 17.90 -33.03 21.78
C ARG H 158 16.79 -33.14 20.74
N VAL H 159 15.55 -33.35 21.15
CA VAL H 159 14.51 -33.47 20.14
C VAL H 159 13.45 -32.36 20.24
N PRO H 160 13.84 -31.09 20.35
CA PRO H 160 12.97 -30.04 19.84
C PRO H 160 13.27 -29.82 18.36
N CYS H 161 12.73 -28.74 17.82
CA CYS H 161 12.94 -28.23 16.46
C CYS H 161 14.34 -28.43 15.86
N PRO H 162 15.43 -28.27 16.62
CA PRO H 162 16.78 -28.37 16.04
C PRO H 162 17.00 -29.57 15.13
N GLU H 163 17.95 -29.39 14.22
CA GLU H 163 18.37 -30.41 13.25
C GLU H 163 19.69 -31.04 13.64
N ILE H 164 19.88 -31.28 14.93
CA ILE H 164 21.04 -31.99 15.45
C ILE H 164 20.64 -33.28 16.16
N TYR H 165 19.39 -33.71 15.99
CA TYR H 165 18.89 -34.91 16.65
C TYR H 165 19.62 -36.15 16.14
N ASP H 166 19.90 -37.08 17.05
CA ASP H 166 20.69 -38.25 16.69
C ASP H 166 19.93 -39.17 15.74
N GLY H 167 18.65 -39.43 16.03
CA GLY H 167 17.84 -40.10 15.02
C GLY H 167 17.06 -41.36 15.38
N ASP H 168 17.51 -42.48 14.81
CA ASP H 168 16.62 -43.60 14.51
C ASP H 168 16.02 -44.22 15.76
N TRP H 169 16.83 -44.56 16.76
CA TRP H 169 16.42 -45.50 17.80
C TRP H 169 15.23 -44.97 18.58
N LEU H 170 14.24 -45.84 18.76
CA LEU H 170 13.11 -45.70 19.68
C LEU H 170 12.22 -44.50 19.41
N LEU H 171 12.51 -43.69 18.40
CA LEU H 171 11.66 -42.52 18.23
C LEU H 171 12.00 -41.83 16.93
N ALA H 172 10.96 -41.44 16.19
CA ALA H 172 11.10 -40.60 15.01
C ALA H 172 10.72 -39.18 15.41
N ARG H 173 11.51 -38.19 14.98
CA ARG H 173 11.34 -36.84 15.50
C ARG H 173 9.96 -36.28 15.19
N GLU H 174 9.42 -36.60 14.02
CA GLU H 174 8.10 -36.09 13.70
C GLU H 174 7.01 -36.72 14.54
N VAL H 175 7.26 -37.88 15.13
CA VAL H 175 6.27 -38.51 15.98
C VAL H 175 6.33 -37.98 17.40
N ALA H 176 7.52 -37.64 17.90
CA ALA H 176 7.63 -37.03 19.22
C ALA H 176 6.89 -35.71 19.26
N VAL H 177 7.34 -34.74 18.45
CA VAL H 177 6.56 -33.53 18.28
C VAL H 177 5.24 -33.88 17.61
N ARG H 178 4.28 -32.96 17.71
CA ARG H 178 2.88 -33.12 17.28
C ARG H 178 2.15 -34.14 18.14
N TYR H 179 2.83 -34.70 19.13
CA TYR H 179 2.18 -35.35 20.26
C TYR H 179 2.25 -34.49 21.51
N LEU H 180 3.41 -33.87 21.78
CA LEU H 180 3.50 -32.87 22.82
C LEU H 180 2.83 -31.57 22.39
N ARG H 181 2.86 -31.25 21.09
CA ARG H 181 2.12 -30.10 20.60
C ARG H 181 0.62 -30.30 20.78
N CYS H 182 0.17 -31.56 20.75
CA CYS H 182 -1.24 -31.86 20.99
C CYS H 182 -1.62 -31.57 22.42
N ILE H 183 -0.84 -32.09 23.37
CA ILE H 183 -1.19 -31.97 24.78
C ILE H 183 -1.16 -30.51 25.21
N SER H 184 -0.32 -29.69 24.57
CA SER H 184 -0.30 -28.28 24.91
C SER H 184 -1.60 -27.60 24.50
N GLN H 185 -1.98 -27.75 23.22
CA GLN H 185 -3.14 -27.02 22.70
C GLN H 185 -4.42 -27.41 23.45
N ALA H 186 -4.59 -28.70 23.72
CA ALA H 186 -5.74 -29.12 24.51
C ALA H 186 -5.67 -28.53 25.91
N LEU H 187 -4.49 -28.62 26.54
CA LEU H 187 -4.31 -27.96 27.82
C LEU H 187 -4.42 -26.44 27.68
N GLY H 188 -4.09 -25.92 26.50
CA GLY H 188 -4.21 -24.48 26.30
C GLY H 188 -5.65 -24.01 26.31
N TRP H 189 -6.48 -24.57 25.42
CA TRP H 189 -7.88 -24.17 25.36
C TRP H 189 -8.58 -24.39 26.69
N SER H 190 -8.20 -25.45 27.41
CA SER H 190 -8.75 -25.66 28.75
C SER H 190 -8.39 -24.50 29.67
N PHE H 191 -7.25 -23.87 29.45
CA PHE H 191 -6.88 -22.70 30.25
C PHE H 191 -7.83 -21.54 29.98
N VAL H 192 -7.98 -21.15 28.71
CA VAL H 192 -8.73 -19.94 28.41
C VAL H 192 -10.20 -20.08 28.80
N LEU H 193 -10.72 -21.31 28.81
CA LEU H 193 -12.06 -21.52 29.35
C LEU H 193 -12.08 -21.23 30.84
N LEU H 194 -11.01 -21.60 31.55
CA LEU H 194 -10.94 -21.36 32.98
C LEU H 194 -10.84 -19.88 33.30
N THR H 195 -10.43 -19.07 32.33
CA THR H 195 -10.30 -17.62 32.54
C THR H 195 -11.52 -16.86 32.02
N THR H 196 -11.92 -17.09 30.77
CA THR H 196 -13.04 -16.36 30.20
C THR H 196 -14.33 -16.63 30.96
N LEU H 197 -14.49 -17.85 31.48
CA LEU H 197 -15.61 -18.12 32.38
C LEU H 197 -15.44 -17.36 33.68
N LEU H 198 -14.21 -17.31 34.19
CA LEU H 198 -13.93 -16.54 35.40
C LEU H 198 -14.09 -15.05 35.18
N ALA H 199 -13.99 -14.59 33.93
CA ALA H 199 -14.29 -13.21 33.59
C ALA H 199 -15.78 -12.96 33.44
N PHE H 200 -16.61 -13.96 33.70
CA PHE H 200 -18.06 -13.81 33.63
C PHE H 200 -18.70 -13.57 34.99
N VAL H 201 -17.97 -13.78 36.08
CA VAL H 201 -18.51 -13.54 37.41
C VAL H 201 -18.21 -12.14 37.89
N VAL H 202 -17.01 -11.63 37.60
CA VAL H 202 -16.64 -10.30 38.06
C VAL H 202 -17.45 -9.23 37.34
N ARG H 203 -17.71 -9.43 36.04
CA ARG H 203 -18.52 -8.51 35.28
C ARG H 203 -20.02 -8.81 35.39
N SER H 204 -20.40 -9.80 36.20
CA SER H 204 -21.80 -10.12 36.43
C SER H 204 -22.18 -10.17 37.90
N VAL H 205 -21.20 -10.26 38.80
CA VAL H 205 -21.43 -10.18 40.23
C VAL H 205 -20.86 -8.84 40.69
N ARG H 206 -21.17 -8.47 41.93
CA ARG H 206 -20.79 -7.17 42.44
C ARG H 206 -19.72 -7.31 43.52
N PRO H 207 -18.47 -7.61 43.15
CA PRO H 207 -17.40 -7.70 44.16
C PRO H 207 -17.19 -6.41 44.92
N CYS H 208 -16.88 -5.34 44.21
CA CYS H 208 -16.70 -4.00 44.78
C CYS H 208 -17.43 -2.97 43.93
N PHE H 209 -18.67 -3.29 43.57
CA PHE H 209 -19.48 -2.50 42.65
C PHE H 209 -20.77 -2.13 43.38
N THR H 210 -20.72 -1.04 44.15
CA THR H 210 -21.88 -0.61 44.93
C THR H 210 -21.74 0.87 45.21
N GLN H 211 -22.79 1.45 45.79
CA GLN H 211 -22.79 2.87 46.14
C GLN H 211 -22.29 3.10 47.55
N ALA H 212 -21.14 2.51 47.89
CA ALA H 212 -20.48 2.73 49.17
C ALA H 212 -19.29 3.66 49.04
N ALA H 213 -18.41 3.39 48.08
CA ALA H 213 -17.33 4.31 47.73
C ALA H 213 -17.23 4.56 46.24
N PHE H 214 -17.81 3.70 45.40
CA PHE H 214 -17.76 3.90 43.96
C PHE H 214 -18.38 5.24 43.58
N LEU H 215 -19.58 5.51 44.08
CA LEU H 215 -20.19 6.82 43.82
C LEU H 215 -19.36 7.94 44.43
N LYS H 216 -18.88 7.76 45.66
CA LYS H 216 -18.05 8.78 46.28
C LYS H 216 -16.76 8.98 45.50
N SER H 217 -16.08 7.89 45.17
CA SER H 217 -14.86 7.98 44.36
C SER H 217 -15.12 8.60 43.00
N LYS H 218 -16.34 8.45 42.46
CA LYS H 218 -16.70 9.11 41.22
C LYS H 218 -16.54 10.62 41.35
N TYR H 219 -16.74 11.16 42.55
CA TYR H 219 -16.60 12.59 42.77
C TYR H 219 -15.17 13.06 42.57
N TRP H 220 -14.19 12.14 42.64
CA TRP H 220 -12.80 12.49 42.36
C TRP H 220 -12.48 12.42 40.87
N SER H 221 -13.47 12.06 40.04
CA SER H 221 -13.19 11.67 38.66
C SER H 221 -12.59 12.80 37.85
N HIS H 222 -13.36 13.87 37.62
CA HIS H 222 -12.93 14.92 36.72
C HIS H 222 -12.65 16.25 37.43
N TYR H 223 -12.32 16.20 38.73
CA TYR H 223 -11.89 17.42 39.40
C TYR H 223 -10.43 17.74 39.07
N ILE H 224 -9.57 16.73 39.03
CA ILE H 224 -8.14 16.97 38.90
C ILE H 224 -7.82 17.58 37.54
N ASP H 225 -8.31 16.95 36.46
CA ASP H 225 -8.12 17.53 35.13
C ASP H 225 -8.79 18.90 35.05
N ILE H 226 -9.92 19.08 35.73
CA ILE H 226 -10.51 20.41 35.84
C ILE H 226 -9.54 21.35 36.56
N GLU H 227 -8.87 20.86 37.60
CA GLU H 227 -7.87 21.67 38.29
C GLU H 227 -6.71 22.01 37.37
N ARG H 228 -6.46 21.17 36.36
CA ARG H 228 -5.45 21.50 35.36
C ARG H 228 -5.81 22.78 34.62
N LYS H 229 -7.02 22.84 34.06
CA LYS H 229 -7.45 24.02 33.33
C LYS H 229 -8.12 25.05 34.22
N LEU H 230 -8.18 24.79 35.53
CA LEU H 230 -8.72 25.77 36.46
C LEU H 230 -7.65 26.77 36.90
N PHE H 231 -6.55 26.28 37.48
CA PHE H 231 -5.48 27.17 37.90
C PHE H 231 -4.65 27.64 36.72
N ASP H 232 -4.68 26.91 35.60
CA ASP H 232 -3.92 27.31 34.43
C ASP H 232 -4.40 28.66 33.90
N GLU H 233 -5.71 28.85 33.83
CA GLU H 233 -6.26 30.14 33.40
C GLU H 233 -5.86 31.24 34.38
N THR H 234 -5.92 30.96 35.68
CA THR H 234 -5.43 31.93 36.67
C THR H 234 -3.93 32.08 36.58
N CYS H 235 -3.22 30.97 36.39
CA CYS H 235 -1.76 31.03 36.26
C CYS H 235 -1.37 31.76 34.97
N THR H 236 -1.99 31.38 33.85
CA THR H 236 -1.69 32.03 32.59
C THR H 236 -2.08 33.50 32.62
N GLU H 237 -3.18 33.81 33.32
CA GLU H 237 -3.62 35.21 33.43
C GLU H 237 -2.66 36.01 34.32
N HIS H 238 -2.38 35.50 35.52
CA HIS H 238 -1.49 36.20 36.44
C HIS H 238 -0.10 36.40 35.85
N ALA H 239 0.33 35.50 34.97
CA ALA H 239 1.57 35.71 34.24
C ALA H 239 1.51 36.98 33.40
N LYS H 240 0.32 37.29 32.88
CA LYS H 240 0.15 38.52 32.11
C LYS H 240 0.26 39.77 32.98
N ALA H 241 0.21 39.62 34.30
CA ALA H 241 0.35 40.77 35.19
C ALA H 241 1.71 41.42 35.02
N PHE H 242 2.77 40.69 35.34
CA PHE H 242 4.14 41.19 35.20
C PHE H 242 4.66 41.14 33.77
N ALA H 243 3.85 40.65 32.82
CA ALA H 243 4.29 40.58 31.44
C ALA H 243 4.55 41.99 30.88
N LYS H 244 3.53 42.85 30.93
CA LYS H 244 3.70 44.19 30.39
C LYS H 244 4.68 45.00 31.22
N VAL H 245 4.85 44.64 32.50
CA VAL H 245 5.77 45.38 33.36
C VAL H 245 7.21 45.22 32.89
N CYS H 246 7.65 43.98 32.70
CA CYS H 246 9.01 43.72 32.23
C CYS H 246 9.16 44.01 30.74
N ILE H 247 8.05 44.01 29.99
CA ILE H 247 8.09 44.19 28.54
C ILE H 247 8.35 45.62 28.12
N GLN H 248 8.61 46.52 29.08
CA GLN H 248 8.74 47.95 28.80
C GLN H 248 9.78 48.23 27.72
N GLN H 249 10.99 47.69 27.88
CA GLN H 249 12.05 47.94 26.91
C GLN H 249 11.86 47.16 25.61
N PHE H 250 10.81 46.35 25.50
CA PHE H 250 10.61 45.49 24.34
C PHE H 250 9.76 46.13 23.25
N PHE H 251 9.11 47.25 23.52
CA PHE H 251 8.22 47.86 22.53
C PHE H 251 9.01 48.35 21.31
N GLU H 252 9.83 49.37 21.50
CA GLU H 252 10.59 49.97 20.41
C GLU H 252 11.50 51.08 20.92
N ALA H 253 12.52 51.38 20.11
CA ALA H 253 13.49 52.41 20.46
C ALA H 253 14.45 52.69 19.31
N MET H 254 15.15 51.62 18.93
CA MET H 254 16.10 51.70 17.82
C MET H 254 15.37 51.71 16.48
N ASN H 255 14.71 50.61 16.13
CA ASN H 255 13.98 50.52 14.88
C ASN H 255 13.33 51.86 14.53
N POV I . 5.95 4.91 31.47
P POV I . 9.89 7.44 33.67
C1 POV I . 11.73 6.02 34.87
C2 POV I . 12.21 4.79 34.10
C3 POV I . 13.61 5.02 33.55
C210 POV I . 11.32 -4.50 25.56
C310 POV I . 22.86 1.52 30.96
C11 POV I . 7.86 6.24 32.65
O11 POV I . 11.50 7.09 33.99
C211 POV I . 10.48 -3.75 24.52
C311 POV I . 24.08 0.82 31.63
C12 POV I . 7.18 4.86 32.37
O12 POV I . 9.23 6.14 32.90
C212 POV I . 10.70 -4.37 23.15
C312 POV I . 23.79 -0.68 31.75
C13 POV I . 6.54 5.31 30.13
O13 POV I . 9.17 7.64 34.99
C213 POV I . 9.81 -3.68 22.13
C313 POV I . 24.97 -1.37 32.46
C14 POV I . 4.98 5.68 32.32
O14 POV I . 9.78 8.70 32.85
C214 POV I . 10.44 -2.37 21.68
C314 POV I . 24.53 -2.72 33.05
C15 POV I . 5.13 3.72 31.05
C215 POV I . 9.49 -1.61 20.76
C315 POV I . 24.41 -3.79 31.94
C216 POV I . 10.13 -1.36 19.39
C316 POV I . 23.65 -5.01 32.49
C217 POV I . 9.39 -0.27 18.64
C218 POV I . 9.03 -0.73 17.23
C21 POV I . 11.35 3.20 32.51
O21 POV I . 11.35 4.52 33.03
C22 POV I . 10.15 2.76 31.62
O22 POV I . 12.24 2.45 32.72
C23 POV I . 10.55 1.70 30.60
C24 POV I . 10.55 0.32 31.26
C25 POV I . 11.39 -0.66 30.40
C26 POV I . 10.62 -1.11 29.17
C27 POV I . 11.24 -2.44 28.69
C28 POV I . 10.68 -2.81 27.31
C29 POV I . 11.41 -4.07 26.82
C31 POV I . 14.71 4.69 35.62
O31 POV I . 14.49 5.53 34.51
C32 POV I . 15.55 3.43 35.47
O32 POV I . 14.23 4.96 36.66
C33 POV I . 17.05 3.71 35.70
C34 POV I . 17.77 2.39 36.05
C35 POV I . 19.27 2.46 35.69
C36 POV I . 19.53 1.60 34.43
C37 POV I . 20.95 1.85 33.86
C38 POV I . 20.84 2.27 32.39
C39 POV I . 22.24 2.63 31.83
H29 POV I . 11.93 -4.54 27.42
H1 POV I . 12.39 6.28 35.53
H1A POV I . 10.91 5.81 35.32
H2 POV I . 12.22 4.01 34.70
H3 POV I . 13.95 4.19 33.20
H3A POV I . 13.54 5.66 32.82
H310 POV I . 23.17 1.92 30.14
H31A POV I . 22.21 0.84 30.75
H210 POV I . 11.78 -5.26 25.30
H11 POV I . 7.44 6.69 33.39
H11A POV I . 7.72 6.89 31.96
H211 POV I . 10.74 -2.82 24.51
H21A POV I . 9.54 -3.83 24.76
H311 POV I . 24.26 1.17 32.51
H31B POV I . 24.85 0.94 31.07
H12 POV I . 7.85 4.30 32.00
H12A POV I . 7.01 4.49 33.23
H22 POV I . 9.43 2.42 32.18
H212 POV I . 11.63 -4.24 22.89
H22A POV I . 9.85 3.51 31.12
H21B POV I . 10.50 -5.31 23.17
H32 POV I . 15.26 2.78 36.12
H312 POV I . 23.68 -1.06 30.88
H32A POV I . 15.44 3.06 34.58
H31C POV I . 22.99 -0.80 32.27
H13 POV I . 7.09 4.59 29.83
H13A POV I . 7.12 6.07 30.06
H13B POV I . 5.87 5.52 29.48
H23 POV I . 11.43 1.92 30.25
H213 POV I . 9.70 -4.26 21.36
H23A POV I . 9.90 1.71 29.88
H21C POV I . 8.95 -3.49 22.52
H33 POV I . 17.14 4.34 36.45
H313 POV I . 25.68 -1.52 31.81
H33A POV I . 17.43 4.11 34.91
H31D POV I . 25.29 -0.80 33.17
H14 POV I . 5.25 6.52 32.73
H14A POV I . 4.69 5.10 33.06
H14B POV I . 4.17 5.91 31.89
H24 POV I . 10.94 0.40 32.14
H214 POV I . 10.63 -1.83 22.44
H24A POV I . 9.65 0.00 31.33
H21D POV I . 11.27 -2.57 21.21
H34 POV I . 17.36 1.67 35.54
H314 POV I . 23.67 -2.62 33.50
H34A POV I . 17.68 2.21 36.99
H31E POV I . 25.20 -2.99 33.70
H15 POV I . 4.43 4.03 30.49
H15A POV I . 4.66 3.21 31.76
H15B POV I . 5.50 3.13 30.35
H25 POV I . 12.21 -0.22 30.13
H215 POV I . 8.68 -2.11 20.64
H25A POV I . 11.62 -1.44 30.92
H21E POV I . 9.28 -0.75 21.17
H35 POV I . 19.53 3.37 35.52
H315 POV I . 25.29 -4.06 31.66
H35A POV I . 19.79 2.11 36.42
H31F POV I . 23.94 -3.42 31.18
H26 POV I . 10.70 -0.45 28.46
H216 POV I . 11.06 -1.09 19.50
H26A POV I . 9.69 -1.24 29.38
H21F POV I . 10.11 -2.19 18.88
H36 POV I . 18.87 1.82 33.74
H316 POV I . 23.70 -5.01 33.46
H36A POV I . 19.44 0.66 34.65
H31G POV I . 24.05 -5.81 32.14
H31H POV I . 22.72 -4.95 32.23
H27 POV I . 12.19 -2.33 28.63
H217 POV I . 9.96 0.52 18.58
H27A POV I . 11.03 -3.12 29.32
H21G POV I . 8.58 -0.03 19.11
H37 POV I . 21.46 1.04 33.92
H37A POV I . 21.38 2.55 34.38
H28 POV I . 10.82 -2.07 26.70
H218 POV I . 8.46 -1.51 17.29
H28A POV I . 9.73 -3.00 27.38
H21H POV I . 8.56 -0.03 16.77
H21J POV I . 9.84 -0.96 16.75
H38 POV I . 20.43 1.57 31.89
H38A POV I . 20.28 3.06 32.32
H39 POV I . 22.14 3.42 31.27
H39A POV I . 22.82 2.87 32.57
N POV J . 19.32 18.96 17.82
P POV J . 22.76 22.48 16.23
C1 POV J . 25.30 21.89 16.45
C2 POV J . 25.68 20.48 16.00
C3 POV J . 26.43 20.54 14.67
C210 POV J . 23.59 8.31 13.27
C310 POV J . 33.59 16.94 8.32
C11 POV J . 21.01 20.81 17.10
O11 POV J . 24.31 22.43 15.62
C211 POV J . 22.15 8.44 12.78
C311 POV J . 35.12 16.69 8.29
C12 POV J . 20.77 19.40 17.75
O12 POV J . 22.26 20.94 16.49
C212 POV J . 21.82 7.30 11.83
C312 POV J . 35.44 15.40 9.04
C13 POV J . 18.97 18.76 16.36
O13 POV J . 22.80 23.20 17.56
C213 POV J . 20.36 7.38 11.41
C313 POV J . 36.96 15.18 9.06
C14 POV J . 18.74 19.95 18.78
O14 POV J . 21.84 23.22 15.30
C214 POV J . 20.20 8.39 10.27
C314 POV J . 37.35 14.22 10.19
C15 POV J . 18.83 17.64 18.38
C215 POV J . 18.74 8.59 9.94
C315 POV J . 37.03 12.76 9.80
C216 POV J . 18.46 8.24 8.48
C316 POV J . 37.12 11.87 11.04
C217 POV J . 17.13 8.82 8.03
C218 POV J . 16.27 7.75 7.36
C21 POV J . 24.69 18.29 15.86
O21 POV J . 24.54 19.70 15.82
C22 POV J . 23.44 17.41 16.08
O22 POV J . 25.75 17.78 15.72
C23 POV J . 23.56 16.04 15.42
C24 POV J . 24.35 15.10 16.35
C25 POV J . 24.90 13.91 15.53
C26 POV J . 23.79 12.89 15.24
C27 POV J . 24.47 11.54 14.94
C28 POV J . 23.44 10.55 14.39
C29 POV J . 24.18 9.27 13.99
C31 POV J . 28.47 21.25 15.63
O31 POV J . 27.46 21.49 14.69
C32 POV J . 29.48 20.13 15.42
O32 POV J . 28.54 21.93 16.59
C33 POV J . 30.70 20.60 14.59
C34 POV J . 31.87 19.62 14.83
C35 POV J . 32.86 19.63 13.63
C36 POV J . 32.68 18.31 12.83
C37 POV J . 33.44 18.39 11.49
C38 POV J . 32.48 18.10 10.33
C39 POV J . 33.17 18.26 8.97
H29 POV J . 25.04 9.15 14.27
H1 POV J . 26.07 22.46 16.45
H1A POV J . 24.94 21.84 17.35
H2 POV J . 26.25 20.06 16.67
H3 POV J . 26.80 19.67 14.49
H3A POV J . 25.80 20.78 13.98
H310 POV J . 33.27 16.94 7.40
H31A POV J . 33.18 16.18 8.78
H210 POV J . 24.07 7.54 13.05
H11 POV J . 20.91 21.51 17.75
H11A POV J . 20.34 21.06 16.47
H211 POV J . 22.05 9.28 12.32
H21A POV J . 21.56 8.42 13.54
H311 POV J . 35.60 17.42 8.71
H31B POV J . 35.41 16.61 7.38
H12 POV J . 21.30 18.79 17.26
H12A POV J . 21.21 19.45 18.61
H22 POV J . 23.26 17.31 17.02
H212 POV J . 22.38 7.36 11.05
H22A POV J . 22.69 17.83 15.65
H21B POV J . 21.98 6.45 12.28
H32 POV J . 29.79 19.82 16.28
H312 POV J . 35.02 14.65 8.59
H32A POV J . 29.06 19.39 14.94
H31C POV J . 35.11 15.46 9.95
H13 POV J . 19.49 18.01 16.03
H13A POV J . 19.15 19.44 15.71
H13B POV J . 18.04 18.59 16.22
H23 POV J . 24.01 16.14 14.58
H213 POV J . 20.07 6.52 11.10
H23A POV J . 22.67 15.67 15.29
H21C POV J . 19.82 7.66 12.17
H33 POV J . 30.95 21.49 14.88
H313 POV J . 37.24 14.80 8.21
H33A POV J . 30.46 20.62 13.65
H31D POV J . 37.41 16.04 9.21
H14 POV J . 18.89 20.90 18.64
H14A POV J . 19.07 19.75 19.68
H14B POV J . 17.81 19.91 18.88
H24 POV J . 25.08 15.59 16.74
H214 POV J . 20.58 9.24 10.55
H24A POV J . 23.77 14.78 17.06
H21D POV J . 20.68 8.06 9.50
H34 POV J . 31.52 18.72 14.94
H314 POV J . 36.88 14.45 11.00
H34A POV J . 32.34 19.88 15.63
H31E POV J . 38.30 14.31 10.36
H15 POV J . 17.89 17.62 18.30
H15A POV J . 18.99 17.48 19.35
H15B POV J . 18.97 16.84 17.84
H25 POV J . 25.25 14.23 14.70
H215 POV J . 18.19 8.03 10.51
H25A POV J . 25.60 13.46 16.03
H21E POV J . 18.49 9.52 10.10
H35 POV J . 32.68 20.39 13.06
H315 POV J . 37.69 12.45 9.15
H35A POV J . 33.76 19.69 13.97
H31F POV J . 36.15 12.71 9.41
H26 POV J . 23.28 13.18 14.46
H216 POV J . 19.16 8.60 7.91
H26A POV J . 23.21 12.81 16.00
H21F POV J . 18.44 7.27 8.38
H36 POV J . 31.75 18.16 12.66
H316 POV J . 37.66 12.31 11.72
H36A POV J . 33.04 17.58 13.36
H31G POV J . 37.50 11.02 10.81
H31H POV J . 36.21 11.73 11.39
H27 POV J . 25.16 11.68 14.29
H217 POV J . 17.29 9.54 7.39
H27A POV J . 24.86 11.21 15.75
H21G POV J . 16.65 9.18 8.80
H37 POV J . 34.15 17.73 11.48
H37A POV J . 33.82 19.27 11.37
H28 POV J . 22.99 10.94 13.63
H218 POV J . 16.10 7.04 8.00
H28A POV J . 22.78 10.35 15.07
H21H POV J . 15.43 8.14 7.08
H21J POV J . 16.74 7.39 6.59
H38 POV J . 32.11 17.21 10.44
H38A POV J . 31.74 18.73 10.38
H39 POV J . 32.56 18.71 8.37
H39A POV J . 33.94 18.85 9.09
N POV K . 18.36 26.29 -4.71
P POV K . 19.13 28.96 -9.07
C1 POV K . 21.44 28.71 -10.26
C2 POV K . 21.98 27.29 -10.38
C3 POV K . 21.87 26.80 -11.82
C210 POV K . 22.85 15.07 -7.21
C310 POV K . 25.45 21.24 -19.62
C11 POV K . 18.73 27.74 -6.86
O11 POV K . 20.06 28.75 -10.45
C211 POV K . 21.42 14.87 -6.75
C311 POV K . 26.73 21.13 -20.49
C12 POV K . 19.33 26.76 -5.80
O12 POV K . 19.36 27.66 -8.10
C212 POV K . 21.05 13.40 -6.87
C312 POV K . 27.79 20.34 -19.73
C13 POV K . 17.39 25.43 -5.50
O13 POV K . 19.61 30.20 -8.36
C213 POV K . 19.64 13.18 -6.33
C313 POV K . 29.08 20.27 -20.56
C14 POV K . 18.07 27.56 -3.99
O14 POV K . 17.68 29.13 -9.45
C214 POV K . 18.61 13.56 -7.38
C314 POV K . 30.28 19.94 -19.66
C15 POV K . 18.69 25.34 -3.59
C215 POV K . 17.20 13.47 -6.80
C315 POV K . 30.30 18.45 -19.29
C216 POV K . 16.34 12.48 -7.59
C316 POV K . 31.29 18.21 -18.14
C217 POV K . 14.87 12.71 -7.31
C218 POV K . 14.19 11.39 -6.93
C21 POV K . 21.83 25.20 -9.18
O21 POV K . 21.22 26.43 -9.56
C22 POV K . 21.23 24.43 -7.97
O22 POV K . 22.76 24.76 -9.76
C23 POV K . 21.44 22.92 -8.09
C24 POV K . 22.85 22.56 -7.60
C25 POV K . 23.24 21.17 -8.14
C26 POV K . 22.54 20.06 -7.37
C27 POV K . 23.37 18.77 -7.56
C28 POV K . 22.58 17.56 -7.02
C29 POV K . 23.38 16.29 -7.34
C31 POV K . 23.75 28.01 -12.59
O31 POV K . 22.38 27.72 -12.73
C32 POV K . 24.80 26.98 -12.98
O32 POV K . 24.08 29.05 -12.13
C33 POV K . 25.19 27.12 -14.47
C34 POV K . 26.56 26.45 -14.70
C35 POV K . 26.74 25.99 -16.16
C36 POV K . 26.61 24.45 -16.22
C37 POV K . 26.49 23.96 -17.69
C38 POV K . 25.22 23.10 -17.85
C39 POV K . 25.03 22.69 -19.32
H29 POV K . 24.26 16.38 -7.63
H1 POV K . 21.88 29.28 -10.92
H1A POV K . 21.64 29.05 -9.38
H2 POV K . 22.91 27.26 -10.09
H3 POV K . 22.34 25.96 -11.90
H3A POV K . 20.93 26.65 -12.01
H310 POV K . 24.73 20.82 -20.10
H31A POV K . 25.60 20.76 -18.81
H210 POV K . 23.37 14.32 -7.42
H11 POV K . 18.76 28.64 -6.54
H11A POV K . 17.79 27.63 -6.99
H211 POV K . 20.83 15.40 -7.29
H21A POV K . 21.35 15.15 -5.82
H311 POV K . 27.09 22.00 -20.70
H31B POV K . 26.51 20.66 -21.30
H12 POV K . 19.69 26.03 -6.27
H12A POV K . 20.09 27.21 -5.45
H22 POV K . 21.61 24.75 -7.15
H212 POV K . 21.06 13.14 -7.80
H22A POV K . 20.27 24.55 -7.98
H21B POV K . 21.67 12.86 -6.37
H32 POV K . 25.59 27.12 -12.45
H312 POV K . 27.47 19.44 -19.56
H32A POV K . 24.47 26.09 -12.83
H31C POV K . 27.96 20.78 -18.89
H13 POV K . 17.87 24.65 -5.82
H13A POV K . 16.98 25.76 -6.31
H13B POV K . 16.63 25.15 -4.99
H23 POV K . 21.33 22.66 -9.02
H213 POV K . 19.53 12.24 -6.09
H23A POV K . 20.78 22.47 -7.54
H21C POV K . 19.50 13.73 -5.54
H33 POV K . 25.25 28.06 -14.70
H313 POV K . 28.99 19.57 -21.23
H33A POV K . 24.52 26.70 -15.02
H31D POV K . 29.23 21.12 -20.99
H14 POV K . 17.81 28.36 -4.48
H14A POV K . 18.86 27.81 -3.46
H14B POV K . 17.38 27.49 -3.33
H24 POV K . 23.47 23.23 -7.92
H214 POV K . 18.77 14.46 -7.67
H24A POV K . 22.85 22.55 -6.63
H21D POV K . 18.69 12.95 -8.14
H34 POV K . 26.63 25.67 -14.11
H314 POV K . 30.24 20.48 -18.85
H34A POV K . 27.27 27.07 -14.48
H31E POV K . 31.09 20.17 -20.15
H15 POV K . 17.91 25.21 -3.08
H15A POV K . 19.36 25.64 -2.93
H15B POV K . 18.77 24.38 -3.81
H25 POV K . 23.00 21.11 -9.07
H215 POV K . 17.24 13.19 -5.88
H25A POV K . 24.20 21.05 -8.06
H21E POV K . 16.79 14.36 -6.84
H35 POV K . 26.05 26.39 -16.71
H315 POV K . 30.58 17.92 -20.06
H35A POV K . 27.60 26.25 -16.48
H31F POV K . 29.42 18.16 -19.02
H26 POV K . 21.65 19.92 -7.71
H216 POV K . 16.49 12.59 -8.54
H26A POV K . 22.50 20.28 -6.43
H21F POV K . 16.59 11.58 -7.34
H36 POV K . 25.82 24.16 -15.73
H316 POV K . 31.92 18.94 -18.12
H36A POV K . 27.40 24.04 -15.82
H31G POV K . 31.76 17.39 -18.28
H31H POV K . 30.81 18.19 -17.30
H27 POV K . 23.54 18.65 -8.49
H217 POV K . 14.44 13.07 -8.10
H27A POV K . 24.19 18.86 -7.09
H21G POV K . 14.76 13.33 -6.57
H37 POV K . 27.26 23.42 -17.91
H37A POV K . 26.45 24.72 -18.28
H28 POV K . 21.71 17.54 -7.44
H218 POV K . 14.62 11.03 -6.13
H28A POV K . 22.49 17.65 -6.06
H21H POV K . 13.25 11.55 -6.74
H21J POV K . 14.28 10.76 -7.66
H38 POV K . 25.28 22.34 -17.27
H38A POV K . 24.46 23.63 -17.58
H39 POV K . 24.08 22.77 -19.52
H39A POV K . 25.50 23.32 -19.89
N POV L . 3.62 22.61 -22.93
P POV L . 1.12 23.09 -27.44
C1 POV L . 2.43 22.50 -29.62
C2 POV L . 3.26 21.21 -29.57
C3 POV L . 2.59 20.12 -30.40
C210 POV L . 9.54 11.83 -23.88
C310 POV L . 3.22 11.93 -36.49
C11 POV L . 2.34 22.96 -25.19
O11 POV L . 1.22 22.34 -28.94
C211 POV L . 8.71 11.75 -22.61
C311 POV L . 3.82 11.53 -37.85
C12 POV L . 3.69 22.62 -24.45
O12 POV L . 2.23 22.39 -26.45
C212 POV L . 8.82 10.36 -22.01
C312 POV L . 5.32 11.25 -37.68
C13 POV L . 2.73 21.42 -22.65
O13 POV L . 1.46 24.54 -27.60
C213 POV L . 8.06 10.30 -20.69
C313 POV L . 5.93 10.90 -39.05
C14 POV L . 3.35 24.05 -22.63
O14 POV L . -0.28 22.96 -26.88
C214 POV L . 6.57 10.09 -20.95
C314 POV L . 7.45 11.10 -39.02
C15 POV L . 4.77 22.29 -22.00
C215 POV L . 5.78 10.18 -19.66
C315 POV L . 8.14 9.94 -38.28
C216 POV L . 5.02 8.88 -19.40
C316 POV L . 9.60 10.32 -37.97
C217 POV L . 3.92 9.10 -18.37
C218 POV L . 4.01 8.05 -17.26
C21 POV L . 4.43 19.89 -27.94
O21 POV L . 3.35 20.76 -28.25
C22 POV L . 4.83 19.70 -26.45
O22 POV L . 5.02 19.30 -28.78
C23 POV L . 5.42 18.31 -26.18
C24 POV L . 6.91 18.32 -26.55
C25 POV L . 7.40 16.87 -26.75
C26 POV L . 7.59 16.17 -25.40
C27 POV L . 8.57 15.00 -25.63
C28 POV L . 8.62 14.11 -24.38
C29 POV L . 9.50 12.89 -24.69
C31 POV L . 3.29 20.99 -32.49
O31 POV L . 2.22 20.57 -31.68
C32 POV L . 4.26 19.97 -33.08
O32 POV L . 3.45 22.15 -32.68
C33 POV L . 3.76 19.46 -34.45
C34 POV L . 4.95 18.86 -35.22
C35 POV L . 4.47 17.79 -36.25
C36 POV L . 4.85 16.39 -35.72
C37 POV L . 4.16 15.29 -36.57
C38 POV L . 3.34 14.36 -35.65
C39 POV L . 2.56 13.32 -36.47
H29 POV L . 10.02 12.90 -25.45
H1 POV L . 2.25 22.74 -30.54
H1A POV L . 2.93 23.21 -29.21
H2 POV L . 4.15 21.38 -29.92
H3 POV L . 3.19 19.38 -30.48
H3A POV L . 1.79 19.84 -29.93
H310 POV L . 2.54 11.28 -36.26
H31A POV L . 3.92 11.87 -35.83
H210 POV L . 10.09 11.11 -24.11
H11 POV L . 2.23 23.91 -25.25
H11A POV L . 1.56 22.74 -24.68
H211 POV L . 7.79 11.94 -22.82
H21A POV L . 9.04 12.41 -21.99
H311 POV L . 3.72 12.24 -38.51
H31B POV L . 3.38 10.73 -38.17
H12 POV L . 3.96 21.77 -24.79
H12A POV L . 4.32 23.23 -24.82
H22 POV L . 5.45 20.38 -26.18
H212 POV L . 8.45 9.71 -22.62
H22A POV L . 4.03 19.74 -25.92
H21B POV L . 9.76 10.15 -21.85
H32 POV L . 5.12 20.40 -33.21
H312 POV L . 5.44 10.50 -37.08
H32A POV L . 4.36 19.22 -32.48
H31C POV L . 5.74 12.03 -37.32
H13 POV L . 3.20 20.62 -22.93
H13A POV L . 1.88 21.32 -23.10
H13B POV L . 2.47 21.35 -21.73
H23 POV L . 4.94 17.66 -26.71
H213 POV L . 8.39 9.57 -20.16
H23A POV L . 5.33 18.12 -25.24
H21C POV L . 8.18 11.14 -20.22
H33 POV L . 3.38 20.20 -34.95
H313 POV L . 5.75 9.97 -39.25
H33A POV L . 3.08 18.79 -34.31
H31D POV L . 5.55 11.48 -39.73
H14 POV L . 2.63 24.52 -23.09
H14A POV L . 4.17 24.56 -22.81
H14B POV L . 3.17 24.24 -21.73
H24 POV L . 7.02 18.81 -27.38
H214 POV L . 6.26 10.78 -21.56
H24A POV L . 7.42 18.75 -25.85
H21D POV L . 6.46 9.22 -21.36
H34 POV L . 5.56 18.43 -34.59
H314 POV L . 7.67 11.94 -38.58
H34A POV L . 5.41 19.56 -35.69
H31E POV L . 7.77 11.14 -39.94
H15 POV L . 4.45 22.35 -21.12
H15A POV L . 5.54 22.91 -22.02
H15B POV L . 5.03 21.35 -21.91
H25 POV L . 6.73 16.37 -27.26
H215 POV L . 6.39 10.35 -18.92
H25A POV L . 8.23 16.86 -27.22
H21E POV L . 5.15 10.92 -19.72
H35 POV L . 3.51 17.86 -36.37
H315 POV L . 8.14 9.15 -38.85
H35A POV L . 4.91 17.96 -37.10
H31F POV L . 7.68 9.74 -37.46
H26 POV L . 6.76 15.83 -25.07
H216 POV L . 4.61 8.56 -20.23
H26A POV L . 7.98 16.79 -24.77
H21F POV L . 5.63 8.20 -19.09
H36 POV L . 4.57 16.30 -34.81
H316 POV L . 9.88 11.03 -38.57
H36A POV L . 5.81 16.28 -35.79
H31G POV L . 10.17 9.55 -38.08
H31H POV L . 9.65 10.64 -37.05
H27 POV L . 8.26 14.49 -26.38
H217 POV L . 3.05 9.04 -18.80
H27A POV L . 9.44 15.35 -25.82
H21G POV L . 4.01 9.98 -17.98
H37 POV L . 4.83 14.77 -37.03
H37A POV L . 3.57 15.70 -37.22
H28 POV L . 7.72 13.84 -24.14
H218 POV L . 4.87 8.12 -16.83
H28A POV L . 9.01 14.61 -23.64
H21H POV L . 3.30 8.20 -16.62
H21J POV L . 3.91 7.17 -17.65
H38 POV L . 3.94 13.95 -35.01
H38A POV L . 2.71 14.91 -35.16
H39 POV L . 1.68 13.23 -36.08
H39A POV L . 2.45 13.67 -37.38
N POV M . -16.26 10.08 -26.16
P POV M . -20.71 8.30 -28.09
C1 POV M . -20.61 6.88 -30.29
C2 POV M . -19.51 5.82 -30.34
C3 POV M . -20.12 4.43 -30.20
C210 POV M . -8.55 0.48 -26.98
C310 POV M . -20.09 -5.55 -32.40
C11 POV M . -18.55 9.29 -27.14
O11 POV M . -21.16 6.97 -29.01
C211 POV M . -8.53 0.92 -25.53
C311 POV M . -20.18 -6.48 -33.64
C12 POV M . -17.00 9.40 -27.31
O12 POV M . -19.09 8.20 -27.81
C212 POV M . -7.67 -0.03 -24.71
C312 POV M . -18.82 -6.55 -34.32
C13 POV M . -16.43 9.08 -25.03
O13 POV M . -21.00 9.55 -28.89
C213 POV M . -7.59 0.45 -23.27
C313 POV M . -18.92 -7.43 -35.58
C14 POV M . -16.79 11.48 -26.24
O14 POV M . -21.50 8.34 -26.81
C214 POV M . -8.84 0.04 -22.50
C314 POV M . -17.76 -7.12 -36.54
C15 POV M . -14.77 10.29 -26.08
C215 POV M . -8.83 0.64 -21.10
C315 POV M . -16.45 -7.77 -36.05
C216 POV M . -8.88 -0.46 -20.04
C316 POV M . -15.26 -7.19 -36.82
C217 POV M . -9.29 0.12 -18.69
C218 POV M . -8.31 -0.31 -17.60
C21 POV M . -17.31 5.46 -29.44
O21 POV M . -18.60 6.02 -29.28
C22 POV M . -16.16 5.99 -28.52
O22 POV M . -17.09 4.60 -30.22
C23 POV M . -15.10 4.93 -28.25
C24 POV M . -14.12 4.87 -29.42
C25 POV M . -13.36 3.52 -29.39
C26 POV M . -12.29 3.52 -28.30
C27 POV M . -11.25 2.45 -28.69
C28 POV M . -10.28 2.22 -27.52
C29 POV M . -9.34 1.06 -27.88
C31 POV M . -20.91 4.32 -32.42
O31 POV M . -21.20 4.23 -31.05
C32 POV M . -20.12 3.21 -33.11
O32 POV M . -21.26 5.27 -33.03
C33 POV M . -21.05 2.10 -33.64
C34 POV M . -20.31 1.31 -34.74
C35 POV M . -20.87 -0.13 -34.87
C36 POV M . -19.84 -1.12 -34.25
C37 POV M . -20.47 -2.53 -34.10
C38 POV M . -20.34 -3.00 -32.64
C39 POV M . -21.05 -4.36 -32.44
H29 POV M . -9.32 0.77 -28.77
H1 POV M . -21.30 6.67 -30.94
H1A POV M . -20.23 7.74 -30.51
H2 POV M . -19.03 5.89 -31.19
H3 POV M . -19.43 3.78 -30.38
H3A POV M . -20.41 4.34 -29.28
H310 POV M . -20.30 -6.08 -31.62
H31A POV M . -19.17 -5.26 -32.32
H210 POV M . -8.00 -0.23 -27.25
H11 POV M . -18.98 10.09 -27.44
H11A POV M . -18.83 9.26 -26.23
H211 POV M . -9.43 0.93 -25.18
H21A POV M . -8.16 1.82 -25.48
H311 POV M . -20.83 -6.16 -34.29
H31B POV M . -20.43 -7.36 -33.35
H12 POV M . -16.67 8.52 -27.46
H12A POV M . -16.87 9.84 -28.15
H22 POV M . -15.75 6.77 -28.92
H212 POV M . -8.08 -0.91 -24.72
H22A POV M . -16.54 6.21 -27.66
H21B POV M . -6.79 -0.08 -25.09
H32 POV M . -19.64 3.59 -33.86
H312 POV M . -18.17 -6.94 -33.72
H32A POV M . -19.49 2.82 -32.50
H31C POV M . -18.54 -5.66 -34.56
H13 POV M . -15.95 8.28 -25.26
H13A POV M . -17.30 8.73 -24.81
H13B POV M . -16.14 9.41 -24.18
H23 POV M . -15.55 4.07 -28.13
H213 POV M . -6.81 0.07 -22.85
H23A POV M . -14.63 5.17 -27.44
H21C POV M . -7.52 1.42 -23.26
H33 POV M . -21.85 2.51 -34.02
H313 POV M . -18.87 -8.36 -35.32
H33A POV M . -21.30 1.52 -32.91
H31D POV M . -19.75 -7.25 -36.03
H14 POV M . -17.74 11.64 -26.29
H14A POV M . -16.39 11.91 -27.02
H14B POV M . -16.52 12.04 -25.52
H24 POV M . -14.61 4.95 -30.24
H214 POV M . -9.61 0.35 -22.97
H24A POV M . -13.49 5.60 -29.34
H21D POV M . -8.86 -0.93 -22.45
H34 POV M . -19.37 1.25 -34.50
H314 POV M . -17.63 -6.16 -36.61
H34A POV M . -20.41 1.76 -35.59
H31E POV M . -17.99 -7.48 -37.42
H15 POV M . -14.58 10.72 -25.26
H15A POV M . -14.36 10.89 -26.76
H15B POV M . -14.20 9.52 -25.87
H25 POV M . -13.99 2.81 -29.21
H215 POV M . -8.02 1.16 -20.98
H25A POV M . -12.94 3.37 -30.24
H21E POV M . -9.60 1.22 -21.00
H35 POV M . -21.71 -0.19 -34.40
H315 POV M . -16.49 -8.73 -36.20
H35A POV M . -21.00 -0.34 -35.79
H31F POV M . -16.34 -7.62 -35.10
H26 POV M . -12.66 3.31 -27.45
H216 POV M . -9.52 -1.14 -20.29
H26A POV M . -11.86 4.39 -28.27
H21F POV M . -8.00 -0.87 -19.96
H36 POV M . -19.57 -0.81 -33.39
H316 POV M . -15.57 -6.81 -37.64
H36A POV M . -19.08 -1.18 -34.84
H31G POV M . -14.62 -7.89 -37.00
H31H POV M . -14.85 -6.49 -36.29
H27 POV M . -11.71 1.63 -28.88
H217 POV M . -10.18 -0.19 -18.47
H27A POV M . -10.77 2.74 -29.46
H21G POV M . -9.30 1.09 -18.74
H37 POV M . -20.01 -3.16 -34.68
H37A POV M . -21.41 -2.50 -34.36
H28 POV M . -10.78 2.02 -26.72
H218 POV M . -7.43 0.01 -17.82
H28A POV M . -9.75 3.03 -27.38
H21H POV M . -8.59 0.07 -16.76
H21J POV M . -8.30 -1.28 -17.54
H38 POV M . -19.41 -3.04 -32.41
H38A POV M . -20.77 -2.35 -32.07
H39 POV M . -21.52 -4.32 -31.59
H39A POV M . -21.72 -4.47 -33.13
N POV N . -29.63 -3.97 -12.50
P POV N . -33.58 -6.75 -10.65
C1 POV N . -34.18 -8.99 -11.88
C2 POV N . -32.98 -9.87 -12.23
C3 POV N . -32.94 -11.09 -11.32
C210 POV N . -20.82 -12.33 -14.69
C310 POV N . -30.81 -20.97 -9.75
C11 POV N . -31.70 -5.28 -11.58
O11 POV N . -33.99 -8.37 -10.62
C211 POV N . -20.20 -11.27 -13.78
C311 POV N . -31.22 -22.36 -10.31
C12 POV N . -30.59 -5.14 -12.68
O12 POV N . -32.13 -6.59 -11.40
C212 POV N . -18.80 -11.70 -13.39
C312 POV N . -30.46 -22.63 -11.60
C13 POV N . -28.87 -4.37 -11.26
O13 POV N . -34.63 -6.01 -11.47
C213 POV N . -18.15 -10.61 -12.55
C313 POV N . -30.91 -23.98 -12.18
C14 POV N . -30.55 -2.80 -12.69
O14 POV N . -33.56 -6.19 -9.25
C214 POV N . -18.61 -10.72 -11.11
C314 POV N . -30.58 -24.06 -13.67
C15 POV N . -28.47 -3.63 -13.41
C215 POV N . -18.07 -9.56 -10.28
C315 POV N . -29.08 -24.33 -13.89
C216 POV N . -17.21 -10.06 -9.11
C316 POV N . -28.72 -24.06 -15.37
C217 POV N . -17.03 -8.97 -8.07
C218 POV N . -15.55 -8.79 -7.74
C21 POV N . -30.65 -9.62 -12.79
O21 POV N . -31.79 -9.16 -12.08
C22 POV N . -29.45 -8.67 -12.98
O22 POV N . -30.60 -10.73 -13.22
C23 POV N . -28.12 -9.41 -13.07
C24 POV N . -27.92 -9.91 -14.51
C25 POV N . -26.87 -11.05 -14.51
C26 POV N . -25.46 -10.48 -14.38
C27 POV N . -24.48 -11.54 -14.93
C28 POV N . -23.03 -11.14 -14.60
C29 POV N . -22.11 -12.27 -15.06
C31 POV N . -34.68 -12.25 -12.42
O31 POV N . -34.18 -11.74 -11.22
C32 POV N . -34.05 -13.48 -13.06
O32 POV N . -35.58 -11.70 -12.97
C33 POV N . -34.70 -14.78 -12.53
C34 POV N . -34.41 -15.92 -13.52
C35 POV N . -34.46 -17.31 -12.81
C36 POV N . -33.01 -17.84 -12.67
C37 POV N . -32.97 -19.07 -11.72
C38 POV N . -31.97 -18.82 -10.59
C39 POV N . -31.98 -19.99 -9.58
H29 POV N . -22.45 -12.93 -15.62
H1 POV N . -34.99 -9.52 -11.85
H1A POV N . -34.27 -8.29 -12.54
H2 POV N . -33.06 -10.17 -13.16
H3 POV N . -32.28 -11.71 -11.65
H3A POV N . -32.67 -10.79 -10.44
H310 POV N . -30.41 -21.10 -8.88
H31A POV N . -30.14 -20.60 -10.34
H210 POV N . -20.29 -13.03 -15.00
H11 POV N . -32.45 -4.73 -11.80
H11A POV N . -31.45 -4.92 -10.75
H211 POV N . -20.75 -11.19 -12.99
H21A POV N . -20.18 -10.43 -14.26
H311 POV N . -32.17 -22.40 -10.48
H31B POV N . -30.99 -23.03 -9.66
H12 POV N . -30.12 -5.97 -12.70
H12A POV N . -31.07 -5.13 -13.52
H22 POV N . -29.58 -8.12 -13.77
H212 POV N . -18.84 -12.52 -12.88
H22A POV N . -29.38 -8.11 -12.20
H21B POV N . -18.27 -11.85 -14.20
H32 POV N . -34.17 -13.44 -14.02
H312 POV N . -29.51 -22.65 -11.43
H32A POV N . -33.10 -13.51 -12.86
H31C POV N . -30.67 -21.92 -12.23
H13 POV N . -28.34 -5.14 -11.46
H13A POV N . -29.34 -4.64 -10.46
H13B POV N . -28.31 -3.67 -10.92
H23 POV N . -28.14 -10.15 -12.45
H213 POV N . -17.18 -10.71 -12.59
H23A POV N . -27.40 -8.80 -12.85
H21C POV N . -18.40 -9.74 -12.90
H33 POV N . -35.66 -14.65 -12.45
H313 POV N . -30.43 -24.69 -11.72
H33A POV N . -34.33 -14.99 -11.66
H31D POV N . -31.87 -24.09 -12.06
H14 POV N . -31.38 -2.75 -12.19
H14A POV N . -30.78 -2.73 -13.64
H14B POV N . -30.15 -1.96 -12.51
H24 POV N . -28.76 -10.26 -14.83
H214 POV N . -19.56 -10.71 -11.07
H24A POV N . -27.62 -9.18 -15.07
H21D POV N . -18.28 -11.56 -10.75
H34 POV N . -33.53 -15.80 -13.90
H314 POV N . -30.83 -23.23 -14.12
H34A POV N . -35.07 -15.92 -14.22
H31E POV N . -31.10 -24.78 -14.07
H15 POV N . -28.04 -2.86 -13.07
H15A POV N . -28.69 -3.37 -14.35
H15B POV N . -27.67 -4.19 -13.35
H25 POV N . -27.05 -11.65 -13.78
H215 POV N . -17.54 -8.98 -10.84
H25A POV N . -26.92 -11.54 -15.34
H21E POV N . -18.83 -9.05 -9.93
H35 POV N . -34.87 -17.22 -11.94
H315 POV N . -28.88 -25.25 -13.69
H35A POV N . -34.98 -17.92 -13.34
H31F POV N . -28.56 -23.75 -13.33
H26 POV N . -25.25 -10.32 -13.45
H216 POV N . -17.63 -10.83 -8.70
H26A POV N . -25.38 -9.67 -14.88
H21F POV N . -16.34 -10.33 -9.46
H36 POV N . -32.44 -17.15 -12.30
H316 POV N . -29.53 -24.12 -15.91
H36A POV N . -32.68 -18.10 -13.54
H31G POV N . -28.08 -24.71 -15.67
H31H POV N . -28.35 -23.17 -15.44
H27 POV N . -24.69 -12.39 -14.54
H217 POV N . -17.53 -9.22 -7.27
H27A POV N . -24.59 -11.59 -15.89
H21G POV N . -17.38 -8.13 -8.41
H37 POV N . -32.69 -19.85 -12.23
H37A POV N . -33.85 -19.23 -11.36
H28 POV N . -22.96 -11.00 -13.65
H218 POV N . -15.07 -8.54 -8.53
H28A POV N . -22.80 -10.32 -15.06
H21H POV N . -15.46 -8.09 -7.06
H21J POV N . -15.20 -9.62 -7.39
H38 POV N . -31.09 -18.68 -10.97
H38A POV N . -32.23 -18.01 -10.13
H39 POV N . -31.94 -19.61 -8.69
H39A POV N . -32.84 -20.45 -9.65
N POV O . -28.67 -11.30 10.03
P POV O . -29.95 -13.23 14.66
C1 POV O . -30.32 -15.81 14.85
C2 POV O . -29.27 -16.68 14.14
C3 POV O . -28.37 -17.34 15.17
C210 POV O . -20.09 -19.09 5.79
C310 POV O . -22.67 -25.28 18.20
C11 POV O . -29.41 -12.21 12.37
O11 POV O . -29.72 -14.69 15.44
C211 POV O . -19.47 -17.70 5.74
C311 POV O . -22.83 -26.80 18.48
C12 POV O . -29.14 -12.50 10.86
O12 POV O . -29.23 -13.32 13.18
C212 POV O . -18.02 -17.80 5.30
C312 POV O . -22.81 -27.57 17.16
C13 POV O . -27.29 -11.03 10.61
O13 POV O . -31.43 -13.01 14.46
C213 POV O . -17.42 -16.41 5.18
C313 POV O . -23.02 -29.06 17.44
C14 POV O . -29.87 -10.41 10.07
O14 POV O . -29.39 -12.10 15.49
C214 POV O . -17.00 -15.89 6.55
C314 POV O . -23.51 -29.79 16.18
C15 POV O . -28.33 -11.33 8.56
C215 POV O . -16.53 -14.44 6.46
C315 POV O . -22.34 -30.01 15.19
C216 POV O . -15.09 -14.30 6.95
C316 POV O . -22.90 -30.41 13.82
C217 POV O . -14.76 -12.85 7.26
C218 POV O . -13.47 -12.43 6.56
C21 POV O . -27.79 -16.54 12.25
O21 POV O . -28.47 -15.88 13.30
C22 POV O . -27.24 -15.68 11.08
O22 POV O . -27.61 -17.71 12.26
C23 POV O . -26.00 -16.29 10.44
C24 POV O . -26.41 -17.37 9.43
C25 POV O . -25.21 -18.31 9.16
C26 POV O . -24.21 -17.64 8.22
C27 POV O . -23.37 -18.75 7.56
C28 POV O . -22.18 -18.15 6.81
C29 POV O . -21.31 -19.29 6.27
C31 POV O . -29.95 -19.00 15.78
O31 POV O . -29.10 -17.96 16.19
C32 POV O . -29.37 -20.34 15.34
O32 POV O . -31.11 -18.82 15.76
C33 POV O . -29.19 -21.30 16.54
C34 POV O . -29.11 -22.75 16.01
C35 POV O . -28.33 -23.66 16.99
C36 POV O . -26.94 -23.97 16.39
C37 POV O . -26.02 -24.64 17.45
C38 POV O . -24.72 -23.83 17.59
C39 POV O . -23.84 -24.42 18.71
H29 POV O . -21.65 -20.15 6.29
H1 POV O . -30.79 -16.33 15.51
H1A POV O . -30.96 -15.50 14.19
H2 POV O . -29.72 -17.36 13.60
H3 POV O . -27.82 -18.00 14.73
H3A POV O . -27.81 -16.66 15.55
H310 POV O . -21.86 -24.98 18.62
H31A POV O . -22.56 -25.17 17.24
H210 POV O . -19.59 -19.81 5.47
H11 POV O . -30.30 -11.86 12.50
H11A POV O . -28.90 -11.49 12.72
H211 POV O . -19.52 -17.30 6.62
H21A POV O . -19.96 -17.16 5.11
H311 POV O . -23.67 -26.99 18.94
H31B POV O . -22.09 -27.09 19.02
H12 POV O . -28.51 -13.20 10.82
H12A POV O . -29.95 -12.89 10.53
H22 POV O . -27.93 -15.56 10.40
H212 POV O . -17.51 -18.29 5.97
H22A POV O . -26.97 -14.83 11.42
H21B POV O . -17.96 -18.25 4.45
H32 POV O . -29.97 -20.75 14.71
H312 POV O . -21.96 -27.45 16.72
H32A POV O . -28.51 -20.21 14.92
H31C POV O . -23.52 -27.23 16.60
H13 POV O . -26.73 -11.79 10.39
H13A POV O . -27.16 -10.95 11.56
H13B POV O . -26.90 -10.22 10.29
H23 POV O . -25.45 -16.67 11.14
H213 POV O . -16.64 -16.44 4.61
H23A POV O . -25.51 -15.60 9.98
H21C POV O . -18.07 -15.80 4.80
H33 POV O . -29.96 -21.22 17.13
H313 POV O . -22.18 -29.45 17.72
H33A POV O . -28.39 -21.07 17.01
H31D POV O . -23.69 -29.17 18.13
H14 POV O . -30.30 -10.20 10.92
H14A POV O . -30.56 -10.79 9.50
H14B POV O . -29.73 -9.55 9.71
H24 POV O . -27.14 -17.88 9.81
H214 POV O . -17.75 -15.93 7.15
H24A POV O . -26.70 -16.95 8.62
H21D POV O . -16.29 -16.45 6.89
H34 POV O . -28.64 -22.74 15.15
H314 POV O . -24.20 -29.25 15.74
H34A POV O . -30.00 -23.10 15.88
H31E POV O . -23.88 -30.64 16.44
H15 POV O . -28.06 -10.46 8.31
H15A POV O . -29.07 -11.53 7.93
H15B POV O . -27.47 -11.73 8.30
H25 POV O . -24.78 -18.52 9.99
H215 POV O . -16.59 -14.14 5.54
H25A POV O . -25.52 -19.12 8.74
H21E POV O . -17.11 -13.88 7.01
H35 POV O . -28.24 -23.22 17.84
H315 POV O . -21.77 -30.72 15.52
H35A POV O . -28.82 -24.49 17.11
H31F POV O . -21.82 -29.20 15.11
H26 POV O . -23.62 -17.06 8.72
H216 POV O . -14.96 -14.83 7.75
H26A POV O . -24.67 -17.14 7.55
H21F POV O . -14.49 -14.63 6.26
H36 POV O . -26.52 -23.15 16.09
H316 POV O . -23.80 -30.77 13.93
H36A POV O . -27.03 -24.57 15.64
H31G POV O . -22.33 -31.08 13.42
H31H POV O . -22.94 -29.63 13.25
H27 POV O . -23.06 -19.35 8.25
H217 POV O . -14.66 -12.74 8.21
H27A POV O . -23.93 -19.24 6.96
H21G POV O . -15.49 -12.28 6.95
H37 POV O . -25.80 -25.54 17.17
H37A POV O . -26.48 -24.68 18.30
H28 POV O . -21.68 -17.59 7.42
H218 POV O . -13.58 -12.53 5.60
H28A POV O . -22.50 -17.61 6.07
H21H POV O . -13.28 -11.50 6.76
H21J POV O . -12.74 -12.99 6.86
H38 POV O . -24.27 -23.82 16.74
H38A POV O . -24.95 -22.93 17.83
H39 POV O . -23.46 -23.68 19.21
H39A POV O . -24.40 -24.92 19.32
N POV P . -13.93 -7.62 28.25
P POV P . -11.94 -7.35 33.02
C1 POV P . -11.31 -9.60 34.21
C2 POV P . -10.56 -10.61 33.34
C3 POV P . -9.09 -10.67 33.76
C210 POV P . -6.78 -15.84 22.46
C310 POV P . -0.44 -15.97 35.06
C11 POV P . -13.03 -7.43 30.69
O11 POV P . -10.89 -8.29 33.92
C211 POV P . -6.77 -14.59 21.61
C311 POV P . 0.07 -17.20 35.85
C12 POV P . -13.50 -8.35 29.51
O12 POV P . -12.10 -8.04 31.53
C212 POV P . -5.79 -14.76 20.45
C312 POV P . -0.34 -18.48 35.12
C13 POV P . -12.62 -7.03 27.76
O13 POV P . -13.29 -7.36 33.70
C213 POV P . -5.84 -13.53 19.55
C313 POV P . 0.12 -19.70 35.93
C14 POV P . -15.15 -6.90 28.72
O14 POV P . -11.43 -5.93 32.93
C214 POV P . -4.97 -12.43 20.13
C314 POV P . -0.69 -20.95 35.53
C15 POV P . -14.41 -8.28 26.97
C215 POV P . -5.12 -11.15 19.32
C315 POV P . -0.19 -21.51 34.18
C216 POV P . -3.76 -10.70 18.76
C316 POV P . -1.20 -22.52 33.64
C217 POV P . -3.83 -9.25 18.32
C218 POV P . -3.29 -9.10 16.90
C21 POV P . -10.39 -11.22 31.01
O21 POV P . -10.61 -10.22 31.99
C22 POV P . -10.84 -10.95 29.55
O22 POV P . -9.87 -12.26 31.29
C23 POV P . -9.97 -11.69 28.53
C24 POV P . -10.48 -13.13 28.39
C25 POV P . -9.36 -14.00 27.76
C26 POV P . -9.27 -13.76 26.26
C27 POV P . -8.58 -14.99 25.64
C28 POV P . -8.22 -14.70 24.17
C29 POV P . -7.43 -15.90 23.63
C31 POV P . -9.49 -11.98 35.68
O31 POV P . -8.93 -10.82 35.14
C32 POV P . -8.83 -13.34 35.44
O32 POV P . -10.49 -11.92 36.32
C33 POV P . -7.76 -13.64 36.51
C34 POV P . -7.49 -15.16 36.53
C35 POV P . -6.07 -15.48 37.08
C36 POV P . -5.18 -15.92 35.90
C37 POV P . -3.69 -15.98 36.34
C38 POV P . -2.84 -15.10 35.40
C39 POV P . -1.37 -15.05 35.86
H29 POV P . -7.42 -16.68 24.11
H1 POV P . -11.17 -9.79 35.14
H1A POV P . -12.25 -9.66 34.01
H2 POV P . -10.95 -11.48 33.43
H3 POV P . -8.67 -11.41 33.31
H3A POV P . -8.66 -9.85 33.48
H310 POV P . 0.33 -15.44 34.79
H31A POV P . -0.88 -16.29 34.26
H210 POV P . -6.31 -16.60 22.16
H11 POV P . -13.77 -7.14 31.21
H11A POV P . -12.67 -6.60 30.41
H211 POV P . -6.48 -13.84 22.15
H21A POV P . -7.65 -14.42 21.28
H311 POV P . -0.29 -17.22 36.75
H31B POV P . 1.04 -17.16 35.89
H12 POV P . -12.79 -8.96 29.34
H12A POV P . -14.19 -8.91 29.89
H22 POV P . -11.77 -11.19 29.44
H212 POV P . -4.90 -14.87 20.79
H22A POV P . -10.72 -10.02 29.37
H21B POV P . -6.05 -15.55 19.94
H32 POV P . -9.50 -14.03 35.47
H312 POV P . 0.07 -18.50 34.24
H32A POV P . -8.40 -13.34 34.57
H31C POV P . -1.31 -18.49 35.03
H13 POV P . -12.05 -7.75 27.49
H13A POV P . -12.06 -6.52 28.35
H13B POV P . -12.74 -6.42 27.03
H23 POV P . -9.07 -11.67 28.83
H213 POV P . -5.51 -13.77 18.67
H23A POV P . -10.06 -11.24 27.67
H21C POV P . -6.76 -13.22 19.47
H33 POV P . -8.10 -13.36 37.38
H313 POV P . 1.06 -19.86 35.74
H33A POV P . -6.95 -13.16 36.30
H31D POV P . -0.01 -19.53 36.88
H14 POV P . -15.12 -6.36 29.53
H14A POV P . -15.87 -7.55 28.84
H14B POV P . -15.51 -6.29 28.09
H24 POV P . -10.69 -13.47 29.27
H214 POV P . -5.24 -12.25 21.04
H24A POV P . -11.27 -13.15 27.83
H21D POV P . -4.05 -12.73 20.13
H34 POV P . -7.57 -15.51 35.63
H314 POV P . -1.62 -20.72 35.46
H34A POV P . -8.15 -15.60 37.10
H31E POV P . -0.57 -21.61 36.22
H15 POV P . -14.61 -7.60 26.36
H15A POV P . -15.25 -8.80 27.03
H15B POV P . -13.73 -8.70 26.40
H25 POV P . -8.52 -13.79 28.18
H215 POV P . -5.73 -11.30 18.58
H25A POV P . -9.56 -14.94 27.91
H21E POV P . -5.48 -10.45 19.89
H35 POV P . -5.70 -14.69 37.50
H315 POV P . 0.66 -21.95 34.31
H35A POV P . -6.14 -16.20 37.73
H31F POV P . -0.08 -20.79 33.55
H26 POV P . -8.73 -12.97 26.09
H216 POV P . -3.07 -10.80 19.43
H26A POV P . -10.14 -13.64 25.88
H21F POV P . -3.53 -11.26 18.00
H36 POV P . -5.27 -15.30 35.17
H316 POV P . -1.75 -22.85 34.37
H36A POV P . -5.45 -16.80 35.60
H31G POV P . -0.74 -23.25 33.23
H31H POV P . -1.78 -22.07 32.99
H27 POV P . -7.78 -15.18 26.13
H217 POV P . -3.28 -8.71 18.92
H27A POV P . -9.18 -15.73 25.69
H21G POV P . -4.74 -8.93 18.36
H37 POV P . -3.37 -16.89 36.28
H37A POV P . -3.60 -15.65 37.24
H28 POV P . -7.69 -13.89 24.13
H218 POV P . -3.83 -9.62 16.29
H28A POV P . -9.03 -14.58 23.65
H21H POV P . -3.33 -8.16 16.63
H21J POV P . -2.37 -9.40 16.86
H38 POV P . -2.92 -15.43 34.49
H38A POV P . -3.20 -14.20 35.41
H39 POV P . -1.06 -14.14 35.76
H39A POV P . -1.35 -15.26 36.81
#